data_1SK7
# 
_entry.id   1SK7 
# 
_audit_conform.dict_name       mmcif_pdbx.dic 
_audit_conform.dict_version    5.376 
_audit_conform.dict_location   http://mmcif.pdb.org/dictionaries/ascii/mmcif_pdbx.dic 
# 
loop_
_database_2.database_id 
_database_2.database_code 
_database_2.pdbx_database_accession 
_database_2.pdbx_DOI 
PDB   1SK7         pdb_00001sk7 10.2210/pdb1sk7/pdb 
RCSB  RCSB021783   ?            ?                   
WWPDB D_1000021783 ?            ?                   
# 
_pdbx_database_status.status_code                     REL 
_pdbx_database_status.entry_id                        1SK7 
_pdbx_database_status.recvd_initial_deposition_date   2004-03-04 
_pdbx_database_status.deposit_site                    RCSB 
_pdbx_database_status.process_site                    RCSB 
_pdbx_database_status.SG_entry                        . 
_pdbx_database_status.pdb_format_compatible           Y 
_pdbx_database_status.status_code_mr                  ? 
_pdbx_database_status.status_code_sf                  ? 
_pdbx_database_status.status_code_cs                  ? 
_pdbx_database_status.status_code_nmr_data            ? 
_pdbx_database_status.methods_development_category    ? 
# 
loop_
_audit_author.name 
_audit_author.pdbx_ordinal 
'Friedman, J.' 1 
'Lad, L.'      2 
'Li, H.'       3 
'Wilks, A.'    4 
'Poulos, T.L.' 5 
# 
_citation.id                        primary 
_citation.title                     
'Structural basis for novel delta-regioselective heme oxygenation in the opportunistic pathogen Pseudomonas aeruginosa' 
_citation.journal_abbrev            Biochemistry 
_citation.journal_volume            43 
_citation.page_first                5239 
_citation.page_last                 5245 
_citation.year                      2004 
_citation.journal_id_ASTM           BICHAW 
_citation.country                   US 
_citation.journal_id_ISSN           0006-2960 
_citation.journal_id_CSD            0033 
_citation.book_publisher            ? 
_citation.pdbx_database_id_PubMed   15122889 
_citation.pdbx_database_id_DOI      10.1021/bi049687g 
# 
loop_
_citation_author.citation_id 
_citation_author.name 
_citation_author.ordinal 
_citation_author.identifier_ORCID 
primary 'Friedman, J.' 1 ? 
primary 'Lad, L.'      2 ? 
primary 'Li, H.'       3 ? 
primary 'Wilks, A.'    4 ? 
primary 'Poulos, T.L.' 5 ? 
# 
_cell.entry_id           1SK7 
_cell.length_a           86.034 
_cell.length_b           51.798 
_cell.length_c           63.916 
_cell.angle_alpha        90.00 
_cell.angle_beta         131.04 
_cell.angle_gamma        90.00 
_cell.Z_PDB              4 
_cell.pdbx_unique_axis   ? 
# 
_symmetry.entry_id                         1SK7 
_symmetry.space_group_name_H-M             'C 1 2 1' 
_symmetry.pdbx_full_space_group_name_H-M   ? 
_symmetry.cell_setting                     ? 
_symmetry.Int_Tables_number                5 
_symmetry.space_group_name_Hall            ? 
# 
loop_
_entity.id 
_entity.type 
_entity.src_method 
_entity.pdbx_description 
_entity.formula_weight 
_entity.pdbx_number_of_molecules 
_entity.pdbx_ec 
_entity.pdbx_mutation 
_entity.pdbx_fragment 
_entity.details 
1 polymer     man 'hypothetical protein pa-HO'      21981.484 1   1.14.99.3 ? ? ? 
2 non-polymer syn 'SULFATE ION'                     96.063    1   ?         ? ? ? 
3 non-polymer syn 'PROTOPORPHYRIN IX CONTAINING FE' 616.487   1   ?         ? ? ? 
4 water       nat water                             18.015    158 ?         ? ? ? 
# 
_entity_poly.entity_id                      1 
_entity_poly.type                           'polypeptide(L)' 
_entity_poly.nstd_linkage                   no 
_entity_poly.nstd_monomer                   no 
_entity_poly.pdbx_seq_one_letter_code       
;MDTLAPESTRQNLRSQRLNLLTNEPHQRLESLVKSKEPFASRDNFARFVAAQYLFQHDLEPLYRNEALARLFPGLASRAR
DDAARADLADLGHPVPEGDQSVREADLSLAEALGWLFVSEGSKLGAAFLFKKAAALELDENFGARHLAEPEGGRAQGWKS
FVAILDGIELNEEEERLAAKGASDAFNRFGDLLERTFA
;
_entity_poly.pdbx_seq_one_letter_code_can   
;MDTLAPESTRQNLRSQRLNLLTNEPHQRLESLVKSKEPFASRDNFARFVAAQYLFQHDLEPLYRNEALARLFPGLASRAR
DDAARADLADLGHPVPEGDQSVREADLSLAEALGWLFVSEGSKLGAAFLFKKAAALELDENFGARHLAEPEGGRAQGWKS
FVAILDGIELNEEEERLAAKGASDAFNRFGDLLERTFA
;
_entity_poly.pdbx_strand_id                 A 
_entity_poly.pdbx_target_identifier         ? 
# 
loop_
_entity_poly_seq.entity_id 
_entity_poly_seq.num 
_entity_poly_seq.mon_id 
_entity_poly_seq.hetero 
1 1   MET n 
1 2   ASP n 
1 3   THR n 
1 4   LEU n 
1 5   ALA n 
1 6   PRO n 
1 7   GLU n 
1 8   SER n 
1 9   THR n 
1 10  ARG n 
1 11  GLN n 
1 12  ASN n 
1 13  LEU n 
1 14  ARG n 
1 15  SER n 
1 16  GLN n 
1 17  ARG n 
1 18  LEU n 
1 19  ASN n 
1 20  LEU n 
1 21  LEU n 
1 22  THR n 
1 23  ASN n 
1 24  GLU n 
1 25  PRO n 
1 26  HIS n 
1 27  GLN n 
1 28  ARG n 
1 29  LEU n 
1 30  GLU n 
1 31  SER n 
1 32  LEU n 
1 33  VAL n 
1 34  LYS n 
1 35  SER n 
1 36  LYS n 
1 37  GLU n 
1 38  PRO n 
1 39  PHE n 
1 40  ALA n 
1 41  SER n 
1 42  ARG n 
1 43  ASP n 
1 44  ASN n 
1 45  PHE n 
1 46  ALA n 
1 47  ARG n 
1 48  PHE n 
1 49  VAL n 
1 50  ALA n 
1 51  ALA n 
1 52  GLN n 
1 53  TYR n 
1 54  LEU n 
1 55  PHE n 
1 56  GLN n 
1 57  HIS n 
1 58  ASP n 
1 59  LEU n 
1 60  GLU n 
1 61  PRO n 
1 62  LEU n 
1 63  TYR n 
1 64  ARG n 
1 65  ASN n 
1 66  GLU n 
1 67  ALA n 
1 68  LEU n 
1 69  ALA n 
1 70  ARG n 
1 71  LEU n 
1 72  PHE n 
1 73  PRO n 
1 74  GLY n 
1 75  LEU n 
1 76  ALA n 
1 77  SER n 
1 78  ARG n 
1 79  ALA n 
1 80  ARG n 
1 81  ASP n 
1 82  ASP n 
1 83  ALA n 
1 84  ALA n 
1 85  ARG n 
1 86  ALA n 
1 87  ASP n 
1 88  LEU n 
1 89  ALA n 
1 90  ASP n 
1 91  LEU n 
1 92  GLY n 
1 93  HIS n 
1 94  PRO n 
1 95  VAL n 
1 96  PRO n 
1 97  GLU n 
1 98  GLY n 
1 99  ASP n 
1 100 GLN n 
1 101 SER n 
1 102 VAL n 
1 103 ARG n 
1 104 GLU n 
1 105 ALA n 
1 106 ASP n 
1 107 LEU n 
1 108 SER n 
1 109 LEU n 
1 110 ALA n 
1 111 GLU n 
1 112 ALA n 
1 113 LEU n 
1 114 GLY n 
1 115 TRP n 
1 116 LEU n 
1 117 PHE n 
1 118 VAL n 
1 119 SER n 
1 120 GLU n 
1 121 GLY n 
1 122 SER n 
1 123 LYS n 
1 124 LEU n 
1 125 GLY n 
1 126 ALA n 
1 127 ALA n 
1 128 PHE n 
1 129 LEU n 
1 130 PHE n 
1 131 LYS n 
1 132 LYS n 
1 133 ALA n 
1 134 ALA n 
1 135 ALA n 
1 136 LEU n 
1 137 GLU n 
1 138 LEU n 
1 139 ASP n 
1 140 GLU n 
1 141 ASN n 
1 142 PHE n 
1 143 GLY n 
1 144 ALA n 
1 145 ARG n 
1 146 HIS n 
1 147 LEU n 
1 148 ALA n 
1 149 GLU n 
1 150 PRO n 
1 151 GLU n 
1 152 GLY n 
1 153 GLY n 
1 154 ARG n 
1 155 ALA n 
1 156 GLN n 
1 157 GLY n 
1 158 TRP n 
1 159 LYS n 
1 160 SER n 
1 161 PHE n 
1 162 VAL n 
1 163 ALA n 
1 164 ILE n 
1 165 LEU n 
1 166 ASP n 
1 167 GLY n 
1 168 ILE n 
1 169 GLU n 
1 170 LEU n 
1 171 ASN n 
1 172 GLU n 
1 173 GLU n 
1 174 GLU n 
1 175 GLU n 
1 176 ARG n 
1 177 LEU n 
1 178 ALA n 
1 179 ALA n 
1 180 LYS n 
1 181 GLY n 
1 182 ALA n 
1 183 SER n 
1 184 ASP n 
1 185 ALA n 
1 186 PHE n 
1 187 ASN n 
1 188 ARG n 
1 189 PHE n 
1 190 GLY n 
1 191 ASP n 
1 192 LEU n 
1 193 LEU n 
1 194 GLU n 
1 195 ARG n 
1 196 THR n 
1 197 PHE n 
1 198 ALA n 
# 
_entity_src_gen.entity_id                          1 
_entity_src_gen.pdbx_src_id                        1 
_entity_src_gen.pdbx_alt_source_flag               sample 
_entity_src_gen.pdbx_seq_type                      ? 
_entity_src_gen.pdbx_beg_seq_num                   ? 
_entity_src_gen.pdbx_end_seq_num                   ? 
_entity_src_gen.gene_src_common_name               ? 
_entity_src_gen.gene_src_genus                     Pseudomonas 
_entity_src_gen.pdbx_gene_src_gene                 pigA 
_entity_src_gen.gene_src_species                   ? 
_entity_src_gen.gene_src_strain                    ? 
_entity_src_gen.gene_src_tissue                    ? 
_entity_src_gen.gene_src_tissue_fraction           ? 
_entity_src_gen.gene_src_details                   ? 
_entity_src_gen.pdbx_gene_src_fragment             ? 
_entity_src_gen.pdbx_gene_src_scientific_name      'Pseudomonas aeruginosa' 
_entity_src_gen.pdbx_gene_src_ncbi_taxonomy_id     287 
_entity_src_gen.pdbx_gene_src_variant              ? 
_entity_src_gen.pdbx_gene_src_cell_line            ? 
_entity_src_gen.pdbx_gene_src_atcc                 ? 
_entity_src_gen.pdbx_gene_src_organ                ? 
_entity_src_gen.pdbx_gene_src_organelle            ? 
_entity_src_gen.pdbx_gene_src_cell                 ? 
_entity_src_gen.pdbx_gene_src_cellular_location    ? 
_entity_src_gen.host_org_common_name               ? 
_entity_src_gen.pdbx_host_org_scientific_name      'Escherichia coli BL21(DE3)' 
_entity_src_gen.pdbx_host_org_ncbi_taxonomy_id     469008 
_entity_src_gen.host_org_genus                     Escherichia 
_entity_src_gen.pdbx_host_org_gene                 ? 
_entity_src_gen.pdbx_host_org_organ                ? 
_entity_src_gen.host_org_species                   'Escherichia coli' 
_entity_src_gen.pdbx_host_org_tissue               ? 
_entity_src_gen.pdbx_host_org_tissue_fraction      ? 
_entity_src_gen.pdbx_host_org_strain               'BL21(DE3)' 
_entity_src_gen.pdbx_host_org_variant              ? 
_entity_src_gen.pdbx_host_org_cell_line            ? 
_entity_src_gen.pdbx_host_org_atcc                 ? 
_entity_src_gen.pdbx_host_org_culture_collection   ? 
_entity_src_gen.pdbx_host_org_cell                 ? 
_entity_src_gen.pdbx_host_org_organelle            ? 
_entity_src_gen.pdbx_host_org_cellular_location    ? 
_entity_src_gen.pdbx_host_org_vector_type          plasmid 
_entity_src_gen.pdbx_host_org_vector               ? 
_entity_src_gen.host_org_details                   ? 
_entity_src_gen.expression_system_id               ? 
_entity_src_gen.plasmid_name                       pWMZ1656 
_entity_src_gen.plasmid_details                    ? 
_entity_src_gen.pdbx_description                   ? 
# 
_struct_ref.id                         1 
_struct_ref.db_name                    UNP 
_struct_ref.db_code                    O69002_PSEAE 
_struct_ref.pdbx_db_accession          O69002 
_struct_ref.entity_id                  1 
_struct_ref.pdbx_seq_one_letter_code   
;MDTLAPESTRQNLRSQRLNLLTNEPHQRLESLVKSKEPFASRDNFARFVAAQYLFQHDLEPLYRNEALARLFPGLASRAR
DDAARADLADLGHPVPEGDQSVREADLSLAEALGWLFVSEGSKLGAAFLFKKAAALELDENFGARHLAEPEGGRAQGWKS
FVAILDGIELNEEEERLAAKGASDAFNRFGDLLERTFA
;
_struct_ref.pdbx_align_begin           1 
_struct_ref.pdbx_db_isoform            ? 
# 
_struct_ref_seq.align_id                      1 
_struct_ref_seq.ref_id                        1 
_struct_ref_seq.pdbx_PDB_id_code              1SK7 
_struct_ref_seq.pdbx_strand_id                A 
_struct_ref_seq.seq_align_beg                 1 
_struct_ref_seq.pdbx_seq_align_beg_ins_code   ? 
_struct_ref_seq.seq_align_end                 198 
_struct_ref_seq.pdbx_seq_align_end_ins_code   ? 
_struct_ref_seq.pdbx_db_accession             O69002 
_struct_ref_seq.db_align_beg                  1 
_struct_ref_seq.pdbx_db_align_beg_ins_code    ? 
_struct_ref_seq.db_align_end                  198 
_struct_ref_seq.pdbx_db_align_end_ins_code    ? 
_struct_ref_seq.pdbx_auth_seq_align_beg       1 
_struct_ref_seq.pdbx_auth_seq_align_end       198 
# 
loop_
_chem_comp.id 
_chem_comp.type 
_chem_comp.mon_nstd_flag 
_chem_comp.name 
_chem_comp.pdbx_synonyms 
_chem_comp.formula 
_chem_comp.formula_weight 
ALA 'L-peptide linking' y ALANINE                           ?    'C3 H7 N O2'       89.093  
ARG 'L-peptide linking' y ARGININE                          ?    'C6 H15 N4 O2 1'   175.209 
ASN 'L-peptide linking' y ASPARAGINE                        ?    'C4 H8 N2 O3'      132.118 
ASP 'L-peptide linking' y 'ASPARTIC ACID'                   ?    'C4 H7 N O4'       133.103 
GLN 'L-peptide linking' y GLUTAMINE                         ?    'C5 H10 N2 O3'     146.144 
GLU 'L-peptide linking' y 'GLUTAMIC ACID'                   ?    'C5 H9 N O4'       147.129 
GLY 'peptide linking'   y GLYCINE                           ?    'C2 H5 N O2'       75.067  
HEM non-polymer         . 'PROTOPORPHYRIN IX CONTAINING FE' HEME 'C34 H32 Fe N4 O4' 616.487 
HIS 'L-peptide linking' y HISTIDINE                         ?    'C6 H10 N3 O2 1'   156.162 
HOH non-polymer         . WATER                             ?    'H2 O'             18.015  
ILE 'L-peptide linking' y ISOLEUCINE                        ?    'C6 H13 N O2'      131.173 
LEU 'L-peptide linking' y LEUCINE                           ?    'C6 H13 N O2'      131.173 
LYS 'L-peptide linking' y LYSINE                            ?    'C6 H15 N2 O2 1'   147.195 
MET 'L-peptide linking' y METHIONINE                        ?    'C5 H11 N O2 S'    149.211 
PHE 'L-peptide linking' y PHENYLALANINE                     ?    'C9 H11 N O2'      165.189 
PRO 'L-peptide linking' y PROLINE                           ?    'C5 H9 N O2'       115.130 
SER 'L-peptide linking' y SERINE                            ?    'C3 H7 N O3'       105.093 
SO4 non-polymer         . 'SULFATE ION'                     ?    'O4 S -2'          96.063  
THR 'L-peptide linking' y THREONINE                         ?    'C4 H9 N O3'       119.119 
TRP 'L-peptide linking' y TRYPTOPHAN                        ?    'C11 H12 N2 O2'    204.225 
TYR 'L-peptide linking' y TYROSINE                          ?    'C9 H11 N O3'      181.189 
VAL 'L-peptide linking' y VALINE                            ?    'C5 H11 N O2'      117.146 
# 
_exptl.entry_id          1SK7 
_exptl.method            'X-RAY DIFFRACTION' 
_exptl.crystals_number   1 
# 
_exptl_crystal.id                    1 
_exptl_crystal.density_meas          ? 
_exptl_crystal.density_percent_sol   49.64 
_exptl_crystal.description           ? 
_exptl_crystal.density_Matthews      2.44 
_exptl_crystal.F_000                 ? 
_exptl_crystal.preparation           ? 
# 
_exptl_crystal_grow.crystal_id      1 
_exptl_crystal_grow.method          'VAPOR DIFFUSION, SITTING DROP' 
_exptl_crystal_grow.temp            295 
_exptl_crystal_grow.temp_details    ? 
_exptl_crystal_grow.pH              8.5 
_exptl_crystal_grow.pdbx_details    
'ammonium sulfate, tris-HCl, jeffamine 600, pH 8.5, VAPOR DIFFUSION, SITTING DROP, temperature 295K' 
_exptl_crystal_grow.pdbx_pH_range   . 
# 
_diffrn.id                     1 
_diffrn.ambient_temp           119 
_diffrn.ambient_temp_details   ? 
_diffrn.crystal_id             1 
# 
_diffrn_detector.diffrn_id              1 
_diffrn_detector.detector               CCD 
_diffrn_detector.type                   'ADSC QUANTUM 4' 
_diffrn_detector.pdbx_collection_date   2003-06-12 
_diffrn_detector.details                ? 
# 
_diffrn_radiation.diffrn_id                        1 
_diffrn_radiation.wavelength_id                    1 
_diffrn_radiation.pdbx_monochromatic_or_laue_m_l   M 
_diffrn_radiation.monochromator                    ? 
_diffrn_radiation.pdbx_diffrn_protocol             'SINGLE WAVELENGTH' 
_diffrn_radiation.pdbx_scattering_type             x-ray 
# 
_diffrn_radiation_wavelength.id           1 
_diffrn_radiation_wavelength.wavelength   1.0 
_diffrn_radiation_wavelength.wt           1.0 
# 
_diffrn_source.diffrn_id                   1 
_diffrn_source.source                      SYNCHROTRON 
_diffrn_source.type                        'ALS BEAMLINE 5.0.1' 
_diffrn_source.pdbx_synchrotron_site       ALS 
_diffrn_source.pdbx_synchrotron_beamline   5.0.1 
_diffrn_source.pdbx_wavelength             ? 
_diffrn_source.pdbx_wavelength_list        1.0 
# 
_reflns.entry_id                     1SK7 
_reflns.observed_criterion_sigma_F   2.0 
_reflns.observed_criterion_sigma_I   2.0 
_reflns.d_resolution_high            1.60 
_reflns.d_resolution_low             50.0 
_reflns.number_all                   31367 
_reflns.number_obs                   30788 
_reflns.percent_possible_obs         98.1 
_reflns.pdbx_Rmerge_I_obs            0.053 
_reflns.pdbx_Rsym_value              0.05 
_reflns.pdbx_netI_over_sigmaI        ? 
_reflns.B_iso_Wilson_estimate        ? 
_reflns.pdbx_redundancy              ? 
_reflns.R_free_details               ? 
_reflns.limit_h_max                  ? 
_reflns.limit_h_min                  ? 
_reflns.limit_k_max                  ? 
_reflns.limit_k_min                  ? 
_reflns.limit_l_max                  ? 
_reflns.limit_l_min                  ? 
_reflns.observed_criterion_F_max     ? 
_reflns.observed_criterion_F_min     ? 
_reflns.pdbx_chi_squared             ? 
_reflns.pdbx_scaling_rejects         ? 
_reflns.pdbx_diffrn_id               1 
_reflns.pdbx_ordinal                 1 
# 
_reflns_shell.d_res_high             1.6 
_reflns_shell.d_res_low              1.61 
_reflns_shell.percent_possible_all   97.2 
_reflns_shell.Rmerge_I_obs           0.364 
_reflns_shell.pdbx_Rsym_value        0.41 
_reflns_shell.meanI_over_sigI_obs    2.3 
_reflns_shell.pdbx_redundancy        ? 
_reflns_shell.percent_possible_obs   ? 
_reflns_shell.number_unique_all      ? 
_reflns_shell.number_measured_all    ? 
_reflns_shell.number_measured_obs    ? 
_reflns_shell.number_unique_obs      ? 
_reflns_shell.pdbx_chi_squared       ? 
_reflns_shell.pdbx_diffrn_id         ? 
_reflns_shell.pdbx_ordinal           1 
# 
_refine.entry_id                                 1SK7 
_refine.ls_d_res_high                            1.60 
_refine.ls_d_res_low                             50.0 
_refine.pdbx_ls_sigma_F                          0.0 
_refine.pdbx_ls_sigma_I                          0.0 
_refine.ls_number_reflns_all                     31367 
_refine.ls_number_reflns_obs                     30788 
_refine.ls_number_reflns_R_free                  1539 
_refine.ls_percent_reflns_obs                    97.2 
_refine.ls_R_factor_all                          0.235 
_refine.ls_R_factor_obs                          0.273 
_refine.ls_R_factor_R_work                       0.235 
_refine.ls_R_factor_R_free                       0.273 
_refine.ls_redundancy_reflns_obs                 ? 
_refine.pdbx_data_cutoff_high_absF               ? 
_refine.pdbx_data_cutoff_low_absF                ? 
_refine.ls_number_parameters                     ? 
_refine.ls_number_restraints                     ? 
_refine.ls_percent_reflns_R_free                 ? 
_refine.ls_R_factor_R_free_error                 ? 
_refine.ls_R_factor_R_free_error_details         ? 
_refine.pdbx_method_to_determine_struct          'MOLECULAR REPLACEMENT' 
_refine.pdbx_starting_model                      'PDB ENTRY 1J77' 
_refine.pdbx_ls_cross_valid_method               THROUGHOUT 
_refine.pdbx_R_Free_selection_details            random 
_refine.pdbx_stereochem_target_val_spec_case     ? 
_refine.pdbx_stereochemistry_target_values       'Engh & Huber' 
_refine.solvent_model_details                    ? 
_refine.solvent_model_param_bsol                 ? 
_refine.solvent_model_param_ksol                 ? 
_refine.occupancy_max                            ? 
_refine.occupancy_min                            ? 
_refine.pdbx_isotropic_thermal_model             isotropic 
_refine.B_iso_mean                               ? 
_refine.aniso_B[1][1]                            ? 
_refine.aniso_B[1][2]                            ? 
_refine.aniso_B[1][3]                            ? 
_refine.aniso_B[2][2]                            ? 
_refine.aniso_B[2][3]                            ? 
_refine.aniso_B[3][3]                            ? 
_refine.details                                  ? 
_refine.B_iso_min                                ? 
_refine.B_iso_max                                ? 
_refine.correlation_coeff_Fo_to_Fc               ? 
_refine.correlation_coeff_Fo_to_Fc_free          ? 
_refine.pdbx_solvent_vdw_probe_radii             ? 
_refine.pdbx_solvent_ion_probe_radii             ? 
_refine.pdbx_solvent_shrinkage_radii             ? 
_refine.overall_SU_R_Cruickshank_DPI             ? 
_refine.overall_SU_R_free                        ? 
_refine.overall_SU_B                             ? 
_refine.overall_SU_ML                            ? 
_refine.pdbx_overall_ESU_R                       ? 
_refine.pdbx_overall_ESU_R_Free                  ? 
_refine.pdbx_data_cutoff_high_rms_absF           ? 
_refine.ls_wR_factor_R_free                      ? 
_refine.ls_wR_factor_R_work                      ? 
_refine.overall_FOM_free_R_set                   ? 
_refine.overall_FOM_work_R_set                   ? 
_refine.pdbx_refine_id                           'X-RAY DIFFRACTION' 
_refine.pdbx_diffrn_id                           1 
_refine.pdbx_TLS_residual_ADP_flag               ? 
_refine.pdbx_overall_phase_error                 ? 
_refine.pdbx_overall_SU_R_free_Cruickshank_DPI   ? 
_refine.pdbx_overall_SU_R_Blow_DPI               ? 
_refine.pdbx_overall_SU_R_free_Blow_DPI          ? 
# 
_refine_hist.pdbx_refine_id                   'X-RAY DIFFRACTION' 
_refine_hist.cycle_id                         LAST 
_refine_hist.pdbx_number_atoms_protein        1468 
_refine_hist.pdbx_number_atoms_nucleic_acid   0 
_refine_hist.pdbx_number_atoms_ligand         48 
_refine_hist.number_atoms_solvent             158 
_refine_hist.number_atoms_total               1674 
_refine_hist.d_res_high                       1.60 
_refine_hist.d_res_low                        50.0 
# 
loop_
_refine_ls_restr.type 
_refine_ls_restr.dev_ideal 
_refine_ls_restr.dev_ideal_target 
_refine_ls_restr.weight 
_refine_ls_restr.number 
_refine_ls_restr.pdbx_refine_id 
_refine_ls_restr.pdbx_restraint_function 
o_bond_d    0.010 ? ? ? 'X-RAY DIFFRACTION' ? 
o_angle_deg 1.322 ? ? ? 'X-RAY DIFFRACTION' ? 
# 
_struct.entry_id                  1SK7 
_struct.title                     
'Structural Basis for Novel Delta-Regioselective Heme Oxygenation in the Opportunistic Pathogen Pseudomonas aeruginosa' 
_struct.pdbx_model_details        ? 
_struct.pdbx_CASP_flag            ? 
_struct.pdbx_model_type_details   ? 
# 
_struct_keywords.entry_id        1SK7 
_struct_keywords.pdbx_keywords   OXIDOREDUCTASE 
_struct_keywords.text            'heme oxygenase, heme degradation, regioselectivity, OXIDOREDUCTASE' 
# 
loop_
_struct_asym.id 
_struct_asym.pdbx_blank_PDB_chainid_flag 
_struct_asym.pdbx_modified 
_struct_asym.entity_id 
_struct_asym.details 
A N N 1 ? 
B N N 2 ? 
C N N 3 ? 
D N N 4 ? 
# 
_struct_biol.id                    1 
_struct_biol.pdbx_parent_biol_id   ? 
_struct_biol.details               ? 
# 
loop_
_struct_conf.conf_type_id 
_struct_conf.id 
_struct_conf.pdbx_PDB_helix_id 
_struct_conf.beg_label_comp_id 
_struct_conf.beg_label_asym_id 
_struct_conf.beg_label_seq_id 
_struct_conf.pdbx_beg_PDB_ins_code 
_struct_conf.end_label_comp_id 
_struct_conf.end_label_asym_id 
_struct_conf.end_label_seq_id 
_struct_conf.pdbx_end_PDB_ins_code 
_struct_conf.beg_auth_comp_id 
_struct_conf.beg_auth_asym_id 
_struct_conf.beg_auth_seq_id 
_struct_conf.end_auth_comp_id 
_struct_conf.end_auth_asym_id 
_struct_conf.end_auth_seq_id 
_struct_conf.pdbx_PDB_helix_class 
_struct_conf.details 
_struct_conf.pdbx_PDB_helix_length 
HELX_P HELX_P1  1  LEU A 13  ? THR A 22  ? LEU A 13  THR A 22  1 ? 10 
HELX_P HELX_P2  2  THR A 22  ? GLU A 37  ? THR A 22  GLU A 37  1 ? 16 
HELX_P HELX_P3  3  SER A 41  ? ARG A 64  ? SER A 41  ARG A 64  1 ? 24 
HELX_P HELX_P4  4  ASN A 65  ? PHE A 72  ? ASN A 65  PHE A 72  1 ? 8  
HELX_P HELX_P5  5  GLY A 74  ? ALA A 79  ? GLY A 74  ALA A 79  5 ? 6  
HELX_P HELX_P6  6  ARG A 80  ? GLY A 92  ? ARG A 80  GLY A 92  1 ? 13 
HELX_P HELX_P7  7  SER A 108 ? SER A 122 ? SER A 108 SER A 122 1 ? 15 
HELX_P HELX_P8  8  GLY A 125 ? ALA A 134 ? GLY A 125 ALA A 134 1 ? 10 
HELX_P HELX_P9  9  ALA A 135 ? GLU A 137 ? ALA A 135 GLU A 137 5 ? 3  
HELX_P HELX_P10 10 ALA A 144 ? ALA A 148 ? ALA A 144 ALA A 148 5 ? 5  
HELX_P HELX_P11 11 GLY A 153 ? ILE A 168 ? GLY A 153 ILE A 168 1 ? 16 
HELX_P HELX_P12 12 ASN A 171 ? ALA A 198 ? ASN A 171 ALA A 198 1 ? 28 
# 
_struct_conf_type.id          HELX_P 
_struct_conf_type.criteria    ? 
_struct_conf_type.reference   ? 
# 
loop_
_struct_conn.id 
_struct_conn.conn_type_id 
_struct_conn.pdbx_leaving_atom_flag 
_struct_conn.pdbx_PDB_id 
_struct_conn.ptnr1_label_asym_id 
_struct_conn.ptnr1_label_comp_id 
_struct_conn.ptnr1_label_seq_id 
_struct_conn.ptnr1_label_atom_id 
_struct_conn.pdbx_ptnr1_label_alt_id 
_struct_conn.pdbx_ptnr1_PDB_ins_code 
_struct_conn.pdbx_ptnr1_standard_comp_id 
_struct_conn.ptnr1_symmetry 
_struct_conn.ptnr2_label_asym_id 
_struct_conn.ptnr2_label_comp_id 
_struct_conn.ptnr2_label_seq_id 
_struct_conn.ptnr2_label_atom_id 
_struct_conn.pdbx_ptnr2_label_alt_id 
_struct_conn.pdbx_ptnr2_PDB_ins_code 
_struct_conn.ptnr1_auth_asym_id 
_struct_conn.ptnr1_auth_comp_id 
_struct_conn.ptnr1_auth_seq_id 
_struct_conn.ptnr2_auth_asym_id 
_struct_conn.ptnr2_auth_comp_id 
_struct_conn.ptnr2_auth_seq_id 
_struct_conn.ptnr2_symmetry 
_struct_conn.pdbx_ptnr3_label_atom_id 
_struct_conn.pdbx_ptnr3_label_seq_id 
_struct_conn.pdbx_ptnr3_label_comp_id 
_struct_conn.pdbx_ptnr3_label_asym_id 
_struct_conn.pdbx_ptnr3_label_alt_id 
_struct_conn.pdbx_ptnr3_PDB_ins_code 
_struct_conn.details 
_struct_conn.pdbx_dist_value 
_struct_conn.pdbx_value_order 
_struct_conn.pdbx_role 
metalc1 metalc ? ? A HIS 26 NE2 ? ? ? 1_555 C HEM . FE ? ? A HIS 26  A HEM 300  1_555 ? ? ? ? ? ? ? 2.323 ? ? 
metalc2 metalc ? ? C HEM .  FE  ? ? ? 1_555 D HOH . O  ? ? A HEM 300 A HOH 1063 1_555 ? ? ? ? ? ? ? 1.932 ? ? 
# 
_struct_conn_type.id          metalc 
_struct_conn_type.criteria    ? 
_struct_conn_type.reference   ? 
# 
loop_
_struct_site.id 
_struct_site.pdbx_evidence_code 
_struct_site.pdbx_auth_asym_id 
_struct_site.pdbx_auth_comp_id 
_struct_site.pdbx_auth_seq_id 
_struct_site.pdbx_auth_ins_code 
_struct_site.pdbx_num_residues 
_struct_site.details 
AC1 Software A SO4 910 ? 5  'BINDING SITE FOR RESIDUE SO4 A 910' 
AC2 Software A HEM 300 ? 15 'BINDING SITE FOR RESIDUE HEM A 300' 
# 
loop_
_struct_site_gen.id 
_struct_site_gen.site_id 
_struct_site_gen.pdbx_num_res 
_struct_site_gen.label_comp_id 
_struct_site_gen.label_asym_id 
_struct_site_gen.label_seq_id 
_struct_site_gen.pdbx_auth_ins_code 
_struct_site_gen.auth_comp_id 
_struct_site_gen.auth_asym_id 
_struct_site_gen.auth_seq_id 
_struct_site_gen.label_atom_id 
_struct_site_gen.label_alt_id 
_struct_site_gen.symmetry 
_struct_site_gen.details 
1  AC1 5  ARG A 85  ? ARG A 85   . ? 1_555 ? 
2  AC1 5  VAL A 95  ? VAL A 95   . ? 1_555 ? 
3  AC1 5  HOH D .   ? HOH A 916  . ? 1_555 ? 
4  AC1 5  HOH D .   ? HOH A 959  . ? 2_555 ? 
5  AC1 5  HOH D .   ? HOH A 976  . ? 2_555 ? 
6  AC2 15 ASN A 19  ? ASN A 19   . ? 1_555 ? 
7  AC2 15 HIS A 26  ? HIS A 26   . ? 1_555 ? 
8  AC2 15 LEU A 29  ? LEU A 29   . ? 1_555 ? 
9  AC2 15 GLU A 30  ? GLU A 30   . ? 1_555 ? 
10 AC2 15 PHE A 117 ? PHE A 117  . ? 1_555 ? 
11 AC2 15 GLY A 121 ? GLY A 121  . ? 1_555 ? 
12 AC2 15 SER A 122 ? SER A 122  . ? 1_555 ? 
13 AC2 15 PHE A 128 ? PHE A 128  . ? 1_555 ? 
14 AC2 15 LYS A 132 ? LYS A 132  . ? 1_555 ? 
15 AC2 15 TRP A 158 ? TRP A 158  . ? 1_555 ? 
16 AC2 15 PHE A 186 ? PHE A 186  . ? 1_555 ? 
17 AC2 15 PHE A 189 ? PHE A 189  . ? 1_555 ? 
18 AC2 15 HOH D .   ? HOH A 981  . ? 1_555 ? 
19 AC2 15 HOH D .   ? HOH A 1063 . ? 1_555 ? 
20 AC2 15 HOH D .   ? HOH A 1066 . ? 1_555 ? 
# 
_atom_sites.entry_id                    1SK7 
_atom_sites.fract_transf_matrix[1][1]   0.00767679 
_atom_sites.fract_transf_matrix[1][2]   0.00915713 
_atom_sites.fract_transf_matrix[1][3]   -0.00973046 
_atom_sites.fract_transf_matrix[2][1]   -0.00628596 
_atom_sites.fract_transf_matrix[2][2]   0.01550551 
_atom_sites.fract_transf_matrix[2][3]   0.00963263 
_atom_sites.fract_transf_matrix[3][1]   0.01935792 
_atom_sites.fract_transf_matrix[3][2]   0.00742099 
_atom_sites.fract_transf_matrix[3][3]   0.00068692 
_atom_sites.fract_transf_vector[1]      0.233279 
_atom_sites.fract_transf_vector[2]      0.025399 
_atom_sites.fract_transf_vector[3]      0.220417 
# 
loop_
_atom_type.symbol 
C  
FE 
N  
O  
S  
# 
loop_
_atom_site.group_PDB 
_atom_site.id 
_atom_site.type_symbol 
_atom_site.label_atom_id 
_atom_site.label_alt_id 
_atom_site.label_comp_id 
_atom_site.label_asym_id 
_atom_site.label_entity_id 
_atom_site.label_seq_id 
_atom_site.pdbx_PDB_ins_code 
_atom_site.Cartn_x 
_atom_site.Cartn_y 
_atom_site.Cartn_z 
_atom_site.occupancy 
_atom_site.B_iso_or_equiv 
_atom_site.pdbx_formal_charge 
_atom_site.auth_seq_id 
_atom_site.auth_comp_id 
_atom_site.auth_asym_id 
_atom_site.auth_atom_id 
_atom_site.pdbx_PDB_model_num 
ATOM   1    N  N   . ASN A 1 12  ? 14.833  -7.572  -17.424 1.00 31.25 ? 12   ASN A N   1 
ATOM   2    C  CA  . ASN A 1 12  ? 13.959  -8.553  -18.133 1.00 31.11 ? 12   ASN A CA  1 
ATOM   3    C  C   . ASN A 1 12  ? 12.587  -8.725  -17.490 1.00 30.48 ? 12   ASN A C   1 
ATOM   4    O  O   . ASN A 1 12  ? 11.582  -8.342  -18.088 1.00 30.74 ? 12   ASN A O   1 
ATOM   5    C  CB  . ASN A 1 12  ? 14.661  -9.911  -18.241 1.00 31.78 ? 12   ASN A CB  1 
ATOM   6    C  CG  . ASN A 1 12  ? 15.561  -10.206 -17.050 1.00 32.33 ? 12   ASN A CG  1 
ATOM   7    O  OD1 . ASN A 1 12  ? 16.494  -9.447  -16.755 1.00 32.95 ? 12   ASN A OD1 1 
ATOM   8    N  ND2 . ASN A 1 12  ? 15.295  -11.317 -16.367 1.00 32.70 ? 12   ASN A ND2 1 
ATOM   9    N  N   . LEU A 1 13  ? 12.539  -9.289  -16.286 1.00 29.60 ? 13   LEU A N   1 
ATOM   10   C  CA  . LEU A 1 13  ? 11.260  -9.485  -15.600 1.00 28.49 ? 13   LEU A CA  1 
ATOM   11   C  C   . LEU A 1 13  ? 10.507  -8.175  -15.406 1.00 27.62 ? 13   LEU A C   1 
ATOM   12   O  O   . LEU A 1 13  ? 11.107  -7.110  -15.184 1.00 27.39 ? 13   LEU A O   1 
ATOM   13   C  CB  . LEU A 1 13  ? 11.454  -10.138 -14.227 1.00 28.90 ? 13   LEU A CB  1 
ATOM   14   C  CG  . LEU A 1 13  ? 11.851  -11.617 -14.091 1.00 29.17 ? 13   LEU A CG  1 
ATOM   15   C  CD1 . LEU A 1 13  ? 11.397  -12.385 -15.317 1.00 29.36 ? 13   LEU A CD1 1 
ATOM   16   C  CD2 . LEU A 1 13  ? 13.349  -11.739 -13.919 1.00 29.45 ? 13   LEU A CD2 1 
ATOM   17   N  N   . ARG A 1 14  ? 9.188   -8.257  -15.485 1.00 26.35 ? 14   ARG A N   1 
ATOM   18   C  CA  . ARG A 1 14  ? 8.358   -7.080  -15.302 1.00 25.27 ? 14   ARG A CA  1 
ATOM   19   C  C   . ARG A 1 14  ? 8.619   -6.441  -13.937 1.00 24.77 ? 14   ARG A C   1 
ATOM   20   O  O   . ARG A 1 14  ? 8.692   -5.221  -13.822 1.00 24.34 ? 14   ARG A O   1 
ATOM   21   C  CB  . ARG A 1 14  ? 6.883   -7.461  -15.412 1.00 24.96 ? 14   ARG A CB  1 
ATOM   22   C  CG  . ARG A 1 14  ? 5.924   -6.297  -15.257 1.00 24.41 ? 14   ARG A CG  1 
ATOM   23   C  CD  . ARG A 1 14  ? 4.529   -6.701  -15.693 1.00 24.05 ? 14   ARG A CD  1 
ATOM   24   N  NE  . ARG A 1 14  ? 4.523   -7.069  -17.111 1.00 23.67 ? 14   ARG A NE  1 
ATOM   25   C  CZ  . ARG A 1 14  ? 4.223   -8.274  -17.578 1.00 23.66 ? 14   ARG A CZ  1 
ATOM   26   N  NH1 . ARG A 1 14  ? 3.889   -9.257  -16.741 1.00 23.67 ? 14   ARG A NH1 1 
ATOM   27   N  NH2 . ARG A 1 14  ? 4.253   -8.493  -18.885 1.00 23.40 ? 14   ARG A NH2 1 
ATOM   28   N  N   . SER A 1 15  ? 8.746   -7.270  -12.912 1.00 24.10 ? 15   SER A N   1 
ATOM   29   C  CA  . SER A 1 15  ? 8.978   -6.784  -11.560 1.00 23.85 ? 15   SER A CA  1 
ATOM   30   C  C   . SER A 1 15  ? 10.288  -6.005  -11.464 1.00 23.65 ? 15   SER A C   1 
ATOM   31   O  O   . SER A 1 15  ? 10.350  -4.975  -10.795 1.00 23.51 ? 15   SER A O   1 
ATOM   32   C  CB  . SER A 1 15  ? 8.988   -7.955  -10.577 1.00 23.92 ? 15   SER A CB  1 
ATOM   33   O  OG  . SER A 1 15  ? 9.929   -8.927  -10.997 1.00 24.02 ? 15   SER A OG  1 
ATOM   34   N  N   . GLN A 1 16  ? 11.326  -6.483  -12.146 1.00 23.57 ? 16   GLN A N   1 
ATOM   35   C  CA  . GLN A 1 16  ? 12.601  -5.788  -12.100 1.00 23.41 ? 16   GLN A CA  1 
ATOM   36   C  C   . GLN A 1 16  ? 12.510  -4.426  -12.802 1.00 22.71 ? 16   GLN A C   1 
ATOM   37   O  O   . GLN A 1 16  ? 13.084  -3.451  -12.325 1.00 22.50 ? 16   GLN A O   1 
ATOM   38   C  CB  . GLN A 1 16  ? 13.710  -6.644  -12.726 1.00 24.45 ? 16   GLN A CB  1 
ATOM   39   C  CG  . GLN A 1 16  ? 14.064  -7.887  -11.890 1.00 25.86 ? 16   GLN A CG  1 
ATOM   40   C  CD  . GLN A 1 16  ? 14.451  -7.551  -10.444 1.00 26.62 ? 16   GLN A CD  1 
ATOM   41   O  OE1 . GLN A 1 16  ? 15.303  -6.688  -10.191 1.00 27.54 ? 16   GLN A OE1 1 
ATOM   42   N  NE2 . GLN A 1 16  ? 13.833  -8.245  -9.486  1.00 27.48 ? 16   GLN A NE2 1 
ATOM   43   N  N   . ARG A 1 17  ? 11.794  -4.363  -13.922 1.00 21.96 ? 17   ARG A N   1 
ATOM   44   C  CA  . ARG A 1 17  ? 11.643  -3.105  -14.661 1.00 21.42 ? 17   ARG A CA  1 
ATOM   45   C  C   . ARG A 1 17  ? 10.873  -2.129  -13.772 1.00 20.46 ? 17   ARG A C   1 
ATOM   46   O  O   . ARG A 1 17  ? 11.237  -0.955  -13.662 1.00 19.73 ? 17   ARG A O   1 
ATOM   47   C  CB  . ARG A 1 17  ? 10.904  -3.335  -15.996 1.00 22.46 ? 17   ARG A CB  1 
ATOM   48   C  CG  . ARG A 1 17  ? 10.894  -2.118  -16.933 1.00 24.19 ? 17   ARG A CG  1 
ATOM   49   C  CD  . ARG A 1 17  ? 10.356  -2.470  -18.329 1.00 25.43 ? 17   ARG A CD  1 
ATOM   50   N  NE  . ARG A 1 17  ? 8.922   -2.221  -18.500 1.00 26.95 ? 17   ARG A NE  1 
ATOM   51   C  CZ  . ARG A 1 17  ? 8.367   -1.010  -18.514 1.00 27.46 ? 17   ARG A CZ  1 
ATOM   52   N  NH1 . ARG A 1 17  ? 9.131   0.066   -18.356 1.00 28.31 ? 17   ARG A NH1 1 
ATOM   53   N  NH2 . ARG A 1 17  ? 7.062   -0.863  -18.710 1.00 28.00 ? 17   ARG A NH2 1 
ATOM   54   N  N   . LEU A 1 18  ? 9.823   -2.618  -13.118 1.00 19.43 ? 18   LEU A N   1 
ATOM   55   C  CA  . LEU A 1 18  ? 9.053   -1.744  -12.233 1.00 18.59 ? 18   LEU A CA  1 
ATOM   56   C  C   . LEU A 1 18  ? 9.900   -1.265  -11.053 1.00 18.48 ? 18   LEU A C   1 
ATOM   57   O  O   . LEU A 1 18  ? 9.750   -0.129  -10.596 1.00 17.75 ? 18   LEU A O   1 
ATOM   58   C  CB  . LEU A 1 18  ? 7.791   -2.458  -11.716 1.00 18.19 ? 18   LEU A CB  1 
ATOM   59   C  CG  . LEU A 1 18  ? 6.717   -2.708  -12.774 1.00 17.91 ? 18   LEU A CG  1 
ATOM   60   C  CD1 . LEU A 1 18  ? 5.628   -3.610  -12.169 1.00 17.82 ? 18   LEU A CD1 1 
ATOM   61   C  CD2 . LEU A 1 18  ? 6.136   -1.387  -13.267 1.00 17.55 ? 18   LEU A CD2 1 
ATOM   62   N  N   . ASN A 1 19  ? 10.801  -2.117  -10.573 1.00 18.42 ? 19   ASN A N   1 
ATOM   63   C  CA  . ASN A 1 19  ? 11.656  -1.737  -9.466  1.00 18.75 ? 19   ASN A CA  1 
ATOM   64   C  C   . ASN A 1 19  ? 12.553  -0.568  -9.889  1.00 18.51 ? 19   ASN A C   1 
ATOM   65   O  O   . ASN A 1 19  ? 12.749  0.376   -9.127  1.00 18.52 ? 19   ASN A O   1 
ATOM   66   C  CB  . ASN A 1 19  ? 12.487  -2.947  -9.002  1.00 19.38 ? 19   ASN A CB  1 
ATOM   67   C  CG  . ASN A 1 19  ? 11.650  -3.977  -8.267  1.00 19.88 ? 19   ASN A CG  1 
ATOM   68   O  OD1 . ASN A 1 19  ? 10.521  -3.691  -7.840  1.00 20.41 ? 19   ASN A OD1 1 
ATOM   69   N  ND2 . ASN A 1 19  ? 12.206  -5.175  -8.083  1.00 20.27 ? 19   ASN A ND2 1 
ATOM   70   N  N   . LEU A 1 20  ? 13.082  -0.625  -11.106 1.00 18.32 ? 20   LEU A N   1 
ATOM   71   C  CA  . LEU A 1 20  ? 13.940  0.458   -11.594 1.00 18.16 ? 20   LEU A CA  1 
ATOM   72   C  C   . LEU A 1 20  ? 13.134  1.740   -11.796 1.00 17.87 ? 20   LEU A C   1 
ATOM   73   O  O   . LEU A 1 20  ? 13.558  2.851   -11.411 1.00 17.56 ? 20   LEU A O   1 
ATOM   74   C  CB  . LEU A 1 20  ? 14.599  0.052   -12.922 1.00 18.69 ? 20   LEU A CB  1 
ATOM   75   C  CG  . LEU A 1 20  ? 15.633  -1.067  -12.822 1.00 19.22 ? 20   LEU A CG  1 
ATOM   76   C  CD1 . LEU A 1 20  ? 16.010  -1.557  -14.225 1.00 19.74 ? 20   LEU A CD1 1 
ATOM   77   C  CD2 . LEU A 1 20  ? 16.857  -0.560  -12.054 1.00 19.48 ? 20   LEU A CD2 1 
ATOM   78   N  N   . LEU A 1 21  ? 11.975  1.580   -12.423 1.00 17.36 ? 21   LEU A N   1 
ATOM   79   C  CA  . LEU A 1 21  ? 11.085  2.693   -12.704 1.00 17.38 ? 21   LEU A CA  1 
ATOM   80   C  C   . LEU A 1 21  ? 10.612  3.404   -11.448 1.00 17.44 ? 21   LEU A C   1 
ATOM   81   O  O   . LEU A 1 21  ? 10.416  4.622   -11.464 1.00 17.47 ? 21   LEU A O   1 
ATOM   82   C  CB  . LEU A 1 21  ? 9.868   2.210   -13.499 1.00 17.51 ? 21   LEU A CB  1 
ATOM   83   C  CG  . LEU A 1 21  ? 10.155  1.980   -14.981 1.00 17.68 ? 21   LEU A CG  1 
ATOM   84   C  CD1 . LEU A 1 21  ? 9.026   1.127   -15.563 1.00 17.98 ? 21   LEU A CD1 1 
ATOM   85   C  CD2 . LEU A 1 21  ? 10.269  3.328   -15.702 1.00 17.90 ? 21   LEU A CD2 1 
ATOM   86   N  N   . THR A 1 22  ? 10.421  2.661   -10.368 1.00 17.53 ? 22   THR A N   1 
ATOM   87   C  CA  . THR A 1 22  ? 9.945   3.279   -9.139  1.00 17.73 ? 22   THR A CA  1 
ATOM   88   C  C   . THR A 1 22  ? 10.999  3.490   -8.069  1.00 18.37 ? 22   THR A C   1 
ATOM   89   O  O   . THR A 1 22  ? 10.677  3.874   -6.953  1.00 18.20 ? 22   THR A O   1 
ATOM   90   C  CB  . THR A 1 22  ? 8.781   2.467   -8.538  1.00 17.15 ? 22   THR A CB  1 
ATOM   91   O  OG1 . THR A 1 22  ? 9.274   1.194   -8.128  1.00 16.92 ? 22   THR A OG1 1 
ATOM   92   C  CG2 . THR A 1 22  ? 7.655   2.292   -9.572  1.00 17.15 ? 22   THR A CG2 1 
ATOM   93   N  N   . ASN A 1 23  ? 12.275  3.281   -8.401  1.00 19.22 ? 23   ASN A N   1 
ATOM   94   C  CA  . ASN A 1 23  ? 13.320  3.468   -7.400  1.00 20.30 ? 23   ASN A CA  1 
ATOM   95   C  C   . ASN A 1 23  ? 13.353  4.920   -6.885  1.00 20.48 ? 23   ASN A C   1 
ATOM   96   O  O   . ASN A 1 23  ? 13.449  5.147   -5.666  1.00 20.32 ? 23   ASN A O   1 
ATOM   97   C  CB  . ASN A 1 23  ? 14.673  3.061   -7.989  1.00 21.30 ? 23   ASN A CB  1 
ATOM   98   C  CG  . ASN A 1 23  ? 15.826  3.353   -7.059  1.00 22.19 ? 23   ASN A CG  1 
ATOM   99   O  OD1 . ASN A 1 23  ? 16.255  4.493   -6.925  1.00 23.42 ? 23   ASN A OD1 1 
ATOM   100  N  ND2 . ASN A 1 23  ? 16.322  2.326   -6.408  1.00 23.15 ? 23   ASN A ND2 1 
ATOM   101  N  N   . GLU A 1 24  ? 13.269  5.886   -7.797  1.00 20.94 ? 24   GLU A N   1 
ATOM   102  C  CA  . GLU A 1 24  ? 13.271  7.303   -7.428  1.00 21.47 ? 24   GLU A CA  1 
ATOM   103  C  C   . GLU A 1 24  ? 12.020  7.675   -6.632  1.00 21.25 ? 24   GLU A C   1 
ATOM   104  O  O   . GLU A 1 24  ? 12.116  8.321   -5.576  1.00 20.90 ? 24   GLU A O   1 
ATOM   105  C  CB  . GLU A 1 24  ? 13.341  8.195   -8.669  1.00 22.68 ? 24   GLU A CB  1 
ATOM   106  C  CG  . GLU A 1 24  ? 13.604  9.617   -8.295  1.00 24.55 ? 24   GLU A CG  1 
ATOM   107  C  CD  . GLU A 1 24  ? 15.004  9.749   -7.777  1.00 25.43 ? 24   GLU A CD  1 
ATOM   108  O  OE1 . GLU A 1 24  ? 15.927  9.399   -8.542  1.00 26.57 ? 24   GLU A OE1 1 
ATOM   109  O  OE2 . GLU A 1 24  ? 15.201  10.177  -6.620  1.00 26.48 ? 24   GLU A OE2 1 
ATOM   110  N  N   . PRO A 1 25  ? 10.832  7.320   -7.151  1.00 21.02 ? 25   PRO A N   1 
ATOM   111  C  CA  . PRO A 1 25  ? 9.611   7.645   -6.410  1.00 20.94 ? 25   PRO A CA  1 
ATOM   112  C  C   . PRO A 1 25  ? 9.694   7.054   -4.995  1.00 21.03 ? 25   PRO A C   1 
ATOM   113  O  O   . PRO A 1 25  ? 9.200   7.649   -4.033  1.00 20.74 ? 25   PRO A O   1 
ATOM   114  C  CB  . PRO A 1 25  ? 8.516   6.974   -7.232  1.00 20.71 ? 25   PRO A CB  1 
ATOM   115  C  CG  . PRO A 1 25  ? 9.051   7.112   -8.662  1.00 20.92 ? 25   PRO A CG  1 
ATOM   116  C  CD  . PRO A 1 25  ? 10.525  6.863   -8.519  1.00 20.67 ? 25   PRO A CD  1 
ATOM   117  N  N   . HIS A 1 26  ? 10.303  5.879   -4.865  1.00 21.04 ? 26   HIS A N   1 
ATOM   118  C  CA  . HIS A 1 26  ? 10.400  5.257   -3.553  1.00 21.54 ? 26   HIS A CA  1 
ATOM   119  C  C   . HIS A 1 26  ? 11.309  6.031   -2.616  1.00 22.07 ? 26   HIS A C   1 
ATOM   120  O  O   . HIS A 1 26  ? 10.980  6.245   -1.448  1.00 21.94 ? 26   HIS A O   1 
ATOM   121  C  CB  . HIS A 1 26  ? 10.892  3.821   -3.680  1.00 21.41 ? 26   HIS A CB  1 
ATOM   122  C  CG  . HIS A 1 26  ? 10.833  3.078   -2.398  1.00 21.66 ? 26   HIS A CG  1 
ATOM   123  N  ND1 . HIS A 1 26  ? 11.735  3.279   -1.379  1.00 21.50 ? 26   HIS A ND1 1 
ATOM   124  C  CD2 . HIS A 1 26  ? 9.894   2.238   -1.917  1.00 21.84 ? 26   HIS A CD2 1 
ATOM   125  C  CE1 . HIS A 1 26  ? 11.353  2.603   -0.317  1.00 21.82 ? 26   HIS A CE1 1 
ATOM   126  N  NE2 . HIS A 1 26  ? 10.238  1.963   -0.619  1.00 21.55 ? 26   HIS A NE2 1 
ATOM   127  N  N   . GLN A 1 27  ? 12.458  6.457   -3.129  1.00 22.79 ? 27   GLN A N   1 
ATOM   128  C  CA  . GLN A 1 27  ? 13.399  7.209   -2.309  1.00 23.59 ? 27   GLN A CA  1 
ATOM   129  C  C   . GLN A 1 27  ? 12.748  8.503   -1.842  1.00 23.96 ? 27   GLN A C   1 
ATOM   130  O  O   . GLN A 1 27  ? 12.926  8.909   -0.690  1.00 23.85 ? 27   GLN A O   1 
ATOM   131  C  CB  . GLN A 1 27  ? 14.689  7.501   -3.108  1.00 24.05 ? 27   GLN A CB  1 
ATOM   132  C  CG  . GLN A 1 27  ? 15.650  6.293   -3.225  1.00 25.03 ? 27   GLN A CG  1 
ATOM   133  C  CD  . GLN A 1 27  ? 16.867  6.584   -4.100  1.00 25.64 ? 27   GLN A CD  1 
ATOM   134  O  OE1 . GLN A 1 27  ? 17.187  7.737   -4.350  1.00 26.45 ? 27   GLN A OE1 1 
ATOM   135  N  NE2 . GLN A 1 27  ? 17.552  5.532   -4.553  1.00 26.00 ? 27   GLN A NE2 1 
ATOM   136  N  N   . ARG A 1 28  ? 11.988  9.125   -2.737  1.00 24.39 ? 28   ARG A N   1 
ATOM   137  C  CA  . ARG A 1 28  ? 11.300  10.381  -2.480  1.00 25.03 ? 28   ARG A CA  1 
ATOM   138  C  C   . ARG A 1 28  ? 10.222  10.156  -1.426  1.00 25.07 ? 28   ARG A C   1 
ATOM   139  O  O   . ARG A 1 28  ? 10.070  10.946  -0.499  1.00 25.01 ? 28   ARG A O   1 
ATOM   140  C  CB  . ARG A 1 28  ? 10.675  10.897  -3.777  1.00 25.76 ? 28   ARG A CB  1 
ATOM   141  C  CG  . ARG A 1 28  ? 10.007  12.245  -3.684  1.00 26.95 ? 28   ARG A CG  1 
ATOM   142  C  CD  . ARG A 1 28  ? 9.173   12.515  -4.929  1.00 28.04 ? 28   ARG A CD  1 
ATOM   143  N  NE  . ARG A 1 28  ? 8.347   13.711  -4.794  1.00 29.34 ? 28   ARG A NE  1 
ATOM   144  C  CZ  . ARG A 1 28  ? 7.559   13.971  -3.748  1.00 29.68 ? 28   ARG A CZ  1 
ATOM   145  N  NH1 . ARG A 1 28  ? 7.484   13.120  -2.726  1.00 30.20 ? 28   ARG A NH1 1 
ATOM   146  N  NH2 . ARG A 1 28  ? 6.835   15.086  -3.720  1.00 30.14 ? 28   ARG A NH2 1 
ATOM   147  N  N   . LEU A 1 29  ? 9.484   9.062   -1.574  1.00 25.03 ? 29   LEU A N   1 
ATOM   148  C  CA  . LEU A 1 29  ? 8.421   8.744   -0.628  1.00 25.19 ? 29   LEU A CA  1 
ATOM   149  C  C   . LEU A 1 29  ? 9.012   8.392   0.728   1.00 25.36 ? 29   LEU A C   1 
ATOM   150  O  O   . LEU A 1 29  ? 8.506   8.825   1.756   1.00 25.15 ? 29   LEU A O   1 
ATOM   151  C  CB  . LEU A 1 29  ? 7.571   7.580   -1.161  1.00 25.20 ? 29   LEU A CB  1 
ATOM   152  C  CG  . LEU A 1 29  ? 6.233   7.382   -0.447  1.00 25.36 ? 29   LEU A CG  1 
ATOM   153  C  CD1 . LEU A 1 29  ? 5.360   6.426   -1.244  1.00 25.31 ? 29   LEU A CD1 1 
ATOM   154  C  CD2 . LEU A 1 29  ? 6.460   6.848   0.929   1.00 25.86 ? 29   LEU A CD2 1 
ATOM   155  N  N   . GLU A 1 30  ? 10.080  7.603   0.756   1.00 25.72 ? 30   GLU A N   1 
ATOM   156  C  CA  . GLU A 1 30  ? 10.663  7.274   2.045   1.00 26.21 ? 30   GLU A CA  1 
ATOM   157  C  C   . GLU A 1 30  ? 11.110  8.555   2.744   1.00 26.32 ? 30   GLU A C   1 
ATOM   158  O  O   . GLU A 1 30  ? 10.944  8.696   3.953   1.00 26.24 ? 30   GLU A O   1 
ATOM   159  C  CB  . GLU A 1 30  ? 11.841  6.313   1.907   1.00 26.87 ? 30   GLU A CB  1 
ATOM   160  C  CG  . GLU A 1 30  ? 12.102  5.605   3.219   1.00 27.71 ? 30   GLU A CG  1 
ATOM   161  C  CD  . GLU A 1 30  ? 13.285  4.671   3.202   1.00 28.28 ? 30   GLU A CD  1 
ATOM   162  O  OE1 . GLU A 1 30  ? 13.521  3.992   2.176   1.00 28.69 ? 30   GLU A OE1 1 
ATOM   163  O  OE2 . GLU A 1 30  ? 13.971  4.594   4.244   1.00 28.91 ? 30   GLU A OE2 1 
ATOM   164  N  N   . SER A 1 31  ? 11.672  9.491   1.983   1.00 26.42 ? 31   SER A N   1 
ATOM   165  C  CA  . SER A 1 31  ? 12.100  10.765  2.572   1.00 26.47 ? 31   SER A CA  1 
ATOM   166  C  C   . SER A 1 31  ? 10.915  11.564  3.087   1.00 26.34 ? 31   SER A C   1 
ATOM   167  O  O   . SER A 1 31  ? 11.009  12.183  4.145   1.00 26.36 ? 31   SER A O   1 
ATOM   168  C  CB  . SER A 1 31  ? 12.865  11.622  1.564   1.00 26.69 ? 31   SER A CB  1 
ATOM   169  O  OG  . SER A 1 31  ? 14.139  11.062  1.312   1.00 27.67 ? 31   SER A OG  1 
ATOM   170  N  N   . LEU A 1 32  ? 9.811   11.567  2.346   1.00 26.16 ? 32   LEU A N   1 
ATOM   171  C  CA  . LEU A 1 32  ? 8.628   12.297  2.767   1.00 26.07 ? 32   LEU A CA  1 
ATOM   172  C  C   . LEU A 1 32  ? 8.113   11.726  4.086   1.00 25.94 ? 32   LEU A C   1 
ATOM   173  O  O   . LEU A 1 32  ? 7.791   12.476  5.007   1.00 25.76 ? 32   LEU A O   1 
ATOM   174  C  CB  . LEU A 1 32  ? 7.516   12.234  1.706   1.00 26.09 ? 32   LEU A CB  1 
ATOM   175  C  CG  . LEU A 1 32  ? 6.292   13.117  2.015   1.00 26.24 ? 32   LEU A CG  1 
ATOM   176  C  CD1 . LEU A 1 32  ? 6.750   14.552  2.162   1.00 26.43 ? 32   LEU A CD1 1 
ATOM   177  C  CD2 . LEU A 1 32  ? 5.214   13.004  0.922   1.00 26.43 ? 32   LEU A CD2 1 
ATOM   178  N  N   . VAL A 1 33  ? 8.050   10.404  4.190   1.00 25.90 ? 33   VAL A N   1 
ATOM   179  C  CA  . VAL A 1 33  ? 7.577   9.799   5.438   1.00 26.07 ? 33   VAL A CA  1 
ATOM   180  C  C   . VAL A 1 33  ? 8.481   10.195  6.599   1.00 26.43 ? 33   VAL A C   1 
ATOM   181  O  O   . VAL A 1 33  ? 8.002   10.647  7.638   1.00 26.46 ? 33   VAL A O   1 
ATOM   182  C  CB  . VAL A 1 33  ? 7.496   8.265   5.328   1.00 25.91 ? 33   VAL A CB  1 
ATOM   183  C  CG1 . VAL A 1 33  ? 7.230   7.633   6.706   1.00 25.78 ? 33   VAL A CG1 1 
ATOM   184  C  CG2 . VAL A 1 33  ? 6.378   7.915   4.376   1.00 25.86 ? 33   VAL A CG2 1 
ATOM   185  N  N   . LYS A 1 34  ? 9.790   10.060  6.432   1.00 26.81 ? 34   LYS A N   1 
ATOM   186  C  CA  . LYS A 1 34  ? 10.685  10.445  7.523   1.00 27.21 ? 34   LYS A CA  1 
ATOM   187  C  C   . LYS A 1 34  ? 10.470  11.886  7.973   1.00 27.14 ? 34   LYS A C   1 
ATOM   188  O  O   . LYS A 1 34  ? 10.557  12.187  9.172   1.00 27.22 ? 34   LYS A O   1 
ATOM   189  C  CB  . LYS A 1 34  ? 12.146  10.270  7.126   1.00 27.65 ? 34   LYS A CB  1 
ATOM   190  C  CG  . LYS A 1 34  ? 12.618  8.843   7.215   1.00 28.39 ? 34   LYS A CG  1 
ATOM   191  C  CD  . LYS A 1 34  ? 14.088  8.788   7.611   1.00 29.08 ? 34   LYS A CD  1 
ATOM   192  C  CE  . LYS A 1 34  ? 14.560  7.350   7.674   1.00 29.41 ? 34   LYS A CE  1 
ATOM   193  N  NZ  . LYS A 1 34  ? 15.763  7.185   8.543   1.00 29.93 ? 34   LYS A NZ  1 
ATOM   194  N  N   . SER A 1 35  ? 10.187  12.768  7.017   1.00 27.02 ? 35   SER A N   1 
ATOM   195  C  CA  . SER A 1 35  ? 9.990   14.191  7.295   1.00 26.97 ? 35   SER A CA  1 
ATOM   196  C  C   . SER A 1 35  ? 8.716   14.505  8.081   1.00 26.85 ? 35   SER A C   1 
ATOM   197  O  O   . SER A 1 35  ? 8.629   15.548  8.725   1.00 26.99 ? 35   SER A O   1 
ATOM   198  C  CB  . SER A 1 35  ? 9.982   14.989  5.989   1.00 26.93 ? 35   SER A CB  1 
ATOM   199  O  OG  . SER A 1 35  ? 8.755   14.819  5.294   1.00 27.16 ? 35   SER A OG  1 
ATOM   200  N  N   . LYS A 1 36  ? 7.723   13.622  8.015   1.00 26.74 ? 36   LYS A N   1 
ATOM   201  C  CA  . LYS A 1 36  ? 6.480   13.851  8.742   1.00 26.63 ? 36   LYS A CA  1 
ATOM   202  C  C   . LYS A 1 36  ? 6.616   13.360  10.178  1.00 26.58 ? 36   LYS A C   1 
ATOM   203  O  O   . LYS A 1 36  ? 5.724   13.590  11.002  1.00 26.51 ? 36   LYS A O   1 
ATOM   204  C  CB  . LYS A 1 36  ? 5.309   13.120  8.077   1.00 26.60 ? 36   LYS A CB  1 
ATOM   205  C  CG  . LYS A 1 36  ? 5.024   13.557  6.666   1.00 26.78 ? 36   LYS A CG  1 
ATOM   206  C  CD  . LYS A 1 36  ? 4.721   15.044  6.554   1.00 27.00 ? 36   LYS A CD  1 
ATOM   207  C  CE  . LYS A 1 36  ? 4.557   15.428  5.081   1.00 27.26 ? 36   LYS A CE  1 
ATOM   208  N  NZ  . LYS A 1 36  ? 4.383   16.890  4.822   1.00 27.39 ? 36   LYS A NZ  1 
ATOM   209  N  N   . GLU A 1 37  ? 7.730   12.695  10.467  1.00 26.52 ? 37   GLU A N   1 
ATOM   210  C  CA  . GLU A 1 37  ? 8.012   12.136  11.797  1.00 26.68 ? 37   GLU A CA  1 
ATOM   211  C  C   . GLU A 1 37  ? 6.841   11.339  12.368  1.00 26.46 ? 37   GLU A C   1 
ATOM   212  O  O   . GLU A 1 37  ? 6.237   11.707  13.384  1.00 26.45 ? 37   GLU A O   1 
ATOM   213  C  CB  . GLU A 1 37  ? 8.397   13.243  12.769  1.00 27.07 ? 37   GLU A CB  1 
ATOM   214  C  CG  . GLU A 1 37  ? 9.537   14.089  12.264  1.00 27.86 ? 37   GLU A CG  1 
ATOM   215  C  CD  . GLU A 1 37  ? 10.185  14.860  13.374  1.00 28.23 ? 37   GLU A CD  1 
ATOM   216  O  OE1 . GLU A 1 37  ? 11.113  14.315  14.015  1.00 28.63 ? 37   GLU A OE1 1 
ATOM   217  O  OE2 . GLU A 1 37  ? 9.750   16.004  13.611  1.00 28.70 ? 37   GLU A OE2 1 
ATOM   218  N  N   . PRO A 1 38  ? 6.526   10.210  11.731  1.00 26.31 ? 38   PRO A N   1 
ATOM   219  C  CA  . PRO A 1 38  ? 5.423   9.355   12.167  1.00 26.13 ? 38   PRO A CA  1 
ATOM   220  C  C   . PRO A 1 38  ? 5.570   8.775   13.568  1.00 25.95 ? 38   PRO A C   1 
ATOM   221  O  O   . PRO A 1 38  ? 4.573   8.418   14.193  1.00 25.79 ? 38   PRO A O   1 
ATOM   222  C  CB  . PRO A 1 38  ? 5.381   8.274   11.080  1.00 26.25 ? 38   PRO A CB  1 
ATOM   223  C  CG  . PRO A 1 38  ? 6.817   8.189   10.644  1.00 26.23 ? 38   PRO A CG  1 
ATOM   224  C  CD  . PRO A 1 38  ? 7.204   9.637   10.553  1.00 26.23 ? 38   PRO A CD  1 
ATOM   225  N  N   . PHE A 1 39  ? 6.796   8.687   14.074  1.00 25.74 ? 39   PHE A N   1 
ATOM   226  C  CA  . PHE A 1 39  ? 6.984   8.123   15.402  1.00 25.67 ? 39   PHE A CA  1 
ATOM   227  C  C   . PHE A 1 39  ? 7.304   9.139   16.488  1.00 25.56 ? 39   PHE A C   1 
ATOM   228  O  O   . PHE A 1 39  ? 7.737   8.767   17.571  1.00 25.67 ? 39   PHE A O   1 
ATOM   229  C  CB  . PHE A 1 39  ? 8.054   7.041   15.360  1.00 25.74 ? 39   PHE A CB  1 
ATOM   230  C  CG  . PHE A 1 39  ? 7.716   5.915   14.432  1.00 25.87 ? 39   PHE A CG  1 
ATOM   231  C  CD1 . PHE A 1 39  ? 8.218   5.886   13.138  1.00 25.87 ? 39   PHE A CD1 1 
ATOM   232  C  CD2 . PHE A 1 39  ? 6.846   4.912   14.838  1.00 25.97 ? 39   PHE A CD2 1 
ATOM   233  C  CE1 . PHE A 1 39  ? 7.857   4.870   12.253  1.00 26.06 ? 39   PHE A CE1 1 
ATOM   234  C  CE2 . PHE A 1 39  ? 6.468   3.885   13.968  1.00 26.04 ? 39   PHE A CE2 1 
ATOM   235  C  CZ  . PHE A 1 39  ? 6.976   3.863   12.669  1.00 26.07 ? 39   PHE A CZ  1 
ATOM   236  N  N   . ALA A 1 40  ? 7.059   10.412  16.211  1.00 25.48 ? 40   ALA A N   1 
ATOM   237  C  CA  . ALA A 1 40  ? 7.335   11.457  17.204  1.00 25.32 ? 40   ALA A CA  1 
ATOM   238  C  C   . ALA A 1 40  ? 6.304   11.424  18.318  1.00 25.11 ? 40   ALA A C   1 
ATOM   239  O  O   . ALA A 1 40  ? 6.596   11.781  19.469  1.00 25.23 ? 40   ALA A O   1 
ATOM   240  C  CB  . ALA A 1 40  ? 7.324   12.827  16.549  1.00 25.41 ? 40   ALA A CB  1 
ATOM   241  N  N   . SER A 1 41  ? 5.100   10.979  17.976  1.00 24.70 ? 41   SER A N   1 
ATOM   242  C  CA  . SER A 1 41  ? 4.000   10.927  18.925  1.00 24.29 ? 41   SER A CA  1 
ATOM   243  C  C   . SER A 1 41  ? 2.890   10.038  18.378  1.00 24.00 ? 41   SER A C   1 
ATOM   244  O  O   . SER A 1 41  ? 2.884   9.714   17.194  1.00 23.68 ? 41   SER A O   1 
ATOM   245  C  CB  . SER A 1 41  ? 3.433   12.327  19.116  1.00 24.36 ? 41   SER A CB  1 
ATOM   246  O  OG  . SER A 1 41  ? 2.867   12.813  17.902  1.00 24.50 ? 41   SER A OG  1 
ATOM   247  N  N   . ARG A 1 42  ? 1.943   9.665   19.236  1.00 23.58 ? 42   ARG A N   1 
ATOM   248  C  CA  . ARG A 1 42  ? 0.827   8.853   18.781  1.00 23.37 ? 42   ARG A CA  1 
ATOM   249  C  C   . ARG A 1 42  ? -0.035  9.647   17.811  1.00 23.51 ? 42   ARG A C   1 
ATOM   250  O  O   . ARG A 1 42  ? -0.611  9.079   16.879  1.00 23.47 ? 42   ARG A O   1 
ATOM   251  C  CB  . ARG A 1 42  ? -0.016  8.364   19.979  1.00 22.89 ? 42   ARG A CB  1 
ATOM   252  C  CG  . ARG A 1 42  ? 0.566   7.150   20.680  1.00 22.12 ? 42   ARG A CG  1 
ATOM   253  C  CD  . ARG A 1 42  ? -0.374  6.633   21.804  1.00 21.59 ? 42   ARG A CD  1 
ATOM   254  N  NE  . ARG A 1 42  ? 0.111   5.394   22.408  1.00 21.06 ? 42   ARG A NE  1 
ATOM   255  C  CZ  . ARG A 1 42  ? -0.587  4.666   23.279  1.00 20.91 ? 42   ARG A CZ  1 
ATOM   256  N  NH1 . ARG A 1 42  ? -1.805  5.069   23.639  1.00 20.89 ? 42   ARG A NH1 1 
ATOM   257  N  NH2 . ARG A 1 42  ? -0.077  3.548   23.786  1.00 20.60 ? 42   ARG A NH2 1 
ATOM   258  N  N   . ASP A 1 43  ? -0.135  10.961  18.011  1.00 23.70 ? 43   ASP A N   1 
ATOM   259  C  CA  . ASP A 1 43  ? -0.924  11.773  17.107  1.00 23.90 ? 43   ASP A CA  1 
ATOM   260  C  C   . ASP A 1 43  ? -0.281  11.723  15.714  1.00 23.48 ? 43   ASP A C   1 
ATOM   261  O  O   . ASP A 1 43  ? -0.979  11.566  14.718  1.00 23.46 ? 43   ASP A O   1 
ATOM   262  C  CB  . ASP A 1 43  ? -1.004  13.226  17.582  1.00 25.14 ? 43   ASP A CB  1 
ATOM   263  C  CG  . ASP A 1 43  ? -1.868  14.081  16.678  1.00 26.08 ? 43   ASP A CG  1 
ATOM   264  O  OD1 . ASP A 1 43  ? -3.098  13.851  16.635  1.00 27.31 ? 43   ASP A OD1 1 
ATOM   265  O  OD2 . ASP A 1 43  ? -1.326  14.980  15.987  1.00 27.10 ? 43   ASP A OD2 1 
ATOM   266  N  N   . ASN A 1 44  ? 1.038   11.866  15.652  1.00 23.11 ? 44   ASN A N   1 
ATOM   267  C  CA  . ASN A 1 44  ? 1.739   11.817  14.366  1.00 22.70 ? 44   ASN A CA  1 
ATOM   268  C  C   . ASN A 1 44  ? 1.547   10.448  13.730  1.00 22.29 ? 44   ASN A C   1 
ATOM   269  O  O   . ASN A 1 44  ? 1.292   10.340  12.514  1.00 22.17 ? 44   ASN A O   1 
ATOM   270  C  CB  . ASN A 1 44  ? 3.239   12.058  14.559  1.00 23.21 ? 44   ASN A CB  1 
ATOM   271  C  CG  . ASN A 1 44  ? 3.605   13.529  14.491  1.00 23.61 ? 44   ASN A CG  1 
ATOM   272  O  OD1 . ASN A 1 44  ? 2.748   14.391  14.585  1.00 24.33 ? 44   ASN A OD1 1 
ATOM   273  N  ND2 . ASN A 1 44  ? 4.885   13.814  14.316  1.00 24.05 ? 44   ASN A ND2 1 
ATOM   274  N  N   . PHE A 1 45  ? 1.686   9.407   14.543  1.00 21.61 ? 45   PHE A N   1 
ATOM   275  C  CA  . PHE A 1 45  ? 1.537   8.050   14.035  1.00 21.13 ? 45   PHE A CA  1 
ATOM   276  C  C   . PHE A 1 45  ? 0.134   7.860   13.487  1.00 20.90 ? 45   PHE A C   1 
ATOM   277  O  O   . PHE A 1 45  ? -0.056  7.247   12.428  1.00 20.53 ? 45   PHE A O   1 
ATOM   278  C  CB  . PHE A 1 45  ? 1.821   7.012   15.125  1.00 20.89 ? 45   PHE A CB  1 
ATOM   279  C  CG  . PHE A 1 45  ? 1.875   5.610   14.599  1.00 20.71 ? 45   PHE A CG  1 
ATOM   280  C  CD1 . PHE A 1 45  ? 2.928   5.199   13.791  1.00 20.68 ? 45   PHE A CD1 1 
ATOM   281  C  CD2 . PHE A 1 45  ? 0.847   4.729   14.855  1.00 20.77 ? 45   PHE A CD2 1 
ATOM   282  C  CE1 . PHE A 1 45  ? 2.949   3.927   13.239  1.00 20.68 ? 45   PHE A CE1 1 
ATOM   283  C  CE2 . PHE A 1 45  ? 0.846   3.446   14.313  1.00 20.66 ? 45   PHE A CE2 1 
ATOM   284  C  CZ  . PHE A 1 45  ? 1.901   3.039   13.499  1.00 20.45 ? 45   PHE A CZ  1 
ATOM   285  N  N   . ALA A 1 46  ? -0.863  8.396   14.191  1.00 20.55 ? 46   ALA A N   1 
ATOM   286  C  CA  . ALA A 1 46  ? -2.240  8.270   13.728  1.00 20.50 ? 46   ALA A CA  1 
ATOM   287  C  C   . ALA A 1 46  ? -2.476  8.911   12.362  1.00 20.41 ? 46   ALA A C   1 
ATOM   288  O  O   . ALA A 1 46  ? -3.269  8.421   11.566  1.00 20.47 ? 46   ALA A O   1 
ATOM   289  C  CB  . ALA A 1 46  ? -3.199  8.862   14.766  1.00 20.50 ? 46   ALA A CB  1 
ATOM   290  N  N   . ARG A 1 47  ? -1.784  10.013  12.089  1.00 20.35 ? 47   ARG A N   1 
ATOM   291  C  CA  . ARG A 1 47  ? -1.906  10.693  10.806  1.00 20.27 ? 47   ARG A CA  1 
ATOM   292  C  C   . ARG A 1 47  ? -1.294  9.806   9.700   1.00 19.80 ? 47   ARG A C   1 
ATOM   293  O  O   . ARG A 1 47  ? -1.754  9.802   8.558   1.00 19.30 ? 47   ARG A O   1 
ATOM   294  C  CB  . ARG A 1 47  ? -1.211  12.056  10.897  1.00 21.09 ? 47   ARG A CB  1 
ATOM   295  C  CG  . ARG A 1 47  ? -2.009  13.063  11.766  1.00 22.20 ? 47   ARG A CG  1 
ATOM   296  C  CD  . ARG A 1 47  ? -1.206  14.333  12.002  1.00 23.42 ? 47   ARG A CD  1 
ATOM   297  N  NE  . ARG A 1 47  ? -1.921  15.336  12.799  1.00 24.66 ? 47   ARG A NE  1 
ATOM   298  C  CZ  . ARG A 1 47  ? -2.617  16.353  12.291  1.00 25.14 ? 47   ARG A CZ  1 
ATOM   299  N  NH1 . ARG A 1 47  ? -2.720  16.522  10.973  1.00 25.56 ? 47   ARG A NH1 1 
ATOM   300  N  NH2 . ARG A 1 47  ? -3.179  17.239  13.105  1.00 25.87 ? 47   ARG A NH2 1 
ATOM   301  N  N   . PHE A 1 48  ? -0.283  9.032   10.064  1.00 19.38 ? 48   PHE A N   1 
ATOM   302  C  CA  . PHE A 1 48  ? 0.350   8.105   9.121   1.00 19.17 ? 48   PHE A CA  1 
ATOM   303  C  C   . PHE A 1 48  ? -0.635  6.948   8.879   1.00 18.88 ? 48   PHE A C   1 
ATOM   304  O  O   . PHE A 1 48  ? -0.872  6.537   7.739   1.00 18.47 ? 48   PHE A O   1 
ATOM   305  C  CB  . PHE A 1 48  ? 1.661   7.575   9.713   1.00 19.71 ? 48   PHE A CB  1 
ATOM   306  C  CG  . PHE A 1 48  ? 2.357   6.562   8.850   1.00 20.27 ? 48   PHE A CG  1 
ATOM   307  C  CD1 . PHE A 1 48  ? 2.858   6.922   7.610   1.00 20.64 ? 48   PHE A CD1 1 
ATOM   308  C  CD2 . PHE A 1 48  ? 2.538   5.264   9.298   1.00 20.75 ? 48   PHE A CD2 1 
ATOM   309  C  CE1 . PHE A 1 48  ? 3.540   6.001   6.821   1.00 20.85 ? 48   PHE A CE1 1 
ATOM   310  C  CE2 . PHE A 1 48  ? 3.218   4.330   8.527   1.00 21.08 ? 48   PHE A CE2 1 
ATOM   311  C  CZ  . PHE A 1 48  ? 3.724   4.710   7.275   1.00 21.11 ? 48   PHE A CZ  1 
ATOM   312  N  N   . VAL A 1 49  ? -1.238  6.436   9.948   1.00 18.40 ? 49   VAL A N   1 
ATOM   313  C  CA  . VAL A 1 49  ? -2.214  5.353   9.782   1.00 18.26 ? 49   VAL A CA  1 
ATOM   314  C  C   . VAL A 1 49  ? -3.371  5.846   8.921   1.00 17.96 ? 49   VAL A C   1 
ATOM   315  O  O   . VAL A 1 49  ? -3.930  5.086   8.119   1.00 17.87 ? 49   VAL A O   1 
ATOM   316  C  CB  . VAL A 1 49  ? -2.802  4.847   11.157  1.00 18.30 ? 49   VAL A CB  1 
ATOM   317  C  CG1 . VAL A 1 49  ? -3.858  3.755   10.890  1.00 18.41 ? 49   VAL A CG1 1 
ATOM   318  C  CG2 . VAL A 1 49  ? -1.703  4.280   12.035  1.00 18.51 ? 49   VAL A CG2 1 
ATOM   319  N  N   . ALA A 1 50  ? -3.745  7.116   9.083   1.00 17.90 ? 50   ALA A N   1 
ATOM   320  C  CA  . ALA A 1 50  ? -4.846  7.678   8.304   1.00 17.84 ? 50   ALA A CA  1 
ATOM   321  C  C   . ALA A 1 50  ? -4.508  7.637   6.807   1.00 17.80 ? 50   ALA A C   1 
ATOM   322  O  O   . ALA A 1 50  ? -5.373  7.406   5.980   1.00 17.70 ? 50   ALA A O   1 
ATOM   323  C  CB  . ALA A 1 50  ? -5.145  9.135   8.743   1.00 17.89 ? 50   ALA A CB  1 
ATOM   324  N  N   . ALA A 1 51  ? -3.246  7.894   6.474   1.00 17.85 ? 51   ALA A N   1 
ATOM   325  C  CA  . ALA A 1 51  ? -2.834  7.875   5.069   1.00 18.04 ? 51   ALA A CA  1 
ATOM   326  C  C   . ALA A 1 51  ? -2.924  6.447   4.517   1.00 18.37 ? 51   ALA A C   1 
ATOM   327  O  O   . ALA A 1 51  ? -3.367  6.232   3.375   1.00 18.20 ? 51   ALA A O   1 
ATOM   328  C  CB  . ALA A 1 51  ? -1.410  8.414   4.942   1.00 17.99 ? 51   ALA A CB  1 
ATOM   329  N  N   . GLN A 1 52  ? -2.502  5.477   5.324   1.00 19.06 ? 52   GLN A N   1 
ATOM   330  C  CA  . GLN A 1 52  ? -2.561  4.062   4.933   1.00 19.68 ? 52   GLN A CA  1 
ATOM   331  C  C   . GLN A 1 52  ? -4.007  3.647   4.739   1.00 19.59 ? 52   GLN A C   1 
ATOM   332  O  O   . GLN A 1 52  ? -4.364  2.943   3.786   1.00 19.16 ? 52   GLN A O   1 
ATOM   333  C  CB  . GLN A 1 52  ? -1.929  3.209   6.022   1.00 20.62 ? 52   GLN A CB  1 
ATOM   334  C  CG  . GLN A 1 52  ? -0.459  3.493   6.235   1.00 22.24 ? 52   GLN A CG  1 
ATOM   335  C  CD  . GLN A 1 52  ? 0.444   2.454   5.616   1.00 23.17 ? 52   GLN A CD  1 
ATOM   336  O  OE1 . GLN A 1 52  ? 0.424   2.229   4.397   1.00 23.88 ? 52   GLN A OE1 1 
ATOM   337  N  NE2 . GLN A 1 52  ? 1.242   1.795   6.456   1.00 24.03 ? 52   GLN A NE2 1 
ATOM   338  N  N   . TYR A 1 53  ? -4.857  4.073   5.667   1.00 19.46 ? 53   TYR A N   1 
ATOM   339  C  CA  . TYR A 1 53  ? -6.267  3.769   5.570   1.00 19.42 ? 53   TYR A CA  1 
ATOM   340  C  C   . TYR A 1 53  ? -6.877  4.330   4.272   1.00 19.01 ? 53   TYR A C   1 
ATOM   341  O  O   . TYR A 1 53  ? -7.655  3.674   3.578   1.00 18.90 ? 53   TYR A O   1 
ATOM   342  C  CB  . TYR A 1 53  ? -6.971  4.354   6.798   1.00 20.22 ? 53   TYR A CB  1 
ATOM   343  C  CG  . TYR A 1 53  ? -8.458  4.376   6.672   1.00 21.15 ? 53   TYR A CG  1 
ATOM   344  C  CD1 . TYR A 1 53  ? -9.213  3.241   6.956   1.00 21.75 ? 53   TYR A CD1 1 
ATOM   345  C  CD2 . TYR A 1 53  ? -9.110  5.517   6.225   1.00 21.38 ? 53   TYR A CD2 1 
ATOM   346  C  CE1 . TYR A 1 53  ? -10.598 3.252   6.795   1.00 22.52 ? 53   TYR A CE1 1 
ATOM   347  C  CE2 . TYR A 1 53  ? -10.480 5.545   6.056   1.00 22.45 ? 53   TYR A CE2 1 
ATOM   348  C  CZ  . TYR A 1 53  ? -11.225 4.402   6.348   1.00 22.56 ? 53   TYR A CZ  1 
ATOM   349  O  OH  . TYR A 1 53  ? -12.594 4.448   6.213   1.00 23.72 ? 53   TYR A OH  1 
ATOM   350  N  N   . LEU A 1 54  ? -6.519  5.557   3.922   1.00 18.44 ? 54   LEU A N   1 
ATOM   351  C  CA  . LEU A 1 54  ? -7.078  6.123   2.712   1.00 18.21 ? 54   LEU A CA  1 
ATOM   352  C  C   . LEU A 1 54  ? -6.577  5.394   1.467   1.00 18.22 ? 54   LEU A C   1 
ATOM   353  O  O   . LEU A 1 54  ? -7.315  5.246   0.490   1.00 18.01 ? 54   LEU A O   1 
ATOM   354  C  CB  . LEU A 1 54  ? -6.748  7.612   2.634   1.00 17.94 ? 54   LEU A CB  1 
ATOM   355  C  CG  . LEU A 1 54  ? -7.531  8.482   3.626   1.00 17.80 ? 54   LEU A CG  1 
ATOM   356  C  CD1 . LEU A 1 54  ? -6.934  9.861   3.616   1.00 17.58 ? 54   LEU A CD1 1 
ATOM   357  C  CD2 . LEU A 1 54  ? -8.986  8.534   3.242   1.00 17.71 ? 54   LEU A CD2 1 
ATOM   358  N  N   . PHE A 1 55  ? -5.331  4.942   1.512   1.00 18.37 ? 55   PHE A N   1 
ATOM   359  C  CA  . PHE A 1 55  ? -4.762  4.218   0.367   1.00 18.66 ? 55   PHE A CA  1 
ATOM   360  C  C   . PHE A 1 55  ? -5.539  2.902   0.215   1.00 19.12 ? 55   PHE A C   1 
ATOM   361  O  O   . PHE A 1 55  ? -5.817  2.465   -0.900  1.00 18.99 ? 55   PHE A O   1 
ATOM   362  C  CB  . PHE A 1 55  ? -3.272  3.980   0.614   1.00 18.14 ? 55   PHE A CB  1 
ATOM   363  C  CG  . PHE A 1 55  ? -2.491  3.543   -0.614  1.00 17.99 ? 55   PHE A CG  1 
ATOM   364  C  CD1 . PHE A 1 55  ? -2.497  4.306   -1.779  1.00 18.02 ? 55   PHE A CD1 1 
ATOM   365  C  CD2 . PHE A 1 55  ? -1.688  2.411   -0.553  1.00 18.15 ? 55   PHE A CD2 1 
ATOM   366  C  CE1 . PHE A 1 55  ? -1.696  3.947   -2.885  1.00 17.97 ? 55   PHE A CE1 1 
ATOM   367  C  CE2 . PHE A 1 55  ? -0.890  2.049   -1.644  1.00 18.12 ? 55   PHE A CE2 1 
ATOM   368  C  CZ  . PHE A 1 55  ? -0.898  2.824   -2.806  1.00 18.07 ? 55   PHE A CZ  1 
ATOM   369  N  N   . GLN A 1 56  ? -5.919  2.292   1.338   1.00 19.96 ? 56   GLN A N   1 
ATOM   370  C  CA  . GLN A 1 56  ? -6.716  1.052   1.279   1.00 20.81 ? 56   GLN A CA  1 
ATOM   371  C  C   . GLN A 1 56  ? -8.055  1.267   0.581   1.00 21.22 ? 56   GLN A C   1 
ATOM   372  O  O   . GLN A 1 56  ? -8.548  0.372   -0.114  1.00 21.21 ? 56   GLN A O   1 
ATOM   373  C  CB  . GLN A 1 56  ? -6.991  0.520   2.683   1.00 21.44 ? 56   GLN A CB  1 
ATOM   374  C  CG  . GLN A 1 56  ? -5.798  -0.046  3.349   1.00 22.22 ? 56   GLN A CG  1 
ATOM   375  C  CD  . GLN A 1 56  ? -5.245  -1.196  2.588   1.00 23.12 ? 56   GLN A CD  1 
ATOM   376  O  OE1 . GLN A 1 56  ? -5.992  -2.091  2.176   1.00 23.74 ? 56   GLN A OE1 1 
ATOM   377  N  NE2 . GLN A 1 56  ? -3.931  -1.196  2.375   1.00 23.59 ? 56   GLN A NE2 1 
ATOM   378  N  N   . HIS A 1 57  ? -8.659  2.443   0.771   1.00 21.47 ? 57   HIS A N   1 
ATOM   379  C  CA  . HIS A 1 57  ? -9.936  2.762   0.139   1.00 21.86 ? 57   HIS A CA  1 
ATOM   380  C  C   . HIS A 1 57  ? -9.742  2.844   -1.367  1.00 21.74 ? 57   HIS A C   1 
ATOM   381  O  O   . HIS A 1 57  ? -10.604 2.428   -2.142  1.00 21.82 ? 57   HIS A O   1 
ATOM   382  C  CB  . HIS A 1 57  ? -10.471 4.102   0.677   1.00 22.63 ? 57   HIS A CB  1 
ATOM   383  C  CG  . HIS A 1 57  ? -11.888 4.403   0.290   1.00 23.28 ? 57   HIS A CG  1 
ATOM   384  N  ND1 . HIS A 1 57  ? -12.949 3.585   0.621   1.00 23.87 ? 57   HIS A ND1 1 
ATOM   385  C  CD2 . HIS A 1 57  ? -12.424 5.460   -0.368  1.00 23.62 ? 57   HIS A CD2 1 
ATOM   386  C  CE1 . HIS A 1 57  ? -14.075 4.122   0.183   1.00 23.74 ? 57   HIS A CE1 1 
ATOM   387  N  NE2 . HIS A 1 57  ? -13.784 5.262   -0.422  1.00 24.02 ? 57   HIS A NE2 1 
ATOM   388  N  N   . ASP A 1 58  ? -8.594  3.370   -1.787  1.00 21.32 ? 58   ASP A N   1 
ATOM   389  C  CA  . ASP A 1 58  ? -8.315  3.467   -3.210  1.00 21.36 ? 58   ASP A CA  1 
ATOM   390  C  C   . ASP A 1 58  ? -8.167  2.072   -3.791  1.00 21.34 ? 58   ASP A C   1 
ATOM   391  O  O   . ASP A 1 58  ? -8.591  1.826   -4.909  1.00 21.44 ? 58   ASP A O   1 
ATOM   392  C  CB  . ASP A 1 58  ? -6.987  4.171   -3.499  1.00 20.76 ? 58   ASP A CB  1 
ATOM   393  C  CG  . ASP A 1 58  ? -6.977  5.639   -3.115  1.00 20.57 ? 58   ASP A CG  1 
ATOM   394  O  OD1 . ASP A 1 58  ? -8.045  6.280   -3.075  1.00 20.26 ? 58   ASP A OD1 1 
ATOM   395  O  OD2 . ASP A 1 58  ? -5.868  6.139   -2.866  1.00 20.21 ? 58   ASP A OD2 1 
ATOM   396  N  N   . LEU A 1 59  ? -7.532  1.190   -3.033  1.00 21.78 ? 59   LEU A N   1 
ATOM   397  C  CA  . LEU A 1 59  ? -7.244  -0.164  -3.495  1.00 22.19 ? 59   LEU A CA  1 
ATOM   398  C  C   . LEU A 1 59  ? -8.364  -1.176  -3.356  1.00 22.67 ? 59   LEU A C   1 
ATOM   399  O  O   . LEU A 1 59  ? -8.326  -2.219  -4.012  1.00 22.24 ? 59   LEU A O   1 
ATOM   400  C  CB  . LEU A 1 59  ? -5.998  -0.718  -2.786  1.00 22.39 ? 59   LEU A CB  1 
ATOM   401  C  CG  . LEU A 1 59  ? -4.576  -0.467  -3.337  1.00 22.70 ? 59   LEU A CG  1 
ATOM   402  C  CD1 . LEU A 1 59  ? -4.369  -1.330  -4.569  1.00 22.94 ? 59   LEU A CD1 1 
ATOM   403  C  CD2 . LEU A 1 59  ? -4.356  0.986   -3.682  1.00 22.87 ? 59   LEU A CD2 1 
ATOM   404  N  N   . GLU A 1 60  ? -9.356  -0.866  -2.531  1.00 23.23 ? 60   GLU A N   1 
ATOM   405  C  CA  . GLU A 1 60  ? -10.472 -1.795  -2.318  1.00 24.07 ? 60   GLU A CA  1 
ATOM   406  C  C   . GLU A 1 60  ? -11.092 -2.401  -3.577  1.00 24.17 ? 60   GLU A C   1 
ATOM   407  O  O   . GLU A 1 60  ? -11.232 -3.616  -3.668  1.00 24.19 ? 60   GLU A O   1 
ATOM   408  C  CB  . GLU A 1 60  ? -11.576 -1.126  -1.511  1.00 24.64 ? 60   GLU A CB  1 
ATOM   409  C  CG  . GLU A 1 60  ? -12.676 -2.098  -1.080  1.00 25.74 ? 60   GLU A CG  1 
ATOM   410  C  CD  . GLU A 1 60  ? -14.025 -1.423  -0.977  1.00 26.37 ? 60   GLU A CD  1 
ATOM   411  O  OE1 . GLU A 1 60  ? -14.158 -0.431  -0.225  1.00 26.88 ? 60   GLU A OE1 1 
ATOM   412  O  OE2 . GLU A 1 60  ? -14.957 -1.886  -1.664  1.00 27.18 ? 60   GLU A OE2 1 
ATOM   413  N  N   . PRO A 1 61  ? -11.482 -1.574  -4.558  1.00 24.38 ? 61   PRO A N   1 
ATOM   414  C  CA  . PRO A 1 61  ? -12.075 -2.174  -5.755  1.00 24.54 ? 61   PRO A CA  1 
ATOM   415  C  C   . PRO A 1 61  ? -11.143 -3.095  -6.528  1.00 24.61 ? 61   PRO A C   1 
ATOM   416  O  O   . PRO A 1 61  ? -11.599 -3.888  -7.343  1.00 24.64 ? 61   PRO A O   1 
ATOM   417  C  CB  . PRO A 1 61  ? -12.529 -0.977  -6.590  1.00 24.64 ? 61   PRO A CB  1 
ATOM   418  C  CG  . PRO A 1 61  ? -11.795 0.209   -5.991  1.00 24.77 ? 61   PRO A CG  1 
ATOM   419  C  CD  . PRO A 1 61  ? -11.624 -0.110  -4.552  1.00 24.45 ? 61   PRO A CD  1 
ATOM   420  N  N   . LEU A 1 62  ? -9.845  -2.990  -6.274  1.00 24.66 ? 62   LEU A N   1 
ATOM   421  C  CA  . LEU A 1 62  ? -8.893  -3.847  -6.963  1.00 24.97 ? 62   LEU A CA  1 
ATOM   422  C  C   . LEU A 1 62  ? -8.737  -5.171  -6.214  1.00 25.30 ? 62   LEU A C   1 
ATOM   423  O  O   . LEU A 1 62  ? -8.760  -6.242  -6.820  1.00 25.23 ? 62   LEU A O   1 
ATOM   424  C  CB  . LEU A 1 62  ? -7.533  -3.134  -7.094  1.00 24.78 ? 62   LEU A CB  1 
ATOM   425  C  CG  . LEU A 1 62  ? -7.558  -1.796  -7.837  1.00 24.78 ? 62   LEU A CG  1 
ATOM   426  C  CD1 . LEU A 1 62  ? -6.122  -1.276  -7.988  1.00 24.73 ? 62   LEU A CD1 1 
ATOM   427  C  CD2 . LEU A 1 62  ? -8.196  -1.949  -9.204  1.00 24.92 ? 62   LEU A CD2 1 
ATOM   428  N  N   . TYR A 1 63  ? -8.606  -5.101  -4.896  1.00 25.88 ? 63   TYR A N   1 
ATOM   429  C  CA  . TYR A 1 63  ? -8.443  -6.315  -4.094  1.00 26.65 ? 63   TYR A CA  1 
ATOM   430  C  C   . TYR A 1 63  ? -9.711  -7.188  -4.133  1.00 27.01 ? 63   TYR A C   1 
ATOM   431  O  O   . TYR A 1 63  ? -9.649  -8.387  -3.848  1.00 27.18 ? 63   TYR A O   1 
ATOM   432  C  CB  . TYR A 1 63  ? -8.104  -5.961  -2.643  1.00 27.11 ? 63   TYR A CB  1 
ATOM   433  C  CG  . TYR A 1 63  ? -6.644  -5.608  -2.389  1.00 27.57 ? 63   TYR A CG  1 
ATOM   434  C  CD1 . TYR A 1 63  ? -6.294  -4.405  -1.758  1.00 27.85 ? 63   TYR A CD1 1 
ATOM   435  C  CD2 . TYR A 1 63  ? -5.621  -6.484  -2.752  1.00 27.84 ? 63   TYR A CD2 1 
ATOM   436  C  CE1 . TYR A 1 63  ? -4.950  -4.090  -1.496  1.00 28.05 ? 63   TYR A CE1 1 
ATOM   437  C  CE2 . TYR A 1 63  ? -4.274  -6.183  -2.496  1.00 27.98 ? 63   TYR A CE2 1 
ATOM   438  C  CZ  . TYR A 1 63  ? -3.947  -4.987  -1.873  1.00 28.20 ? 63   TYR A CZ  1 
ATOM   439  O  OH  . TYR A 1 63  ? -2.615  -4.676  -1.660  1.00 28.32 ? 63   TYR A OH  1 
ATOM   440  N  N   . ARG A 1 64  ? -10.842 -6.596  -4.507  1.00 27.22 ? 64   ARG A N   1 
ATOM   441  C  CA  . ARG A 1 64  ? -12.104 -7.338  -4.568  1.00 27.60 ? 64   ARG A CA  1 
ATOM   442  C  C   . ARG A 1 64  ? -12.614 -7.561  -5.983  1.00 27.58 ? 64   ARG A C   1 
ATOM   443  O  O   . ARG A 1 64  ? -13.736 -8.024  -6.179  1.00 27.64 ? 64   ARG A O   1 
ATOM   444  C  CB  . ARG A 1 64  ? -13.180 -6.602  -3.778  1.00 27.90 ? 64   ARG A CB  1 
ATOM   445  C  CG  . ARG A 1 64  ? -12.748 -6.243  -2.387  1.00 28.54 ? 64   ARG A CG  1 
ATOM   446  C  CD  . ARG A 1 64  ? -13.896 -5.648  -1.628  1.00 29.03 ? 64   ARG A CD  1 
ATOM   447  N  NE  . ARG A 1 64  ? -14.951 -6.639  -1.456  1.00 29.66 ? 64   ARG A NE  1 
ATOM   448  C  CZ  . ARG A 1 64  ? -16.148 -6.370  -0.948  1.00 29.86 ? 64   ARG A CZ  1 
ATOM   449  N  NH1 . ARG A 1 64  ? -16.442 -5.129  -0.568  1.00 30.04 ? 64   ARG A NH1 1 
ATOM   450  N  NH2 . ARG A 1 64  ? -17.032 -7.349  -0.794  1.00 29.89 ? 64   ARG A NH2 1 
ATOM   451  N  N   . ASN A 1 65  ? -11.804 -7.230  -6.975  1.00 27.47 ? 65   ASN A N   1 
ATOM   452  C  CA  . ASN A 1 65  ? -12.207 -7.403  -8.361  1.00 27.46 ? 65   ASN A CA  1 
ATOM   453  C  C   . ASN A 1 65  ? -12.171 -8.887  -8.738  1.00 27.56 ? 65   ASN A C   1 
ATOM   454  O  O   . ASN A 1 65  ? -11.156 -9.551  -8.545  1.00 27.41 ? 65   ASN A O   1 
ATOM   455  C  CB  . ASN A 1 65  ? -11.268 -6.611  -9.267  1.00 27.44 ? 65   ASN A CB  1 
ATOM   456  C  CG  . ASN A 1 65  ? -11.622 -6.745  -10.723 1.00 27.48 ? 65   ASN A CG  1 
ATOM   457  O  OD1 . ASN A 1 65  ? -11.115 -7.620  -11.412 1.00 27.29 ? 65   ASN A OD1 1 
ATOM   458  N  ND2 . ASN A 1 65  ? -12.507 -5.877  -11.202 1.00 27.54 ? 65   ASN A ND2 1 
ATOM   459  N  N   . GLU A 1 66  ? -13.269 -9.405  -9.281  1.00 27.76 ? 66   GLU A N   1 
ATOM   460  C  CA  . GLU A 1 66  ? -13.304 -10.826 -9.635  1.00 27.93 ? 66   GLU A CA  1 
ATOM   461  C  C   . GLU A 1 66  ? -12.213 -11.255 -10.616 1.00 27.54 ? 66   GLU A C   1 
ATOM   462  O  O   . GLU A 1 66  ? -11.592 -12.314 -10.431 1.00 27.43 ? 66   GLU A O   1 
ATOM   463  C  CB  . GLU A 1 66  ? -14.703 -11.229 -10.143 1.00 28.67 ? 66   GLU A CB  1 
ATOM   464  C  CG  . GLU A 1 66  ? -15.399 -10.192 -10.995 1.00 29.81 ? 66   GLU A CG  1 
ATOM   465  C  CD  . GLU A 1 66  ? -16.843 -10.558 -11.310 1.00 30.56 ? 66   GLU A CD  1 
ATOM   466  O  OE1 . GLU A 1 66  ? -17.079 -11.652 -11.892 1.00 31.24 ? 66   GLU A OE1 1 
ATOM   467  O  OE2 . GLU A 1 66  ? -17.743 -9.747  -10.982 1.00 31.12 ? 66   GLU A OE2 1 
ATOM   468  N  N   . ALA A 1 67  ? -11.947 -10.441 -11.635 1.00 27.15 ? 67   ALA A N   1 
ATOM   469  C  CA  . ALA A 1 67  ? -10.894 -10.785 -12.597 1.00 26.80 ? 67   ALA A CA  1 
ATOM   470  C  C   . ALA A 1 67  ? -9.518  -10.872 -11.947 1.00 26.54 ? 67   ALA A C   1 
ATOM   471  O  O   . ALA A 1 67  ? -8.751  -11.792 -12.229 1.00 26.31 ? 67   ALA A O   1 
ATOM   472  C  CB  . ALA A 1 67  ? -10.850 -9.768  -13.736 1.00 26.79 ? 67   ALA A CB  1 
ATOM   473  N  N   . LEU A 1 68  ? -9.189  -9.905  -11.088 1.00 26.19 ? 68   LEU A N   1 
ATOM   474  C  CA  . LEU A 1 68  ? -7.884  -9.918  -10.442 1.00 26.08 ? 68   LEU A CA  1 
ATOM   475  C  C   . LEU A 1 68  ? -7.785  -11.003 -9.375  1.00 26.11 ? 68   LEU A C   1 
ATOM   476  O  O   . LEU A 1 68  ? -6.696  -11.527 -9.125  1.00 26.01 ? 68   LEU A O   1 
ATOM   477  C  CB  . LEU A 1 68  ? -7.576  -8.542  -9.841  1.00 25.83 ? 68   LEU A CB  1 
ATOM   478  C  CG  . LEU A 1 68  ? -7.479  -7.426  -10.884 1.00 25.82 ? 68   LEU A CG  1 
ATOM   479  C  CD1 . LEU A 1 68  ? -7.391  -6.091  -10.169 1.00 25.74 ? 68   LEU A CD1 1 
ATOM   480  C  CD2 . LEU A 1 68  ? -6.271  -7.642  -11.796 1.00 25.83 ? 68   LEU A CD2 1 
ATOM   481  N  N   . ALA A 1 69  ? -8.922  -11.340 -8.762  1.00 26.31 ? 69   ALA A N   1 
ATOM   482  C  CA  . ALA A 1 69  ? -8.957  -12.377 -7.739  1.00 26.61 ? 69   ALA A CA  1 
ATOM   483  C  C   . ALA A 1 69  ? -8.662  -13.723 -8.373  1.00 26.86 ? 69   ALA A C   1 
ATOM   484  O  O   . ALA A 1 69  ? -8.067  -14.603 -7.734  1.00 26.90 ? 69   ALA A O   1 
ATOM   485  C  CB  . ALA A 1 69  ? -10.315 -12.413 -7.059  1.00 26.71 ? 69   ALA A CB  1 
ATOM   486  N  N   . ARG A 1 70  ? -9.093  -13.893 -9.621  1.00 27.15 ? 70   ARG A N   1 
ATOM   487  C  CA  . ARG A 1 70  ? -8.835  -15.138 -10.337 1.00 27.52 ? 70   ARG A CA  1 
ATOM   488  C  C   . ARG A 1 70  ? -7.338  -15.235 -10.632 1.00 27.40 ? 70   ARG A C   1 
ATOM   489  O  O   . ARG A 1 70  ? -6.745  -16.303 -10.523 1.00 27.60 ? 70   ARG A O   1 
ATOM   490  C  CB  . ARG A 1 70  ? -9.625  -15.202 -11.652 1.00 28.09 ? 70   ARG A CB  1 
ATOM   491  C  CG  . ARG A 1 70  ? -11.137 -15.230 -11.487 1.00 29.05 ? 70   ARG A CG  1 
ATOM   492  C  CD  . ARG A 1 70  ? -11.834 -15.921 -12.677 1.00 29.92 ? 70   ARG A CD  1 
ATOM   493  N  NE  . ARG A 1 70  ? -12.672 -15.001 -13.438 1.00 30.80 ? 70   ARG A NE  1 
ATOM   494  C  CZ  . ARG A 1 70  ? -12.203 -13.968 -14.135 1.00 30.88 ? 70   ARG A CZ  1 
ATOM   495  N  NH1 . ARG A 1 70  ? -10.905 -13.730 -14.171 1.00 31.56 ? 70   ARG A NH1 1 
ATOM   496  N  NH2 . ARG A 1 70  ? -13.028 -13.164 -14.788 1.00 31.39 ? 70   ARG A NH2 1 
ATOM   497  N  N   . LEU A 1 71  ? -6.718  -14.114 -10.984 1.00 27.19 ? 71   LEU A N   1 
ATOM   498  C  CA  . LEU A 1 71  ? -5.293  -14.124 -11.284 1.00 26.95 ? 71   LEU A CA  1 
ATOM   499  C  C   . LEU A 1 71  ? -4.448  -14.285 -10.024 1.00 26.71 ? 71   LEU A C   1 
ATOM   500  O  O   . LEU A 1 71  ? -3.426  -14.952 -10.041 1.00 26.37 ? 71   LEU A O   1 
ATOM   501  C  CB  . LEU A 1 71  ? -4.895  -12.835 -12.015 1.00 27.14 ? 71   LEU A CB  1 
ATOM   502  C  CG  . LEU A 1 71  ? -5.773  -12.519 -13.226 1.00 27.34 ? 71   LEU A CG  1 
ATOM   503  C  CD1 . LEU A 1 71  ? -5.231  -11.290 -13.937 1.00 27.48 ? 71   LEU A CD1 1 
ATOM   504  C  CD2 . LEU A 1 71  ? -5.800  -13.718 -14.185 1.00 27.66 ? 71   LEU A CD2 1 
ATOM   505  N  N   . PHE A 1 72  ? -4.889  -13.672 -8.927  1.00 26.66 ? 72   PHE A N   1 
ATOM   506  C  CA  . PHE A 1 72  ? -4.159  -13.726 -7.664  1.00 26.84 ? 72   PHE A CA  1 
ATOM   507  C  C   . PHE A 1 72  ? -4.984  -14.402 -6.553  1.00 27.22 ? 72   PHE A C   1 
ATOM   508  O  O   . PHE A 1 72  ? -5.658  -13.732 -5.774  1.00 27.42 ? 72   PHE A O   1 
ATOM   509  C  CB  . PHE A 1 72  ? -3.771  -12.297 -7.227  1.00 26.35 ? 72   PHE A CB  1 
ATOM   510  C  CG  . PHE A 1 72  ? -2.868  -11.573 -8.207  1.00 25.85 ? 72   PHE A CG  1 
ATOM   511  C  CD1 . PHE A 1 72  ? -3.403  -10.784 -9.221  1.00 25.65 ? 72   PHE A CD1 1 
ATOM   512  C  CD2 . PHE A 1 72  ? -1.486  -11.685 -8.114  1.00 25.65 ? 72   PHE A CD2 1 
ATOM   513  C  CE1 . PHE A 1 72  ? -2.565  -10.115 -10.128 1.00 25.73 ? 72   PHE A CE1 1 
ATOM   514  C  CE2 . PHE A 1 72  ? -0.648  -11.022 -9.018  1.00 25.63 ? 72   PHE A CE2 1 
ATOM   515  C  CZ  . PHE A 1 72  ? -1.192  -10.239 -10.021 1.00 25.51 ? 72   PHE A CZ  1 
ATOM   516  N  N   . PRO A 1 73  ? -4.941  -15.740 -6.465  1.00 27.66 ? 73   PRO A N   1 
ATOM   517  C  CA  . PRO A 1 73  ? -5.724  -16.408 -5.410  1.00 27.89 ? 73   PRO A CA  1 
ATOM   518  C  C   . PRO A 1 73  ? -5.370  -15.907 -4.011  1.00 28.10 ? 73   PRO A C   1 
ATOM   519  O  O   . PRO A 1 73  ? -4.197  -15.826 -3.655  1.00 28.17 ? 73   PRO A O   1 
ATOM   520  C  CB  . PRO A 1 73  ? -5.407  -17.897 -5.623  1.00 27.99 ? 73   PRO A CB  1 
ATOM   521  C  CG  . PRO A 1 73  ? -4.081  -17.891 -6.381  1.00 27.94 ? 73   PRO A CG  1 
ATOM   522  C  CD  . PRO A 1 73  ? -4.244  -16.717 -7.320  1.00 27.73 ? 73   PRO A CD  1 
ATOM   523  N  N   . GLY A 1 74  ? -6.393  -15.550 -3.234  1.00 28.34 ? 74   GLY A N   1 
ATOM   524  C  CA  . GLY A 1 74  ? -6.162  -15.044 -1.890  1.00 28.72 ? 74   GLY A CA  1 
ATOM   525  C  C   . GLY A 1 74  ? -6.076  -13.523 -1.888  1.00 28.94 ? 74   GLY A C   1 
ATOM   526  O  O   . GLY A 1 74  ? -5.860  -12.901 -0.853  1.00 28.98 ? 74   GLY A O   1 
ATOM   527  N  N   . LEU A 1 75  ? -6.261  -12.926 -3.062  1.00 29.17 ? 75   LEU A N   1 
ATOM   528  C  CA  . LEU A 1 75  ? -6.182  -11.472 -3.210  1.00 29.44 ? 75   LEU A CA  1 
ATOM   529  C  C   . LEU A 1 75  ? -6.911  -10.706 -2.107  1.00 29.54 ? 75   LEU A C   1 
ATOM   530  O  O   . LEU A 1 75  ? -6.308  -9.910  -1.399  1.00 29.60 ? 75   LEU A O   1 
ATOM   531  C  CB  . LEU A 1 75  ? -6.759  -11.043 -4.569  1.00 29.52 ? 75   LEU A CB  1 
ATOM   532  C  CG  . LEU A 1 75  ? -5.959  -10.060 -5.436  1.00 29.69 ? 75   LEU A CG  1 
ATOM   533  C  CD1 . LEU A 1 75  ? -6.916  -9.254  -6.280  1.00 29.61 ? 75   LEU A CD1 1 
ATOM   534  C  CD2 . LEU A 1 75  ? -5.088  -9.142  -4.591  1.00 29.76 ? 75   LEU A CD2 1 
ATOM   535  N  N   . ALA A 1 76  ? -8.210  -10.956 -1.967  1.00 29.71 ? 76   ALA A N   1 
ATOM   536  C  CA  . ALA A 1 76  ? -9.029  -10.269 -0.970  1.00 29.81 ? 76   ALA A CA  1 
ATOM   537  C  C   . ALA A 1 76  ? -8.383  -10.132 0.404   1.00 29.86 ? 76   ALA A C   1 
ATOM   538  O  O   . ALA A 1 76  ? -8.468  -9.078  1.035   1.00 29.82 ? 76   ALA A O   1 
ATOM   539  C  CB  . ALA A 1 76  ? -10.378 -10.973 -0.845  1.00 29.91 ? 76   ALA A CB  1 
ATOM   540  N  N   . SER A 1 77  ? -7.728  -11.190 0.862   1.00 29.89 ? 77   SER A N   1 
ATOM   541  C  CA  . SER A 1 77  ? -7.105  -11.173 2.178   1.00 29.96 ? 77   SER A CA  1 
ATOM   542  C  C   . SER A 1 77  ? -5.806  -10.374 2.264   1.00 29.76 ? 77   SER A C   1 
ATOM   543  O  O   . SER A 1 77  ? -5.143  -10.369 3.294   1.00 29.77 ? 77   SER A O   1 
ATOM   544  C  CB  . SER A 1 77  ? -6.866  -12.614 2.655   1.00 30.18 ? 77   SER A CB  1 
ATOM   545  O  OG  . SER A 1 77  ? -6.271  -13.398 1.632   1.00 30.90 ? 77   SER A OG  1 
ATOM   546  N  N   . ARG A 1 78  ? -5.423  -9.711  1.178   1.00 29.58 ? 78   ARG A N   1 
ATOM   547  C  CA  . ARG A 1 78  ? -4.205  -8.908  1.214   1.00 29.39 ? 78   ARG A CA  1 
ATOM   548  C  C   . ARG A 1 78  ? -4.559  -7.460  1.590   1.00 29.05 ? 78   ARG A C   1 
ATOM   549  O  O   . ARG A 1 78  ? -3.670  -6.615  1.746   1.00 29.18 ? 78   ARG A O   1 
ATOM   550  C  CB  . ARG A 1 78  ? -3.494  -8.913  -0.148  1.00 29.57 ? 78   ARG A CB  1 
ATOM   551  C  CG  . ARG A 1 78  ? -2.696  -10.178 -0.473  1.00 29.98 ? 78   ARG A CG  1 
ATOM   552  C  CD  . ARG A 1 78  ? -2.128  -10.068 -1.891  1.00 30.31 ? 78   ARG A CD  1 
ATOM   553  N  NE  . ARG A 1 78  ? -1.367  -11.243 -2.303  1.00 30.70 ? 78   ARG A NE  1 
ATOM   554  C  CZ  . ARG A 1 78  ? -0.153  -11.543 -1.852  1.00 30.97 ? 78   ARG A CZ  1 
ATOM   555  N  NH1 . ARG A 1 78  ? 0.440   -10.744 -0.975  1.00 31.12 ? 78   ARG A NH1 1 
ATOM   556  N  NH2 . ARG A 1 78  ? 0.462   -12.652 -2.257  1.00 30.81 ? 78   ARG A NH2 1 
ATOM   557  N  N   . ALA A 1 79  ? -5.851  -7.168  1.718   1.00 28.58 ? 79   ALA A N   1 
ATOM   558  C  CA  . ALA A 1 79  ? -6.266  -5.816  2.063   1.00 28.19 ? 79   ALA A CA  1 
ATOM   559  C  C   . ALA A 1 79  ? -6.003  -5.570  3.536   1.00 27.95 ? 79   ALA A C   1 
ATOM   560  O  O   . ALA A 1 79  ? -6.018  -6.504  4.336   1.00 28.01 ? 79   ALA A O   1 
ATOM   561  C  CB  . ALA A 1 79  ? -7.747  -5.614  1.763   1.00 28.18 ? 79   ALA A CB  1 
ATOM   562  N  N   . ARG A 1 80  ? -5.785  -4.309  3.897   1.00 27.58 ? 80   ARG A N   1 
ATOM   563  C  CA  . ARG A 1 80  ? -5.519  -3.968  5.294   1.00 27.25 ? 80   ARG A CA  1 
ATOM   564  C  C   . ARG A 1 80  ? -6.438  -2.887  5.860   1.00 26.83 ? 80   ARG A C   1 
ATOM   565  O  O   . ARG A 1 80  ? -6.095  -2.230  6.854   1.00 26.79 ? 80   ARG A O   1 
ATOM   566  C  CB  . ARG A 1 80  ? -4.059  -3.540  5.460   1.00 27.45 ? 80   ARG A CB  1 
ATOM   567  C  CG  . ARG A 1 80  ? -3.051  -4.693  5.351   1.00 27.79 ? 80   ARG A CG  1 
ATOM   568  C  CD  . ARG A 1 80  ? -1.641  -4.170  5.562   1.00 28.22 ? 80   ARG A CD  1 
ATOM   569  N  NE  . ARG A 1 80  ? -1.205  -3.351  4.441   1.00 28.62 ? 80   ARG A NE  1 
ATOM   570  C  CZ  . ARG A 1 80  ? -0.171  -2.515  4.483   1.00 28.91 ? 80   ARG A CZ  1 
ATOM   571  N  NH1 . ARG A 1 80  ? 0.532   -2.378  5.602   1.00 29.13 ? 80   ARG A NH1 1 
ATOM   572  N  NH2 . ARG A 1 80  ? 0.178   -1.830  3.397   1.00 29.22 ? 80   ARG A NH2 1 
ATOM   573  N  N   . ASP A 1 81  ? -7.612  -2.727  5.255   1.00 26.36 ? 81   ASP A N   1 
ATOM   574  C  CA  . ASP A 1 81  ? -8.564  -1.718  5.706   1.00 25.74 ? 81   ASP A CA  1 
ATOM   575  C  C   . ASP A 1 81  ? -9.148  -1.951  7.110   1.00 24.87 ? 81   ASP A C   1 
ATOM   576  O  O   . ASP A 1 81  ? -9.151  -1.015  7.904   1.00 24.64 ? 81   ASP A O   1 
ATOM   577  C  CB  . ASP A 1 81  ? -9.680  -1.533  4.672   1.00 26.63 ? 81   ASP A CB  1 
ATOM   578  C  CG  . ASP A 1 81  ? -10.241 -2.841  4.194   1.00 27.15 ? 81   ASP A CG  1 
ATOM   579  O  OD1 . ASP A 1 81  ? -9.944  -3.886  4.825   1.00 27.82 ? 81   ASP A OD1 1 
ATOM   580  O  OD2 . ASP A 1 81  ? -10.988 -2.829  3.186   1.00 28.11 ? 81   ASP A OD2 1 
ATOM   581  N  N   . ASP A 1 82  ? -9.621  -3.156  7.440   1.00 23.89 ? 82   ASP A N   1 
ATOM   582  C  CA  . ASP A 1 82  ? -10.171 -3.397  8.784   1.00 22.95 ? 82   ASP A CA  1 
ATOM   583  C  C   . ASP A 1 82  ? -9.132  -3.068  9.866   1.00 22.28 ? 82   ASP A C   1 
ATOM   584  O  O   . ASP A 1 82  ? -9.421  -2.377  10.844  1.00 21.93 ? 82   ASP A O   1 
ATOM   585  C  CB  . ASP A 1 82  ? -10.573 -4.862  9.018   1.00 23.11 ? 82   ASP A CB  1 
ATOM   586  C  CG  . ASP A 1 82  ? -11.806 -5.291  8.238   1.00 23.19 ? 82   ASP A CG  1 
ATOM   587  O  OD1 . ASP A 1 82  ? -12.515 -4.441  7.677   1.00 23.01 ? 82   ASP A OD1 1 
ATOM   588  O  OD2 . ASP A 1 82  ? -12.056 -6.520  8.208   1.00 23.32 ? 82   ASP A OD2 1 
ATOM   589  N  N   . ALA A 1 83  ? -7.920  -3.589  9.692   1.00 21.36 ? 83   ALA A N   1 
ATOM   590  C  CA  . ALA A 1 83  ? -6.870  -3.375  10.683  1.00 20.57 ? 83   ALA A CA  1 
ATOM   591  C  C   . ALA A 1 83  ? -6.542  -1.895  10.858  1.00 19.99 ? 83   ALA A C   1 
ATOM   592  O  O   . ALA A 1 83  ? -6.450  -1.414  12.004  1.00 19.98 ? 83   ALA A O   1 
ATOM   593  C  CB  . ALA A 1 83  ? -5.581  -4.179  10.286  1.00 20.65 ? 83   ALA A CB  1 
ATOM   594  N  N   . ALA A 1 84  ? -6.370  -1.184  9.751   1.00 19.21 ? 84   ALA A N   1 
ATOM   595  C  CA  . ALA A 1 84  ? -6.050  0.238   9.825   1.00 18.77 ? 84   ALA A CA  1 
ATOM   596  C  C   . ALA A 1 84  ? -7.223  1.018   10.440  1.00 18.32 ? 84   ALA A C   1 
ATOM   597  O  O   . ALA A 1 84  ? -6.999  1.977   11.197  1.00 18.04 ? 84   ALA A O   1 
ATOM   598  C  CB  . ALA A 1 84  ? -5.712  0.791   8.458   1.00 18.93 ? 84   ALA A CB  1 
ATOM   599  N  N   . ARG A 1 85  ? -8.461  0.617   10.145  1.00 17.79 ? 85   ARG A N   1 
ATOM   600  C  CA  . ARG A 1 85  ? -9.614  1.344   10.723  1.00 17.30 ? 85   ARG A CA  1 
ATOM   601  C  C   . ARG A 1 85  ? -9.691  1.085   12.229  1.00 17.38 ? 85   ARG A C   1 
ATOM   602  O  O   . ARG A 1 85  ? -10.021 2.001   12.994  1.00 17.33 ? 85   ARG A O   1 
ATOM   603  C  CB  . ARG A 1 85  ? -10.932 0.928   10.043  1.00 17.13 ? 85   ARG A CB  1 
ATOM   604  C  CG  . ARG A 1 85  ? -12.124 1.864   10.335  1.00 16.68 ? 85   ARG A CG  1 
ATOM   605  C  CD  . ARG A 1 85  ? -12.880 1.436   11.567  1.00 16.16 ? 85   ARG A CD  1 
ATOM   606  N  NE  . ARG A 1 85  ? -13.914 2.419   11.874  1.00 15.94 ? 85   ARG A NE  1 
ATOM   607  C  CZ  . ARG A 1 85  ? -13.677 3.519   12.570  1.00 16.12 ? 85   ARG A CZ  1 
ATOM   608  N  NH1 . ARG A 1 85  ? -12.461 3.749   13.029  1.00 15.71 ? 85   ARG A NH1 1 
ATOM   609  N  NH2 . ARG A 1 85  ? -14.662 4.395   12.779  1.00 16.24 ? 85   ARG A NH2 1 
ATOM   610  N  N   . ALA A 1 86  ? -9.374  -0.141  12.642  1.00 16.99 ? 86   ALA A N   1 
ATOM   611  C  CA  . ALA A 1 86  ? -9.342  -0.520  14.056  1.00 16.84 ? 86   ALA A CA  1 
ATOM   612  C  C   . ALA A 1 86  ? -8.216  0.277   14.747  1.00 16.73 ? 86   ALA A C   1 
ATOM   613  O  O   . ALA A 1 86  ? -8.373  0.745   15.877  1.00 16.63 ? 86   ALA A O   1 
ATOM   614  C  CB  . ALA A 1 86  ? -9.099  -2.058  14.197  1.00 16.94 ? 86   ALA A CB  1 
ATOM   615  N  N   . ASP A 1 87  ? -7.080  0.439   14.057  1.00 16.48 ? 87   ASP A N   1 
ATOM   616  C  CA  . ASP A 1 87  ? -5.967  1.201   14.634  1.00 16.35 ? 87   ASP A CA  1 
ATOM   617  C  C   . ASP A 1 87  ? -6.353  2.664   14.853  1.00 16.08 ? 87   ASP A C   1 
ATOM   618  O  O   . ASP A 1 87  ? -5.969  3.248   15.874  1.00 16.11 ? 87   ASP A O   1 
ATOM   619  C  CB  . ASP A 1 87  ? -4.736  1.146   13.710  1.00 16.46 ? 87   ASP A CB  1 
ATOM   620  C  CG  . ASP A 1 87  ? -3.972  -0.161  13.805  1.00 16.72 ? 87   ASP A CG  1 
ATOM   621  O  OD1 . ASP A 1 87  ? -4.035  -0.867  14.823  1.00 16.73 ? 87   ASP A OD1 1 
ATOM   622  O  OD2 . ASP A 1 87  ? -3.265  -0.474  12.811  1.00 17.42 ? 87   ASP A OD2 1 
ATOM   623  N  N   . LEU A 1 88  ? -7.077  3.264   13.905  1.00 15.96 ? 88   LEU A N   1 
ATOM   624  C  CA  . LEU A 1 88  ? -7.510  4.665   14.049  1.00 15.82 ? 88   LEU A CA  1 
ATOM   625  C  C   . LEU A 1 88  ? -8.414  4.768   15.279  1.00 16.01 ? 88   LEU A C   1 
ATOM   626  O  O   . LEU A 1 88  ? -8.296  5.711   16.067  1.00 15.98 ? 88   LEU A O   1 
ATOM   627  C  CB  . LEU A 1 88  ? -8.258  5.162   12.807  1.00 16.06 ? 88   LEU A CB  1 
ATOM   628  C  CG  . LEU A 1 88  ? -7.387  5.400   11.557  1.00 15.95 ? 88   LEU A CG  1 
ATOM   629  C  CD1 . LEU A 1 88  ? -8.261  5.814   10.403  1.00 16.25 ? 88   LEU A CD1 1 
ATOM   630  C  CD2 . LEU A 1 88  ? -6.334  6.477   11.831  1.00 16.40 ? 88   LEU A CD2 1 
ATOM   631  N  N   . ALA A 1 89  ? -9.304  3.796   15.448  1.00 15.96 ? 89   ALA A N   1 
ATOM   632  C  CA  . ALA A 1 89  ? -10.184 3.802   16.621  1.00 16.23 ? 89   ALA A CA  1 
ATOM   633  C  C   . ALA A 1 89  ? -9.376  3.683   17.922  1.00 16.30 ? 89   ALA A C   1 
ATOM   634  O  O   . ALA A 1 89  ? -9.636  4.400   18.887  1.00 16.42 ? 89   ALA A O   1 
ATOM   635  C  CB  . ALA A 1 89  ? -11.211 2.666   16.515  1.00 16.14 ? 89   ALA A CB  1 
ATOM   636  N  N   . ASP A 1 90  ? -8.402  2.782   17.959  1.00 16.22 ? 90   ASP A N   1 
ATOM   637  C  CA  . ASP A 1 90  ? -7.556  2.621   19.143  1.00 16.75 ? 90   ASP A CA  1 
ATOM   638  C  C   . ASP A 1 90  ? -6.899  3.967   19.493  1.00 17.18 ? 90   ASP A C   1 
ATOM   639  O  O   . ASP A 1 90  ? -6.815  4.361   20.668  1.00 17.47 ? 90   ASP A O   1 
ATOM   640  C  CB  . ASP A 1 90  ? -6.405  1.628   18.893  1.00 16.60 ? 90   ASP A CB  1 
ATOM   641  C  CG  . ASP A 1 90  ? -6.864  0.196   18.686  1.00 16.75 ? 90   ASP A CG  1 
ATOM   642  O  OD1 . ASP A 1 90  ? -7.947  -0.182  19.203  1.00 16.91 ? 90   ASP A OD1 1 
ATOM   643  O  OD2 . ASP A 1 90  ? -6.104  -0.573  18.023  1.00 16.39 ? 90   ASP A OD2 1 
ATOM   644  N  N   . LEU A 1 91  ? -6.419  4.660   18.466  1.00 17.77 ? 91   LEU A N   1 
ATOM   645  C  CA  . LEU A 1 91  ? -5.710  5.926   18.659  1.00 18.49 ? 91   LEU A CA  1 
ATOM   646  C  C   . LEU A 1 91  ? -6.591  7.149   18.856  1.00 19.10 ? 91   LEU A C   1 
ATOM   647  O  O   . LEU A 1 91  ? -6.062  8.257   19.074  1.00 19.39 ? 91   LEU A O   1 
ATOM   648  C  CB  . LEU A 1 91  ? -4.741  6.151   17.482  1.00 18.57 ? 91   LEU A CB  1 
ATOM   649  C  CG  . LEU A 1 91  ? -3.655  5.075   17.320  1.00 18.68 ? 91   LEU A CG  1 
ATOM   650  C  CD1 . LEU A 1 91  ? -3.016  5.177   15.906  1.00 18.74 ? 91   LEU A CD1 1 
ATOM   651  C  CD2 . LEU A 1 91  ? -2.598  5.221   18.410  1.00 18.86 ? 91   LEU A CD2 1 
ATOM   652  N  N   . GLY A 1 92  ? -7.909  6.957   18.784  1.00 19.45 ? 92   GLY A N   1 
ATOM   653  C  CA  . GLY A 1 92  ? -8.856  8.047   18.955  1.00 20.52 ? 92   GLY A CA  1 
ATOM   654  C  C   . GLY A 1 92  ? -8.855  9.077   17.842  1.00 21.25 ? 92   GLY A C   1 
ATOM   655  O  O   . GLY A 1 92  ? -9.193  10.255  18.066  1.00 21.63 ? 92   GLY A O   1 
ATOM   656  N  N   . HIS A 1 93  ? -8.491  8.637   16.641  1.00 21.81 ? 93   HIS A N   1 
ATOM   657  C  CA  . HIS A 1 93  ? -8.405  9.489   15.463  1.00 22.56 ? 93   HIS A CA  1 
ATOM   658  C  C   . HIS A 1 93  ? -9.633  9.231   14.599  1.00 22.84 ? 93   HIS A C   1 
ATOM   659  O  O   . HIS A 1 93  ? -9.906  8.090   14.233  1.00 22.76 ? 93   HIS A O   1 
ATOM   660  C  CB  . HIS A 1 93  ? -7.110  9.126   14.713  1.00 23.14 ? 93   HIS A CB  1 
ATOM   661  C  CG  . HIS A 1 93  ? -6.690  10.114  13.670  1.00 24.00 ? 93   HIS A CG  1 
ATOM   662  N  ND1 . HIS A 1 93  ? -7.149  10.071  12.370  1.00 24.40 ? 93   HIS A ND1 1 
ATOM   663  C  CD2 . HIS A 1 93  ? -5.783  11.121  13.715  1.00 24.34 ? 93   HIS A CD2 1 
ATOM   664  C  CE1 . HIS A 1 93  ? -6.540  11.002  11.658  1.00 24.44 ? 93   HIS A CE1 1 
ATOM   665  N  NE2 . HIS A 1 93  ? -5.704  11.651  12.450  1.00 24.60 ? 93   HIS A NE2 1 
ATOM   666  N  N   . PRO A 1 94  ? -10.411 10.279  14.278  1.00 23.10 ? 94   PRO A N   1 
ATOM   667  C  CA  . PRO A 1 94  ? -11.605 10.112  13.448  1.00 23.37 ? 94   PRO A CA  1 
ATOM   668  C  C   . PRO A 1 94  ? -11.219 9.590   12.075  1.00 23.49 ? 94   PRO A C   1 
ATOM   669  O  O   . PRO A 1 94  ? -10.173 9.946   11.556  1.00 23.54 ? 94   PRO A O   1 
ATOM   670  C  CB  . PRO A 1 94  ? -12.168 11.524  13.340  1.00 23.63 ? 94   PRO A CB  1 
ATOM   671  C  CG  . PRO A 1 94  ? -11.645 12.207  14.569  1.00 23.69 ? 94   PRO A CG  1 
ATOM   672  C  CD  . PRO A 1 94  ? -10.247 11.682  14.691  1.00 23.42 ? 94   PRO A CD  1 
ATOM   673  N  N   . VAL A 1 95  ? -12.061 8.761   11.480  1.00 23.74 ? 95   VAL A N   1 
ATOM   674  C  CA  . VAL A 1 95  ? -11.729 8.252   10.157  1.00 24.01 ? 95   VAL A CA  1 
ATOM   675  C  C   . VAL A 1 95  ? -11.892 9.328   9.092   1.00 24.02 ? 95   VAL A C   1 
ATOM   676  O  O   . VAL A 1 95  ? -12.893 10.042  9.050   1.00 23.92 ? 95   VAL A O   1 
ATOM   677  C  CB  . VAL A 1 95  ? -12.608 7.061   9.789   1.00 24.22 ? 95   VAL A CB  1 
ATOM   678  C  CG1 . VAL A 1 95  ? -12.328 6.618   8.380   1.00 24.66 ? 95   VAL A CG1 1 
ATOM   679  C  CG2 . VAL A 1 95  ? -12.346 5.941   10.745  1.00 24.41 ? 95   VAL A CG2 1 
ATOM   680  N  N   . PRO A 1 96  ? -10.885 9.471   8.217   1.00 24.02 ? 96   PRO A N   1 
ATOM   681  C  CA  . PRO A 1 96  ? -10.906 10.460  7.136   1.00 24.30 ? 96   PRO A CA  1 
ATOM   682  C  C   . PRO A 1 96  ? -11.816 10.016  5.989   1.00 24.55 ? 96   PRO A C   1 
ATOM   683  O  O   . PRO A 1 96  ? -11.997 8.823   5.761   1.00 24.70 ? 96   PRO A O   1 
ATOM   684  C  CB  . PRO A 1 96  ? -9.444  10.529  6.709   1.00 24.02 ? 96   PRO A CB  1 
ATOM   685  C  CG  . PRO A 1 96  ? -8.974  9.114   6.926   1.00 24.03 ? 96   PRO A CG  1 
ATOM   686  C  CD  . PRO A 1 96  ? -9.584  8.783   8.291   1.00 24.04 ? 96   PRO A CD  1 
ATOM   687  N  N   . GLU A 1 97  ? -12.377 10.983  5.276   1.00 25.01 ? 97   GLU A N   1 
ATOM   688  C  CA  . GLU A 1 97  ? -13.258 10.706  4.151   1.00 25.43 ? 97   GLU A CA  1 
ATOM   689  C  C   . GLU A 1 97  ? -12.466 10.488  2.866   1.00 25.19 ? 97   GLU A C   1 
ATOM   690  O  O   . GLU A 1 97  ? -11.616 11.309  2.526   1.00 25.35 ? 97   GLU A O   1 
ATOM   691  C  CB  . GLU A 1 97  ? -14.204 11.878  3.934   1.00 26.29 ? 97   GLU A CB  1 
ATOM   692  C  CG  . GLU A 1 97  ? -15.148 11.666  2.784   1.00 27.49 ? 97   GLU A CG  1 
ATOM   693  C  CD  . GLU A 1 97  ? -16.577 11.595  3.240   1.00 28.07 ? 97   GLU A CD  1 
ATOM   694  O  OE1 . GLU A 1 97  ? -17.280 10.628  2.884   1.00 28.51 ? 97   GLU A OE1 1 
ATOM   695  O  OE2 . GLU A 1 97  ? -16.990 12.518  3.972   1.00 28.89 ? 97   GLU A OE2 1 
ATOM   696  N  N   . GLY A 1 98  ? -12.752 9.407   2.143   1.00 24.98 ? 98   GLY A N   1 
ATOM   697  C  CA  . GLY A 1 98  ? -12.051 9.161   0.884   1.00 24.67 ? 98   GLY A CA  1 
ATOM   698  C  C   . GLY A 1 98  ? -12.601 10.044  -0.230  1.00 24.36 ? 98   GLY A C   1 
ATOM   699  O  O   . GLY A 1 98  ? -13.801 10.306  -0.277  1.00 24.44 ? 98   GLY A O   1 
ATOM   700  N  N   . ASP A 1 99  ? -11.747 10.521  -1.131  1.00 24.08 ? 99   ASP A N   1 
ATOM   701  C  CA  . ASP A 1 99  ? -12.230 11.384  -2.206  1.00 23.76 ? 99   ASP A CA  1 
ATOM   702  C  C   . ASP A 1 99  ? -12.765 10.690  -3.470  1.00 23.56 ? 99   ASP A C   1 
ATOM   703  O  O   . ASP A 1 99  ? -13.199 11.360  -4.404  1.00 23.54 ? 99   ASP A O   1 
ATOM   704  C  CB  . ASP A 1 99  ? -11.156 12.414  -2.590  1.00 23.77 ? 99   ASP A CB  1 
ATOM   705  C  CG  . ASP A 1 99  ? -9.916  11.788  -3.192  1.00 23.98 ? 99   ASP A CG  1 
ATOM   706  O  OD1 . ASP A 1 99  ? -10.036 10.715  -3.836  1.00 24.05 ? 99   ASP A OD1 1 
ATOM   707  O  OD2 . ASP A 1 99  ? -8.823  12.387  -3.039  1.00 23.92 ? 99   ASP A OD2 1 
ATOM   708  N  N   . GLN A 1 100 ? -12.760 9.358   -3.478  1.00 23.25 ? 100  GLN A N   1 
ATOM   709  C  CA  . GLN A 1 100 ? -13.254 8.561   -4.611  1.00 23.21 ? 100  GLN A CA  1 
ATOM   710  C  C   . GLN A 1 100 ? -12.521 8.735   -5.945  1.00 23.03 ? 100  GLN A C   1 
ATOM   711  O  O   . GLN A 1 100 ? -12.941 8.169   -6.954  1.00 22.91 ? 100  GLN A O   1 
ATOM   712  C  CB  . GLN A 1 100 ? -14.739 8.839   -4.850  1.00 23.33 ? 100  GLN A CB  1 
ATOM   713  C  CG  . GLN A 1 100 ? -15.666 8.425   -3.707  1.00 23.54 ? 100  GLN A CG  1 
ATOM   714  C  CD  . GLN A 1 100 ? -16.073 6.958   -3.744  1.00 23.88 ? 100  GLN A CD  1 
ATOM   715  O  OE1 . GLN A 1 100 ? -15.732 6.221   -4.674  1.00 24.07 ? 100  GLN A OE1 1 
ATOM   716  N  NE2 . GLN A 1 100 ? -16.805 6.527   -2.727  1.00 23.67 ? 100  GLN A NE2 1 
ATOM   717  N  N   . SER A 1 101 ? -11.423 9.483   -5.952  1.00 22.94 ? 101  SER A N   1 
ATOM   718  C  CA  . SER A 1 101 ? -10.712 9.730   -7.194  1.00 23.12 ? 101  SER A CA  1 
ATOM   719  C  C   . SER A 1 101 ? -10.137 8.511   -7.879  1.00 23.16 ? 101  SER A C   1 
ATOM   720  O  O   . SER A 1 101 ? -10.149 8.447   -9.105  1.00 23.19 ? 101  SER A O   1 
ATOM   721  C  CB  . SER A 1 101 ? -9.592  10.749  -6.992  1.00 23.21 ? 101  SER A CB  1 
ATOM   722  O  OG  . SER A 1 101 ? -8.661  10.296  -6.051  1.00 24.04 ? 101  SER A OG  1 
ATOM   723  N  N   . VAL A 1 102 ? -9.623  7.561   -7.107  1.00 23.11 ? 102  VAL A N   1 
ATOM   724  C  CA  . VAL A 1 102 ? -9.052  6.359   -7.707  1.00 23.36 ? 102  VAL A CA  1 
ATOM   725  C  C   . VAL A 1 102 ? -10.166 5.334   -7.964  1.00 23.92 ? 102  VAL A C   1 
ATOM   726  O  O   . VAL A 1 102 ? -10.228 4.704   -9.022  1.00 23.73 ? 102  VAL A O   1 
ATOM   727  C  CB  . VAL A 1 102 ? -7.951  5.766   -6.790  1.00 23.10 ? 102  VAL A CB  1 
ATOM   728  C  CG1 . VAL A 1 102 ? -7.285  4.546   -7.447  1.00 22.83 ? 102  VAL A CG1 1 
ATOM   729  C  CG2 . VAL A 1 102 ? -6.900  6.838   -6.496  1.00 22.74 ? 102  VAL A CG2 1 
ATOM   730  N  N   . ARG A 1 103 ? -11.068 5.189   -7.004  1.00 24.57 ? 103  ARG A N   1 
ATOM   731  C  CA  . ARG A 1 103 ? -12.174 4.251   -7.161  1.00 25.53 ? 103  ARG A CA  1 
ATOM   732  C  C   . ARG A 1 103 ? -13.018 4.561   -8.407  1.00 26.15 ? 103  ARG A C   1 
ATOM   733  O  O   . ARG A 1 103 ? -13.546 3.648   -9.044  1.00 26.27 ? 103  ARG A O   1 
ATOM   734  C  CB  . ARG A 1 103 ? -13.038 4.289   -5.893  1.00 25.62 ? 103  ARG A CB  1 
ATOM   735  C  CG  . ARG A 1 103 ? -12.287 3.872   -4.644  1.00 25.97 ? 103  ARG A CG  1 
ATOM   736  C  CD  . ARG A 1 103 ? -13.076 4.285   -3.415  1.00 26.30 ? 103  ARG A CD  1 
ATOM   737  N  NE  . ARG A 1 103 ? -14.402 3.683   -3.452  1.00 26.45 ? 103  ARG A NE  1 
ATOM   738  C  CZ  . ARG A 1 103 ? -14.687 2.495   -2.931  1.00 26.72 ? 103  ARG A CZ  1 
ATOM   739  N  NH1 . ARG A 1 103 ? -13.740 1.792   -2.320  1.00 26.59 ? 103  ARG A NH1 1 
ATOM   740  N  NH2 . ARG A 1 103 ? -15.908 1.993   -3.063  1.00 26.81 ? 103  ARG A NH2 1 
ATOM   741  N  N   . GLU A 1 104 ? -13.135 5.843   -8.761  1.00 26.85 ? 104  GLU A N   1 
ATOM   742  C  CA  . GLU A 1 104 ? -13.908 6.251   -9.930  1.00 27.69 ? 104  GLU A CA  1 
ATOM   743  C  C   . GLU A 1 104 ? -13.022 6.535   -11.142 1.00 27.83 ? 104  GLU A C   1 
ATOM   744  O  O   . GLU A 1 104 ? -13.501 7.054   -12.155 1.00 28.01 ? 104  GLU A O   1 
ATOM   745  C  CB  . GLU A 1 104 ? -14.719 7.512   -9.614  1.00 28.35 ? 104  GLU A CB  1 
ATOM   746  C  CG  . GLU A 1 104 ? -16.116 7.557   -10.235 1.00 29.52 ? 104  GLU A CG  1 
ATOM   747  C  CD  . GLU A 1 104 ? -17.090 6.621   -9.534  1.00 29.87 ? 104  GLU A CD  1 
ATOM   748  O  OE1 . GLU A 1 104 ? -17.023 5.394   -9.713  1.00 30.12 ? 104  GLU A OE1 1 
ATOM   749  O  OE2 . GLU A 1 104 ? -17.930 7.132   -8.774  1.00 30.70 ? 104  GLU A OE2 1 
ATOM   750  N  N   . ALA A 1 105 ? -11.736 6.200   -11.058 1.00 27.89 ? 105  ALA A N   1 
ATOM   751  C  CA  . ALA A 1 105 ? -10.834 6.458   -12.177 1.00 27.99 ? 105  ALA A CA  1 
ATOM   752  C  C   . ALA A 1 105 ? -10.980 5.475   -13.347 1.00 28.06 ? 105  ALA A C   1 
ATOM   753  O  O   . ALA A 1 105 ? -10.484 5.728   -14.447 1.00 28.29 ? 105  ALA A O   1 
ATOM   754  C  CB  . ALA A 1 105 ? -9.390  6.466   -11.683 1.00 27.96 ? 105  ALA A CB  1 
ATOM   755  N  N   . ASP A 1 106 ? -11.661 4.364   -13.114 1.00 28.00 ? 106  ASP A N   1 
ATOM   756  C  CA  . ASP A 1 106 ? -11.850 3.342   -14.139 1.00 27.83 ? 106  ASP A CA  1 
ATOM   757  C  C   . ASP A 1 106 ? -10.546 2.897   -14.783 1.00 27.20 ? 106  ASP A C   1 
ATOM   758  O  O   . ASP A 1 106 ? -10.287 3.075   -15.973 1.00 27.37 ? 106  ASP A O   1 
ATOM   759  C  CB  . ASP A 1 106 ? -12.847 3.803   -15.188 1.00 28.78 ? 106  ASP A CB  1 
ATOM   760  C  CG  . ASP A 1 106 ? -14.045 2.889   -15.249 1.00 29.52 ? 106  ASP A CG  1 
ATOM   761  O  OD1 . ASP A 1 106 ? -14.133 2.091   -16.211 1.00 30.15 ? 106  ASP A OD1 1 
ATOM   762  O  OD2 . ASP A 1 106 ? -14.883 2.941   -14.316 1.00 30.07 ? 106  ASP A OD2 1 
ATOM   763  N  N   . LEU A 1 107 ? -9.732  2.305   -13.932 1.00 26.23 ? 107  LEU A N   1 
ATOM   764  C  CA  . LEU A 1 107 ? -8.428  1.792   -14.284 1.00 25.03 ? 107  LEU A CA  1 
ATOM   765  C  C   . LEU A 1 107 ? -8.505  0.559   -15.189 1.00 24.30 ? 107  LEU A C   1 
ATOM   766  O  O   . LEU A 1 107 ? -9.427  -0.253  -15.074 1.00 24.26 ? 107  LEU A O   1 
ATOM   767  C  CB  . LEU A 1 107 ? -7.713  1.438   -12.985 1.00 24.77 ? 107  LEU A CB  1 
ATOM   768  C  CG  . LEU A 1 107 ? -7.507  2.614   -12.023 1.00 24.59 ? 107  LEU A CG  1 
ATOM   769  C  CD1 . LEU A 1 107 ? -6.969  2.118   -10.696 1.00 24.51 ? 107  LEU A CD1 1 
ATOM   770  C  CD2 . LEU A 1 107 ? -6.558  3.629   -12.657 1.00 24.41 ? 107  LEU A CD2 1 
ATOM   771  N  N   . SER A 1 108 ? -7.539  0.432   -16.099 1.00 23.31 ? 108  SER A N   1 
ATOM   772  C  CA  . SER A 1 108 ? -7.450  -0.734  -16.965 1.00 22.31 ? 108  SER A CA  1 
ATOM   773  C  C   . SER A 1 108 ? -6.885  -1.858  -16.082 1.00 21.66 ? 108  SER A C   1 
ATOM   774  O  O   . SER A 1 108 ? -6.381  -1.601  -14.985 1.00 21.22 ? 108  SER A O   1 
ATOM   775  C  CB  . SER A 1 108 ? -6.482  -0.453  -18.120 1.00 22.28 ? 108  SER A CB  1 
ATOM   776  O  OG  . SER A 1 108 ? -5.212  -0.035  -17.632 1.00 22.16 ? 108  SER A OG  1 
ATOM   777  N  N   . LEU A 1 109 ? -6.967  -3.101  -16.549 1.00 20.92 ? 109  LEU A N   1 
ATOM   778  C  CA  . LEU A 1 109 ? -6.428  -4.212  -15.780 1.00 20.27 ? 109  LEU A CA  1 
ATOM   779  C  C   . LEU A 1 109 ? -4.922  -3.994  -15.623 1.00 19.56 ? 109  LEU A C   1 
ATOM   780  O  O   . LEU A 1 109 ? -4.359  -4.211  -14.563 1.00 19.09 ? 109  LEU A O   1 
ATOM   781  C  CB  . LEU A 1 109 ? -6.667  -5.558  -16.496 1.00 20.65 ? 109  LEU A CB  1 
ATOM   782  C  CG  . LEU A 1 109 ? -6.325  -6.803  -15.656 1.00 21.10 ? 109  LEU A CG  1 
ATOM   783  C  CD1 . LEU A 1 109 ? -7.341  -7.906  -15.930 1.00 21.30 ? 109  LEU A CD1 1 
ATOM   784  C  CD2 . LEU A 1 109 ? -4.937  -7.306  -15.973 1.00 21.53 ? 109  LEU A CD2 1 
ATOM   785  N  N   . ALA A 1 110 ? -4.272  -3.581  -16.708 1.00 19.15 ? 110  ALA A N   1 
ATOM   786  C  CA  . ALA A 1 110 ? -2.837  -3.369  -16.672 1.00 18.83 ? 110  ALA A CA  1 
ATOM   787  C  C   . ALA A 1 110 ? -2.446  -2.276  -15.654 1.00 18.37 ? 110  ALA A C   1 
ATOM   788  O  O   . ALA A 1 110 ? -1.511  -2.469  -14.883 1.00 18.27 ? 110  ALA A O   1 
ATOM   789  C  CB  . ALA A 1 110 ? -2.335  -3.040  -18.065 1.00 18.82 ? 110  ALA A CB  1 
ATOM   790  N  N   . GLU A 1 111 ? -3.191  -1.172  -15.613 1.00 18.28 ? 111  GLU A N   1 
ATOM   791  C  CA  . GLU A 1 111 ? -2.894  -0.123  -14.630 1.00 18.09 ? 111  GLU A CA  1 
ATOM   792  C  C   . GLU A 1 111 ? -3.089  -0.690  -13.254 1.00 17.64 ? 111  GLU A C   1 
ATOM   793  O  O   . GLU A 1 111 ? -2.320  -0.419  -12.328 1.00 17.34 ? 111  GLU A O   1 
ATOM   794  C  CB  . GLU A 1 111 ? -3.818  1.086   -14.768 1.00 18.80 ? 111  GLU A CB  1 
ATOM   795  C  CG  . GLU A 1 111 ? -3.297  2.198   -15.648 1.00 19.89 ? 111  GLU A CG  1 
ATOM   796  C  CD  . GLU A 1 111 ? -4.358  3.214   -15.937 1.00 20.54 ? 111  GLU A CD  1 
ATOM   797  O  OE1 . GLU A 1 111 ? -4.262  4.334   -15.400 1.00 20.94 ? 111  GLU A OE1 1 
ATOM   798  O  OE2 . GLU A 1 111 ? -5.297  2.868   -16.688 1.00 21.37 ? 111  GLU A OE2 1 
ATOM   799  N  N   . ALA A 1 112 ? -4.142  -1.498  -13.110 1.00 17.14 ? 112  ALA A N   1 
ATOM   800  C  CA  . ALA A 1 112 ? -4.417  -2.100  -11.819 1.00 16.59 ? 112  ALA A CA  1 
ATOM   801  C  C   . ALA A 1 112 ? -3.256  -2.965  -11.333 1.00 16.25 ? 112  ALA A C   1 
ATOM   802  O  O   . ALA A 1 112 ? -2.966  -3.018  -10.147 1.00 16.10 ? 112  ALA A O   1 
ATOM   803  C  CB  . ALA A 1 112 ? -5.714  -2.912  -11.890 1.00 16.72 ? 112  ALA A CB  1 
ATOM   804  N  N   . LEU A 1 113 ? -2.562  -3.636  -12.249 1.00 15.91 ? 113  LEU A N   1 
ATOM   805  C  CA  . LEU A 1 113 ? -1.424  -4.442  -11.844 1.00 15.70 ? 113  LEU A CA  1 
ATOM   806  C  C   . LEU A 1 113 ? -0.340  -3.546  -11.250 1.00 15.28 ? 113  LEU A C   1 
ATOM   807  O  O   . LEU A 1 113 ? 0.328   -3.914  -10.287 1.00 15.08 ? 113  LEU A O   1 
ATOM   808  C  CB  . LEU A 1 113 ? -0.862  -5.209  -13.047 1.00 16.02 ? 113  LEU A CB  1 
ATOM   809  C  CG  . LEU A 1 113 ? -1.803  -6.257  -13.661 1.00 16.48 ? 113  LEU A CG  1 
ATOM   810  C  CD1 . LEU A 1 113 ? -1.119  -6.841  -14.877 1.00 16.68 ? 113  LEU A CD1 1 
ATOM   811  C  CD2 . LEU A 1 113 ? -2.129  -7.366  -12.664 1.00 16.93 ? 113  LEU A CD2 1 
ATOM   812  N  N   . GLY A 1 114 ? -0.159  -2.359  -11.831 1.00 15.00 ? 114  GLY A N   1 
ATOM   813  C  CA  . GLY A 1 114 ? 0.832   -1.461  -11.253 1.00 14.69 ? 114  GLY A CA  1 
ATOM   814  C  C   . GLY A 1 114 ? 0.409   -0.954  -9.880  1.00 14.45 ? 114  GLY A C   1 
ATOM   815  O  O   . GLY A 1 114 ? 1.241   -0.810  -8.999  1.00 14.33 ? 114  GLY A O   1 
ATOM   816  N  N   . TRP A 1 115 ? -0.877  -0.668  -9.696  1.00 14.39 ? 115  TRP A N   1 
ATOM   817  C  CA  . TRP A 1 115 ? -1.304  -0.240  -8.358  1.00 14.27 ? 115  TRP A CA  1 
ATOM   818  C  C   . TRP A 1 115 ? -1.127  -1.364  -7.313  1.00 14.57 ? 115  TRP A C   1 
ATOM   819  O  O   . TRP A 1 115 ? -0.693  -1.115  -6.182  1.00 14.30 ? 115  TRP A O   1 
ATOM   820  C  CB  . TRP A 1 115 ? -2.768  0.201   -8.369  1.00 14.08 ? 115  TRP A CB  1 
ATOM   821  C  CG  . TRP A 1 115 ? -3.007  1.566   -8.926  1.00 13.72 ? 115  TRP A CG  1 
ATOM   822  C  CD1 . TRP A 1 115 ? -3.052  1.924   -10.228 1.00 13.66 ? 115  TRP A CD1 1 
ATOM   823  C  CD2 . TRP A 1 115 ? -3.191  2.780   -8.167  1.00 13.69 ? 115  TRP A CD2 1 
ATOM   824  N  NE1 . TRP A 1 115 ? -3.252  3.281   -10.349 1.00 13.68 ? 115  TRP A NE1 1 
ATOM   825  C  CE2 . TRP A 1 115 ? -3.339  3.830   -9.101  1.00 13.51 ? 115  TRP A CE2 1 
ATOM   826  C  CE3 . TRP A 1 115 ? -3.248  3.069   -6.797  1.00 13.72 ? 115  TRP A CE3 1 
ATOM   827  C  CZ2 . TRP A 1 115 ? -3.538  5.172   -8.715  1.00 13.69 ? 115  TRP A CZ2 1 
ATOM   828  C  CZ3 . TRP A 1 115 ? -3.455  4.402   -6.404  1.00 13.75 ? 115  TRP A CZ3 1 
ATOM   829  C  CH2 . TRP A 1 115 ? -3.593  5.434   -7.372  1.00 13.49 ? 115  TRP A CH2 1 
ATOM   830  N  N   . LEU A 1 116 ? -1.452  -2.604  -7.690  1.00 14.75 ? 116  LEU A N   1 
ATOM   831  C  CA  . LEU A 1 116 ? -1.284  -3.721  -6.761  1.00 15.61 ? 116  LEU A CA  1 
ATOM   832  C  C   . LEU A 1 116 ? 0.188   -3.953  -6.452  1.00 15.61 ? 116  LEU A C   1 
ATOM   833  O  O   . LEU A 1 116 ? 0.543   -4.278  -5.332  1.00 15.71 ? 116  LEU A O   1 
ATOM   834  C  CB  . LEU A 1 116 ? -1.900  -5.015  -7.325  1.00 15.89 ? 116  LEU A CB  1 
ATOM   835  C  CG  . LEU A 1 116 ? -3.420  -5.129  -7.395  1.00 16.92 ? 116  LEU A CG  1 
ATOM   836  C  CD1 . LEU A 1 116 ? -3.760  -6.421  -8.140  1.00 17.16 ? 116  LEU A CD1 1 
ATOM   837  C  CD2 . LEU A 1 116 ? -4.014  -5.126  -5.994  1.00 17.08 ? 116  LEU A CD2 1 
ATOM   838  N  N   . PHE A 1 117 ? 1.051   -3.782  -7.462  1.00 15.65 ? 117  PHE A N   1 
ATOM   839  C  CA  . PHE A 1 117 ? 2.477   -3.938  -7.250  1.00 16.06 ? 117  PHE A CA  1 
ATOM   840  C  C   . PHE A 1 117 ? 2.919   -2.994  -6.126  1.00 15.69 ? 117  PHE A C   1 
ATOM   841  O  O   . PHE A 1 117 ? 3.653   -3.383  -5.222  1.00 15.78 ? 117  PHE A O   1 
ATOM   842  C  CB  . PHE A 1 117 ? 3.242   -3.695  -8.551  1.00 16.67 ? 117  PHE A CB  1 
ATOM   843  C  CG  . PHE A 1 117 ? 4.694   -3.367  -8.350  1.00 17.57 ? 117  PHE A CG  1 
ATOM   844  C  CD1 . PHE A 1 117 ? 5.629   -4.373  -8.184  1.00 18.08 ? 117  PHE A CD1 1 
ATOM   845  C  CD2 . PHE A 1 117 ? 5.122   -2.039  -8.326  1.00 18.23 ? 117  PHE A CD2 1 
ATOM   846  C  CE1 . PHE A 1 117 ? 6.966   -4.072  -7.997  1.00 18.58 ? 117  PHE A CE1 1 
ATOM   847  C  CE2 . PHE A 1 117 ? 6.458   -1.738  -8.139  1.00 18.48 ? 117  PHE A CE2 1 
ATOM   848  C  CZ  . PHE A 1 117 ? 7.380   -2.754  -7.975  1.00 18.81 ? 117  PHE A CZ  1 
ATOM   849  N  N   . VAL A 1 118 ? 2.466   -1.723  -6.222  1.00 15.76 ? 118  VAL A N   1 
ATOM   850  C  CA  . VAL A 1 118 ? 2.884   -0.754  -5.210  1.00 15.96 ? 118  VAL A CA  1 
ATOM   851  C  C   . VAL A 1 118 ? 2.260   -1.060  -3.835  1.00 15.93 ? 118  VAL A C   1 
ATOM   852  O  O   . VAL A 1 118 ? 2.936   -0.994  -2.820  1.00 15.61 ? 118  VAL A O   1 
ATOM   853  C  CB  . VAL A 1 118 ? 2.546   0.698   -5.674  1.00 15.90 ? 118  VAL A CB  1 
ATOM   854  C  CG1 . VAL A 1 118 ? 2.927   1.710   -4.566  1.00 16.17 ? 118  VAL A CG1 1 
ATOM   855  C  CG2 . VAL A 1 118 ? 3.336   1.016   -6.968  1.00 16.24 ? 118  VAL A CG2 1 
ATOM   856  N  N   . SER A 1 119 ? 0.983   -1.423  -3.813  1.00 16.25 ? 119  SER A N   1 
ATOM   857  C  CA  . SER A 1 119 ? 0.341   -1.749  -2.539  1.00 17.06 ? 119  SER A CA  1 
ATOM   858  C  C   . SER A 1 119 ? 1.004   -2.959  -1.866  1.00 17.22 ? 119  SER A C   1 
ATOM   859  O  O   . SER A 1 119 ? 1.289   -2.946  -0.662  1.00 17.32 ? 119  SER A O   1 
ATOM   860  C  CB  . SER A 1 119 ? -1.136  -2.035  -2.748  1.00 17.28 ? 119  SER A CB  1 
ATOM   861  O  OG  . SER A 1 119 ? -1.697  -2.341  -1.479  1.00 18.26 ? 119  SER A OG  1 
ATOM   862  N  N   . GLU A 1 120 ? 1.257   -4.004  -2.635  1.00 17.74 ? 120  GLU A N   1 
ATOM   863  C  CA  . GLU A 1 120 ? 1.897   -5.171  -2.073  1.00 18.46 ? 120  GLU A CA  1 
ATOM   864  C  C   . GLU A 1 120 ? 3.328   -4.882  -1.642  1.00 18.66 ? 120  GLU A C   1 
ATOM   865  O  O   . GLU A 1 120 ? 3.801   -5.369  -0.617  1.00 18.48 ? 120  GLU A O   1 
ATOM   866  C  CB  . GLU A 1 120 ? 1.853   -6.325  -3.081  1.00 19.09 ? 120  GLU A CB  1 
ATOM   867  C  CG  . GLU A 1 120 ? 0.474   -6.962  -3.157  1.00 20.62 ? 120  GLU A CG  1 
ATOM   868  C  CD  . GLU A 1 120 ? -0.011  -7.388  -1.775  1.00 21.27 ? 120  GLU A CD  1 
ATOM   869  O  OE1 . GLU A 1 120 ? -1.056  -6.892  -1.314  1.00 22.06 ? 120  GLU A OE1 1 
ATOM   870  O  OE2 . GLU A 1 120 ? 0.678   -8.207  -1.137  1.00 22.14 ? 120  GLU A OE2 1 
ATOM   871  N  N   . GLY A 1 121 ? 4.019   -4.060  -2.431  1.00 18.71 ? 121  GLY A N   1 
ATOM   872  C  CA  . GLY A 1 121 ? 5.393   -3.743  -2.096  1.00 19.42 ? 121  GLY A CA  1 
ATOM   873  C  C   . GLY A 1 121 ? 5.498   -2.872  -0.859  1.00 19.60 ? 121  GLY A C   1 
ATOM   874  O  O   . GLY A 1 121 ? 6.486   -2.930  -0.131  1.00 19.75 ? 121  GLY A O   1 
ATOM   875  N  N   . SER A 1 122 ? 4.479   -2.058  -0.621  1.00 20.18 ? 122  SER A N   1 
ATOM   876  C  CA  . SER A 1 122 ? 4.496   -1.176  0.538   1.00 20.90 ? 122  SER A CA  1 
ATOM   877  C  C   . SER A 1 122 ? 4.513   -1.960  1.857   1.00 21.43 ? 122  SER A C   1 
ATOM   878  O  O   . SER A 1 122 ? 4.786   -1.387  2.921   1.00 21.82 ? 122  SER A O   1 
ATOM   879  C  CB  . SER A 1 122 ? 3.291   -0.238  0.497   1.00 20.86 ? 122  SER A CB  1 
ATOM   880  O  OG  . SER A 1 122 ? 2.108   -0.934  0.835   1.00 21.35 ? 122  SER A OG  1 
ATOM   881  N  N   . LYS A 1 123 ? 4.245   -3.261  1.798   1.00 21.94 ? 123  LYS A N   1 
ATOM   882  C  CA  . LYS A 1 123 ? 4.255   -4.103  3.003   1.00 22.64 ? 123  LYS A CA  1 
ATOM   883  C  C   . LYS A 1 123 ? 5.664   -4.508  3.401   1.00 23.10 ? 123  LYS A C   1 
ATOM   884  O  O   . LYS A 1 123 ? 5.924   -4.906  4.537   1.00 23.20 ? 123  LYS A O   1 
ATOM   885  C  CB  . LYS A 1 123 ? 3.433   -5.376  2.787   1.00 22.71 ? 123  LYS A CB  1 
ATOM   886  C  CG  . LYS A 1 123 ? 1.955   -5.118  2.644   1.00 22.99 ? 123  LYS A CG  1 
ATOM   887  C  CD  . LYS A 1 123 ? 1.231   -6.366  2.185   1.00 23.14 ? 123  LYS A CD  1 
ATOM   888  C  CE  . LYS A 1 123 ? -0.254  -6.090  1.982   1.00 23.51 ? 123  LYS A CE  1 
ATOM   889  N  NZ  . LYS A 1 123 ? -0.930  -7.338  1.525   1.00 23.53 ? 123  LYS A NZ  1 
ATOM   890  N  N   . LEU A 1 124 ? 6.589   -4.401  2.460   1.00 23.72 ? 124  LEU A N   1 
ATOM   891  C  CA  . LEU A 1 124 ? 7.957   -4.782  2.744   1.00 24.45 ? 124  LEU A CA  1 
ATOM   892  C  C   . LEU A 1 124 ? 8.592   -3.860  3.780   1.00 25.20 ? 124  LEU A C   1 
ATOM   893  O  O   . LEU A 1 124 ? 8.443   -2.624  3.736   1.00 25.46 ? 124  LEU A O   1 
ATOM   894  C  CB  . LEU A 1 124 ? 8.773   -4.784  1.450   1.00 24.25 ? 124  LEU A CB  1 
ATOM   895  C  CG  . LEU A 1 124 ? 8.321   -5.859  0.460   1.00 24.25 ? 124  LEU A CG  1 
ATOM   896  C  CD1 . LEU A 1 124 ? 8.968   -5.616  -0.894  1.00 24.13 ? 124  LEU A CD1 1 
ATOM   897  C  CD2 . LEU A 1 124 ? 8.682   -7.227  0.994   1.00 24.20 ? 124  LEU A CD2 1 
ATOM   898  N  N   . GLY A 1 125 ? 9.296   -4.475  4.719   1.00 25.97 ? 125  GLY A N   1 
ATOM   899  C  CA  . GLY A 1 125 ? 9.965   -3.728  5.766   1.00 26.79 ? 125  GLY A CA  1 
ATOM   900  C  C   . GLY A 1 125 ? 9.017   -3.262  6.846   1.00 27.37 ? 125  GLY A C   1 
ATOM   901  O  O   . GLY A 1 125 ? 9.436   -2.604  7.799   1.00 27.63 ? 125  GLY A O   1 
ATOM   902  N  N   . ALA A 1 126 ? 7.737   -3.589  6.704   1.00 27.78 ? 126  ALA A N   1 
ATOM   903  C  CA  . ALA A 1 126 ? 6.755   -3.175  7.700   1.00 28.15 ? 126  ALA A CA  1 
ATOM   904  C  C   . ALA A 1 126 ? 7.131   -3.649  9.101   1.00 28.40 ? 126  ALA A C   1 
ATOM   905  O  O   . ALA A 1 126 ? 6.631   -3.108  10.097  1.00 28.29 ? 126  ALA A O   1 
ATOM   906  C  CB  . ALA A 1 126 ? 5.359   -3.698  7.327   1.00 28.23 ? 126  ALA A CB  1 
ATOM   907  N  N   . ALA A 1 127 ? 8.005   -4.650  9.192   1.00 28.55 ? 127  ALA A N   1 
ATOM   908  C  CA  . ALA A 1 127 ? 8.413   -5.158  10.487  1.00 28.73 ? 127  ALA A CA  1 
ATOM   909  C  C   . ALA A 1 127 ? 9.244   -4.096  11.194  1.00 28.88 ? 127  ALA A C   1 
ATOM   910  O  O   . ALA A 1 127 ? 9.308   -4.053  12.426  1.00 28.93 ? 127  ALA A O   1 
ATOM   911  C  CB  . ALA A 1 127 ? 9.208   -6.439  10.321  1.00 29.01 ? 127  ALA A CB  1 
ATOM   912  N  N   . PHE A 1 128 ? 9.865   -3.230  10.403  1.00 29.07 ? 128  PHE A N   1 
ATOM   913  C  CA  . PHE A 1 128 ? 10.687  -2.149  10.934  1.00 29.10 ? 128  PHE A CA  1 
ATOM   914  C  C   . PHE A 1 128 ? 9.791   -1.057  11.507  1.00 28.78 ? 128  PHE A C   1 
ATOM   915  O  O   . PHE A 1 128 ? 10.100  -0.464  12.542  1.00 28.80 ? 128  PHE A O   1 
ATOM   916  C  CB  . PHE A 1 128 ? 11.581  -1.575  9.831   1.00 29.70 ? 128  PHE A CB  1 
ATOM   917  C  CG  . PHE A 1 128 ? 12.673  -2.519  9.380   1.00 30.21 ? 128  PHE A CG  1 
ATOM   918  C  CD1 . PHE A 1 128 ? 13.368  -2.277  8.207   1.00 30.54 ? 128  PHE A CD1 1 
ATOM   919  C  CD2 . PHE A 1 128 ? 12.996  -3.649  10.129  1.00 30.53 ? 128  PHE A CD2 1 
ATOM   920  C  CE1 . PHE A 1 128 ? 14.377  -3.147  7.773   1.00 30.70 ? 128  PHE A CE1 1 
ATOM   921  C  CE2 . PHE A 1 128 ? 14.004  -4.528  9.706   1.00 30.80 ? 128  PHE A CE2 1 
ATOM   922  C  CZ  . PHE A 1 128 ? 14.694  -4.273  8.523   1.00 30.82 ? 128  PHE A CZ  1 
ATOM   923  N  N   . LEU A 1 129 ? 8.692   -0.786  10.809  1.00 28.43 ? 129  LEU A N   1 
ATOM   924  C  CA  . LEU A 1 129 ? 7.721   0.203   11.248  1.00 27.96 ? 129  LEU A CA  1 
ATOM   925  C  C   . LEU A 1 129 ? 7.039   -0.364  12.482  1.00 27.71 ? 129  LEU A C   1 
ATOM   926  O  O   . LEU A 1 129 ? 6.749   0.361   13.438  1.00 27.51 ? 129  LEU A O   1 
ATOM   927  C  CB  . LEU A 1 129 ? 6.673   0.467   10.166  1.00 28.04 ? 129  LEU A CB  1 
ATOM   928  C  CG  . LEU A 1 129 ? 7.107   1.110   8.847   1.00 28.05 ? 129  LEU A CG  1 
ATOM   929  C  CD1 . LEU A 1 129 ? 5.885   1.271   7.943   1.00 28.11 ? 129  LEU A CD1 1 
ATOM   930  C  CD2 . LEU A 1 129 ? 7.756   2.456   9.111   1.00 28.10 ? 129  LEU A CD2 1 
ATOM   931  N  N   . PHE A 1 130 ? 6.794   -1.671  12.463  1.00 27.27 ? 130  PHE A N   1 
ATOM   932  C  CA  . PHE A 1 130 ? 6.147   -2.333  13.594  1.00 26.94 ? 130  PHE A CA  1 
ATOM   933  C  C   . PHE A 1 130 ? 7.023   -2.187  14.826  1.00 26.96 ? 130  PHE A C   1 
ATOM   934  O  O   . PHE A 1 130 ? 6.535   -1.905  15.930  1.00 26.84 ? 130  PHE A O   1 
ATOM   935  C  CB  . PHE A 1 130 ? 5.940   -3.824  13.306  1.00 26.66 ? 130  PHE A CB  1 
ATOM   936  C  CG  . PHE A 1 130 ? 5.176   -4.553  14.386  1.00 26.08 ? 130  PHE A CG  1 
ATOM   937  C  CD1 . PHE A 1 130 ? 3.808   -4.352  14.540  1.00 25.99 ? 130  PHE A CD1 1 
ATOM   938  C  CD2 . PHE A 1 130 ? 5.826   -5.422  15.254  1.00 25.90 ? 130  PHE A CD2 1 
ATOM   939  C  CE1 . PHE A 1 130 ? 3.094   -5.006  15.542  1.00 25.74 ? 130  PHE A CE1 1 
ATOM   940  C  CE2 . PHE A 1 130 ? 5.123   -6.085  16.268  1.00 25.86 ? 130  PHE A CE2 1 
ATOM   941  C  CZ  . PHE A 1 130 ? 3.748   -5.873  16.409  1.00 25.69 ? 130  PHE A CZ  1 
ATOM   942  N  N   . LYS A 1 131 ? 8.328   -2.370  14.634  1.00 26.89 ? 131  LYS A N   1 
ATOM   943  C  CA  . LYS A 1 131 ? 9.266   -2.271  15.733  1.00 26.98 ? 131  LYS A CA  1 
ATOM   944  C  C   . LYS A 1 131 ? 9.335   -0.849  16.260  1.00 26.61 ? 131  LYS A C   1 
ATOM   945  O  O   . LYS A 1 131 ? 9.399   -0.638  17.480  1.00 26.95 ? 131  LYS A O   1 
ATOM   946  C  CB  . LYS A 1 131 ? 10.666  -2.726  15.303  1.00 27.41 ? 131  LYS A CB  1 
ATOM   947  C  CG  . LYS A 1 131 ? 11.575  -2.917  16.503  1.00 28.10 ? 131  LYS A CG  1 
ATOM   948  C  CD  . LYS A 1 131 ? 13.036  -2.864  16.123  1.00 28.76 ? 131  LYS A CD  1 
ATOM   949  C  CE  . LYS A 1 131 ? 13.902  -2.912  17.378  1.00 29.14 ? 131  LYS A CE  1 
ATOM   950  N  NZ  . LYS A 1 131 ? 13.833  -4.246  18.041  1.00 29.75 ? 131  LYS A NZ  1 
ATOM   951  N  N   . LYS A 1 132 ? 9.322   0.131   15.360  1.00 26.20 ? 132  LYS A N   1 
ATOM   952  C  CA  . LYS A 1 132 ? 9.374   1.523   15.790  1.00 25.65 ? 132  LYS A CA  1 
ATOM   953  C  C   . LYS A 1 132 ? 8.079   1.923   16.506  1.00 25.13 ? 132  LYS A C   1 
ATOM   954  O  O   . LYS A 1 132 ? 8.093   2.785   17.383  1.00 24.89 ? 132  LYS A O   1 
ATOM   955  C  CB  . LYS A 1 132 ? 9.643   2.451   14.605  1.00 26.00 ? 132  LYS A CB  1 
ATOM   956  C  CG  . LYS A 1 132 ? 11.069  2.327   14.043  1.00 26.50 ? 132  LYS A CG  1 
ATOM   957  C  CD  . LYS A 1 132 ? 11.295  3.304   12.902  1.00 26.91 ? 132  LYS A CD  1 
ATOM   958  C  CE  . LYS A 1 132 ? 12.653  3.085   12.232  1.00 27.21 ? 132  LYS A CE  1 
ATOM   959  N  NZ  . LYS A 1 132 ? 12.706  3.708   10.886  1.00 27.79 ? 132  LYS A NZ  1 
ATOM   960  N  N   . ALA A 1 133 ? 6.965   1.289   16.154  1.00 24.42 ? 133  ALA A N   1 
ATOM   961  C  CA  . ALA A 1 133 ? 5.692   1.615   16.805  1.00 24.05 ? 133  ALA A CA  1 
ATOM   962  C  C   . ALA A 1 133 ? 5.699   1.211   18.278  1.00 23.71 ? 133  ALA A C   1 
ATOM   963  O  O   . ALA A 1 133 ? 4.975   1.789   19.092  1.00 23.45 ? 133  ALA A O   1 
ATOM   964  C  CB  . ALA A 1 133 ? 4.533   0.925   16.089  1.00 23.97 ? 133  ALA A CB  1 
ATOM   965  N  N   . ALA A 1 134 ? 6.505   0.212   18.611  1.00 23.49 ? 134  ALA A N   1 
ATOM   966  C  CA  . ALA A 1 134 ? 6.609   -0.261  19.987  1.00 23.42 ? 134  ALA A CA  1 
ATOM   967  C  C   . ALA A 1 134 ? 7.067   0.864   20.922  1.00 23.43 ? 134  ALA A C   1 
ATOM   968  O  O   . ALA A 1 134 ? 6.746   0.857   22.121  1.00 23.31 ? 134  ALA A O   1 
ATOM   969  C  CB  . ALA A 1 134 ? 7.572   -1.436  20.062  1.00 23.46 ? 134  ALA A CB  1 
ATOM   970  N  N   . ALA A 1 135 ? 7.800   1.833   20.376  1.00 23.18 ? 135  ALA A N   1 
ATOM   971  C  CA  . ALA A 1 135 ? 8.284   2.959   21.180  1.00 22.87 ? 135  ALA A CA  1 
ATOM   972  C  C   . ALA A 1 135 ? 7.132   3.841   21.621  1.00 22.63 ? 135  ALA A C   1 
ATOM   973  O  O   . ALA A 1 135 ? 7.232   4.521   22.631  1.00 22.75 ? 135  ALA A O   1 
ATOM   974  C  CB  . ALA A 1 135 ? 9.310   3.797   20.390  1.00 23.24 ? 135  ALA A CB  1 
ATOM   975  N  N   . LEU A 1 136 ? 6.045   3.833   20.860  1.00 22.05 ? 136  LEU A N   1 
ATOM   976  C  CA  . LEU A 1 136 ? 4.850   4.600   21.195  1.00 21.67 ? 136  LEU A CA  1 
ATOM   977  C  C   . LEU A 1 136 ? 3.881   3.716   21.987  1.00 21.35 ? 136  LEU A C   1 
ATOM   978  O  O   . LEU A 1 136 ? 2.715   4.063   22.139  1.00 21.25 ? 136  LEU A O   1 
ATOM   979  C  CB  . LEU A 1 136 ? 4.154   5.109   19.921  1.00 21.68 ? 136  LEU A CB  1 
ATOM   980  C  CG  . LEU A 1 136 ? 4.857   6.189   19.083  1.00 21.74 ? 136  LEU A CG  1 
ATOM   981  C  CD1 . LEU A 1 136 ? 4.047   6.486   17.845  1.00 21.64 ? 136  LEU A CD1 1 
ATOM   982  C  CD2 . LEU A 1 136 ? 5.019   7.474   19.904  1.00 21.97 ? 136  LEU A CD2 1 
ATOM   983  N  N   . GLU A 1 137 ? 4.370   2.577   22.473  1.00 21.14 ? 137  GLU A N   1 
ATOM   984  C  CA  . GLU A 1 137 ? 3.572   1.627   23.245  1.00 21.20 ? 137  GLU A CA  1 
ATOM   985  C  C   . GLU A 1 137 ? 2.375   1.116   22.440  1.00 20.77 ? 137  GLU A C   1 
ATOM   986  O  O   . GLU A 1 137 ? 1.243   1.040   22.922  1.00 20.73 ? 137  GLU A O   1 
ATOM   987  C  CB  . GLU A 1 137 ? 3.143   2.270   24.573  1.00 21.67 ? 137  GLU A CB  1 
ATOM   988  C  CG  . GLU A 1 137 ? 4.348   2.594   25.442  1.00 22.87 ? 137  GLU A CG  1 
ATOM   989  C  CD  . GLU A 1 137 ? 4.035   3.549   26.583  1.00 23.47 ? 137  GLU A CD  1 
ATOM   990  O  OE1 . GLU A 1 137 ? 3.543   4.668   26.317  1.00 24.30 ? 137  GLU A OE1 1 
ATOM   991  O  OE2 . GLU A 1 137 ? 4.292   3.182   27.746  1.00 24.67 ? 137  GLU A OE2 1 
ATOM   992  N  N   . LEU A 1 138 ? 2.660   0.759   21.193  1.00 20.38 ? 138  LEU A N   1 
ATOM   993  C  CA  . LEU A 1 138 ? 1.646   0.226   20.278  1.00 20.04 ? 138  LEU A CA  1 
ATOM   994  C  C   . LEU A 1 138 ? 2.123   -1.132  19.809  1.00 19.94 ? 138  LEU A C   1 
ATOM   995  O  O   . LEU A 1 138 ? 3.322   -1.380  19.763  1.00 19.95 ? 138  LEU A O   1 
ATOM   996  C  CB  . LEU A 1 138 ? 1.480   1.129   19.053  1.00 19.93 ? 138  LEU A CB  1 
ATOM   997  C  CG  . LEU A 1 138 ? 1.146   2.601   19.300  1.00 19.78 ? 138  LEU A CG  1 
ATOM   998  C  CD1 . LEU A 1 138 ? 1.032   3.322   17.982  1.00 19.81 ? 138  LEU A CD1 1 
ATOM   999  C  CD2 . LEU A 1 138 ? -0.149  2.715   20.111  1.00 19.66 ? 138  LEU A CD2 1 
ATOM   1000 N  N   . ASP A 1 139 ? 1.188   -2.029  19.499  1.00 19.80 ? 139  ASP A N   1 
ATOM   1001 C  CA  . ASP A 1 139 ? 1.568   -3.343  18.992  1.00 19.86 ? 139  ASP A CA  1 
ATOM   1002 C  C   . ASP A 1 139 ? 0.465   -3.932  18.102  1.00 20.03 ? 139  ASP A C   1 
ATOM   1003 O  O   . ASP A 1 139 ? -0.450  -3.213  17.697  1.00 19.91 ? 139  ASP A O   1 
ATOM   1004 C  CB  . ASP A 1 139 ? 2.011   -4.301  20.131  1.00 19.79 ? 139  ASP A CB  1 
ATOM   1005 C  CG  . ASP A 1 139 ? 0.885   -4.700  21.089  1.00 19.80 ? 139  ASP A CG  1 
ATOM   1006 O  OD1 . ASP A 1 139 ? -0.285  -4.448  20.762  1.00 19.48 ? 139  ASP A OD1 1 
ATOM   1007 O  OD2 . ASP A 1 139 ? 1.204   -5.298  22.153  1.00 19.81 ? 139  ASP A OD2 1 
ATOM   1008 N  N   . GLU A 1 140 ? 0.564   -5.223  17.787  1.00 20.37 ? 140  GLU A N   1 
ATOM   1009 C  CA  . GLU A 1 140 ? -0.397  -5.885  16.913  1.00 20.85 ? 140  GLU A CA  1 
ATOM   1010 C  C   . GLU A 1 140 ? -1.831  -5.960  17.461  1.00 20.84 ? 140  GLU A C   1 
ATOM   1011 O  O   . GLU A 1 140 ? -2.756  -6.276  16.712  1.00 20.91 ? 140  GLU A O   1 
ATOM   1012 C  CB  . GLU A 1 140 ? 0.098   -7.300  16.582  1.00 21.34 ? 140  GLU A CB  1 
ATOM   1013 C  CG  . GLU A 1 140 ? -0.062  -8.321  17.700  1.00 22.13 ? 140  GLU A CG  1 
ATOM   1014 C  CD  . GLU A 1 140 ? 1.000   -8.218  18.806  1.00 22.51 ? 140  GLU A CD  1 
ATOM   1015 O  OE1 . GLU A 1 140 ? 0.889   -8.982  19.789  1.00 23.35 ? 140  GLU A OE1 1 
ATOM   1016 O  OE2 . GLU A 1 140 ? 1.945   -7.402  18.699  1.00 22.52 ? 140  GLU A OE2 1 
ATOM   1017 N  N   . ASN A 1 141 ? -2.015  -5.668  18.745  1.00 20.86 ? 141  ASN A N   1 
ATOM   1018 C  CA  . ASN A 1 141 ? -3.342  -5.712  19.362  1.00 20.91 ? 141  ASN A CA  1 
ATOM   1019 C  C   . ASN A 1 141 ? -3.889  -4.330  19.687  1.00 20.57 ? 141  ASN A C   1 
ATOM   1020 O  O   . ASN A 1 141 ? -5.027  -4.221  20.156  1.00 20.60 ? 141  ASN A O   1 
ATOM   1021 C  CB  . ASN A 1 141 ? -3.330  -6.522  20.664  1.00 21.63 ? 141  ASN A CB  1 
ATOM   1022 C  CG  . ASN A 1 141 ? -3.398  -8.015  20.430  1.00 22.31 ? 141  ASN A CG  1 
ATOM   1023 O  OD1 . ASN A 1 141 ? -4.122  -8.480  19.550  1.00 23.00 ? 141  ASN A OD1 1 
ATOM   1024 N  ND2 . ASN A 1 141 ? -2.662  -8.772  21.226  1.00 22.86 ? 141  ASN A ND2 1 
ATOM   1025 N  N   . PHE A 1 142 ? -3.081  -3.294  19.455  1.00 19.98 ? 142  PHE A N   1 
ATOM   1026 C  CA  . PHE A 1 142 ? -3.494  -1.918  19.732  1.00 19.56 ? 142  PHE A CA  1 
ATOM   1027 C  C   . PHE A 1 142 ? -2.654  -0.893  18.951  1.00 19.39 ? 142  PHE A C   1 
ATOM   1028 O  O   . PHE A 1 142 ? -1.452  -0.786  19.167  1.00 19.12 ? 142  PHE A O   1 
ATOM   1029 C  CB  . PHE A 1 142 ? -3.373  -1.646  21.244  1.00 19.73 ? 142  PHE A CB  1 
ATOM   1030 C  CG  . PHE A 1 142 ? -3.915  -0.303  21.673  1.00 19.81 ? 142  PHE A CG  1 
ATOM   1031 C  CD1 . PHE A 1 142 ? -5.239  -0.171  22.084  1.00 19.90 ? 142  PHE A CD1 1 
ATOM   1032 C  CD2 . PHE A 1 142 ? -3.110  0.837   21.629  1.00 19.91 ? 142  PHE A CD2 1 
ATOM   1033 C  CE1 . PHE A 1 142 ? -5.757  1.075   22.445  1.00 19.79 ? 142  PHE A CE1 1 
ATOM   1034 C  CE2 . PHE A 1 142 ? -3.620  2.092   21.986  1.00 19.88 ? 142  PHE A CE2 1 
ATOM   1035 C  CZ  . PHE A 1 142 ? -4.947  2.206   22.396  1.00 19.81 ? 142  PHE A CZ  1 
ATOM   1036 N  N   . GLY A 1 143 ? -3.284  -0.193  18.011  1.00 19.19 ? 143  GLY A N   1 
ATOM   1037 C  CA  . GLY A 1 143 ? -2.595  0.846   17.264  1.00 19.26 ? 143  GLY A CA  1 
ATOM   1038 C  C   . GLY A 1 143 ? -1.742  0.463   16.071  1.00 19.46 ? 143  GLY A C   1 
ATOM   1039 O  O   . GLY A 1 143 ? -1.629  1.253   15.127  1.00 19.32 ? 143  GLY A O   1 
ATOM   1040 N  N   . ALA A 1 144 ? -1.133  -0.719  16.121  1.00 19.66 ? 144  ALA A N   1 
ATOM   1041 C  CA  . ALA A 1 144 ? -0.298  -1.175  15.006  1.00 20.16 ? 144  ALA A CA  1 
ATOM   1042 C  C   . ALA A 1 144 ? -0.789  -2.494  14.427  1.00 20.54 ? 144  ALA A C   1 
ATOM   1043 O  O   . ALA A 1 144 ? 0.005   -3.300  13.930  1.00 20.64 ? 144  ALA A O   1 
ATOM   1044 C  CB  . ALA A 1 144 ? 1.176   -1.295  15.436  1.00 20.22 ? 144  ALA A CB  1 
ATOM   1045 N  N   . ARG A 1 145 ? -2.097  -2.721  14.506  1.00 20.82 ? 145  ARG A N   1 
ATOM   1046 C  CA  . ARG A 1 145 ? -2.688  -3.957  13.972  1.00 21.48 ? 145  ARG A CA  1 
ATOM   1047 C  C   . ARG A 1 145 ? -2.358  -4.098  12.480  1.00 21.97 ? 145  ARG A C   1 
ATOM   1048 O  O   . ARG A 1 145 ? -2.122  -5.221  12.001  1.00 22.11 ? 145  ARG A O   1 
ATOM   1049 C  CB  . ARG A 1 145 ? -4.220  -3.938  14.098  1.00 21.13 ? 145  ARG A CB  1 
ATOM   1050 C  CG  . ARG A 1 145 ? -4.785  -3.870  15.516  1.00 20.74 ? 145  ARG A CG  1 
ATOM   1051 C  CD  . ARG A 1 145 ? -6.184  -3.232  15.464  1.00 20.60 ? 145  ARG A CD  1 
ATOM   1052 N  NE  . ARG A 1 145 ? -6.744  -2.974  16.799  1.00 20.11 ? 145  ARG A NE  1 
ATOM   1053 C  CZ  . ARG A 1 145 ? -7.420  -3.848  17.542  1.00 20.29 ? 145  ARG A CZ  1 
ATOM   1054 N  NH1 . ARG A 1 145 ? -7.662  -5.095  17.114  1.00 20.02 ? 145  ARG A NH1 1 
ATOM   1055 N  NH2 . ARG A 1 145 ? -7.863  -3.470  18.738  1.00 19.86 ? 145  ARG A NH2 1 
ATOM   1056 N  N   . HIS A 1 146 ? -2.358  -2.979  11.748  1.00 22.71 ? 146  HIS A N   1 
ATOM   1057 C  CA  . HIS A 1 146 ? -2.101  -3.021  10.304  1.00 23.80 ? 146  HIS A CA  1 
ATOM   1058 C  C   . HIS A 1 146 ? -0.658  -3.316  9.907   1.00 24.61 ? 146  HIS A C   1 
ATOM   1059 O  O   . HIS A 1 146 ? -0.389  -3.551  8.733   1.00 24.68 ? 146  HIS A O   1 
ATOM   1060 C  CB  . HIS A 1 146 ? -2.571  -1.726  9.608   1.00 23.71 ? 146  HIS A CB  1 
ATOM   1061 C  CG  . HIS A 1 146 ? -1.608  -0.575  9.708   1.00 23.95 ? 146  HIS A CG  1 
ATOM   1062 N  ND1 . HIS A 1 146 ? -1.456  0.178   10.856  1.00 24.00 ? 146  HIS A ND1 1 
ATOM   1063 C  CD2 . HIS A 1 146 ? -0.764  -0.039  8.795   1.00 24.05 ? 146  HIS A CD2 1 
ATOM   1064 C  CE1 . HIS A 1 146 ? -0.558  1.125   10.642  1.00 24.11 ? 146  HIS A CE1 1 
ATOM   1065 N  NE2 . HIS A 1 146 ? -0.124  1.015   9.399   1.00 24.17 ? 146  HIS A NE2 1 
ATOM   1066 N  N   . LEU A 1 147 ? 0.255   -3.318  10.876  1.00 25.47 ? 147  LEU A N   1 
ATOM   1067 C  CA  . LEU A 1 147 ? 1.667   -3.568  10.594  1.00 26.66 ? 147  LEU A CA  1 
ATOM   1068 C  C   . LEU A 1 147 ? 2.081   -4.952  11.069  1.00 27.59 ? 147  LEU A C   1 
ATOM   1069 O  O   . LEU A 1 147 ? 3.238   -5.357  10.906  1.00 27.63 ? 147  LEU A O   1 
ATOM   1070 C  CB  . LEU A 1 147 ? 2.550   -2.493  11.268  1.00 26.43 ? 147  LEU A CB  1 
ATOM   1071 C  CG  . LEU A 1 147 ? 2.438   -1.058  10.748  1.00 26.35 ? 147  LEU A CG  1 
ATOM   1072 C  CD1 . LEU A 1 147 ? 3.282   -0.108  11.595  1.00 26.25 ? 147  LEU A CD1 1 
ATOM   1073 C  CD2 . LEU A 1 147 ? 2.905   -1.013  9.305   1.00 26.35 ? 147  LEU A CD2 1 
ATOM   1074 N  N   . ALA A 1 148 ? 1.137   -5.678  11.648  1.00 28.74 ? 148  ALA A N   1 
ATOM   1075 C  CA  . ALA A 1 148 ? 1.409   -7.011  12.156  1.00 30.12 ? 148  ALA A CA  1 
ATOM   1076 C  C   . ALA A 1 148 ? 1.890   -7.868  10.988  1.00 31.08 ? 148  ALA A C   1 
ATOM   1077 O  O   . ALA A 1 148 ? 1.495   -7.649  9.845   1.00 31.16 ? 148  ALA A O   1 
ATOM   1078 C  CB  . ALA A 1 148 ? 0.148   -7.599  12.774  1.00 30.01 ? 148  ALA A CB  1 
ATOM   1079 N  N   . GLU A 1 149 ? 2.753   -8.835  11.265  1.00 32.36 ? 149  GLU A N   1 
ATOM   1080 C  CA  . GLU A 1 149 ? 3.259   -9.669  10.186  1.00 33.70 ? 149  GLU A CA  1 
ATOM   1081 C  C   . GLU A 1 149 ? 2.198   -10.653 9.706   1.00 34.49 ? 149  GLU A C   1 
ATOM   1082 O  O   . GLU A 1 149 ? 1.456   -11.222 10.508  1.00 34.63 ? 149  GLU A O   1 
ATOM   1083 C  CB  . GLU A 1 149 ? 4.524   -10.414 10.631  1.00 33.99 ? 149  GLU A CB  1 
ATOM   1084 C  CG  . GLU A 1 149 ? 4.369   -11.320 11.831  1.00 34.56 ? 149  GLU A CG  1 
ATOM   1085 C  CD  . GLU A 1 149 ? 5.620   -12.171 12.073  1.00 34.95 ? 149  GLU A CD  1 
ATOM   1086 O  OE1 . GLU A 1 149 ? 5.595   -13.038 12.976  1.00 35.18 ? 149  GLU A OE1 1 
ATOM   1087 O  OE2 . GLU A 1 149 ? 6.627   -11.973 11.355  1.00 35.22 ? 149  GLU A OE2 1 
ATOM   1088 N  N   . PRO A 1 150 ? 2.098   -10.846 8.382   1.00 35.33 ? 150  PRO A N   1 
ATOM   1089 C  CA  . PRO A 1 150 ? 1.123   -11.766 7.792   1.00 35.97 ? 150  PRO A CA  1 
ATOM   1090 C  C   . PRO A 1 150 ? 1.517   -13.223 8.028   1.00 36.66 ? 150  PRO A C   1 
ATOM   1091 O  O   . PRO A 1 150 ? 2.687   -13.537 8.263   1.00 36.80 ? 150  PRO A O   1 
ATOM   1092 C  CB  . PRO A 1 150 ? 1.139   -11.383 6.315   1.00 35.89 ? 150  PRO A CB  1 
ATOM   1093 C  CG  . PRO A 1 150 ? 2.568   -10.989 6.097   1.00 35.73 ? 150  PRO A CG  1 
ATOM   1094 C  CD  . PRO A 1 150 ? 2.884   -10.166 7.334   1.00 35.45 ? 150  PRO A CD  1 
ATOM   1095 N  N   . GLU A 1 151 ? 0.526   -14.103 7.961   1.00 37.41 ? 151  GLU A N   1 
ATOM   1096 C  CA  . GLU A 1 151 ? 0.712   -15.532 8.179   1.00 38.01 ? 151  GLU A CA  1 
ATOM   1097 C  C   . GLU A 1 151 ? 1.988   -16.150 7.618   1.00 38.22 ? 151  GLU A C   1 
ATOM   1098 O  O   . GLU A 1 151 ? 2.914   -16.480 8.368   1.00 38.37 ? 151  GLU A O   1 
ATOM   1099 C  CB  . GLU A 1 151 ? -0.492  -16.288 7.623   1.00 38.41 ? 151  GLU A CB  1 
ATOM   1100 C  CG  . GLU A 1 151 ? -1.428  -16.799 8.692   1.00 38.99 ? 151  GLU A CG  1 
ATOM   1101 C  CD  . GLU A 1 151 ? -0.750  -17.798 9.603   1.00 39.28 ? 151  GLU A CD  1 
ATOM   1102 O  OE1 . GLU A 1 151 ? 0.161   -17.404 10.363  1.00 39.54 ? 151  GLU A OE1 1 
ATOM   1103 O  OE2 . GLU A 1 151 ? -1.129  -18.984 9.555   1.00 39.67 ? 151  GLU A OE2 1 
ATOM   1104 N  N   . GLY A 1 152 ? 2.028   -16.327 6.302   1.00 38.38 ? 152  GLY A N   1 
ATOM   1105 C  CA  . GLY A 1 152 ? 3.192   -16.930 5.675   1.00 38.49 ? 152  GLY A CA  1 
ATOM   1106 C  C   . GLY A 1 152 ? 4.482   -16.142 5.826   1.00 38.56 ? 152  GLY A C   1 
ATOM   1107 O  O   . GLY A 1 152 ? 5.565   -16.651 5.520   1.00 38.55 ? 152  GLY A O   1 
ATOM   1108 N  N   . GLY A 1 153 ? 4.376   -14.906 6.313   1.00 38.52 ? 153  GLY A N   1 
ATOM   1109 C  CA  . GLY A 1 153 ? 5.553   -14.070 6.472   1.00 38.48 ? 153  GLY A CA  1 
ATOM   1110 C  C   . GLY A 1 153 ? 5.603   -13.082 5.323   1.00 38.43 ? 153  GLY A C   1 
ATOM   1111 O  O   . GLY A 1 153 ? 5.165   -13.409 4.224   1.00 38.44 ? 153  GLY A O   1 
ATOM   1112 N  N   . ARG A 1 154 ? 6.124   -11.882 5.570   1.00 38.40 ? 154  ARG A N   1 
ATOM   1113 C  CA  . ARG A 1 154 ? 6.213   -10.845 4.543   1.00 38.32 ? 154  ARG A CA  1 
ATOM   1114 C  C   . ARG A 1 154 ? 6.937   -11.313 3.279   1.00 38.05 ? 154  ARG A C   1 
ATOM   1115 O  O   . ARG A 1 154 ? 6.467   -11.106 2.158   1.00 38.07 ? 154  ARG A O   1 
ATOM   1116 C  CB  . ARG A 1 154 ? 6.961   -9.623  5.081   1.00 38.62 ? 154  ARG A CB  1 
ATOM   1117 C  CG  . ARG A 1 154 ? 6.477   -9.082  6.409   1.00 38.93 ? 154  ARG A CG  1 
ATOM   1118 C  CD  . ARG A 1 154 ? 7.384   -7.933  6.833   1.00 39.24 ? 154  ARG A CD  1 
ATOM   1119 N  NE  . ARG A 1 154 ? 8.774   -8.372  6.899   1.00 39.48 ? 154  ARG A NE  1 
ATOM   1120 C  CZ  . ARG A 1 154 ? 9.808   -7.576  7.148   1.00 39.52 ? 154  ARG A CZ  1 
ATOM   1121 N  NH1 . ARG A 1 154 ? 9.621   -6.278  7.356   1.00 39.55 ? 154  ARG A NH1 1 
ATOM   1122 N  NH2 . ARG A 1 154 ? 11.033  -8.084  7.196   1.00 39.62 ? 154  ARG A NH2 1 
ATOM   1123 N  N   . ALA A 1 155 ? 8.093   -11.938 3.472   1.00 37.67 ? 155  ALA A N   1 
ATOM   1124 C  CA  . ALA A 1 155 ? 8.909   -12.414 2.362   1.00 37.32 ? 155  ALA A CA  1 
ATOM   1125 C  C   . ALA A 1 155 ? 8.161   -13.209 1.300   1.00 36.95 ? 155  ALA A C   1 
ATOM   1126 O  O   . ALA A 1 155 ? 8.019   -12.754 0.167   1.00 36.96 ? 155  ALA A O   1 
ATOM   1127 C  CB  . ALA A 1 155 ? 10.078  -13.239 2.898   1.00 37.31 ? 155  ALA A CB  1 
ATOM   1128 N  N   . GLN A 1 156 ? 7.701   -14.406 1.653   1.00 36.56 ? 156  GLN A N   1 
ATOM   1129 C  CA  . GLN A 1 156 ? 6.992   -15.246 0.696   1.00 36.04 ? 156  GLN A CA  1 
ATOM   1130 C  C   . GLN A 1 156 ? 5.722   -14.608 0.140   1.00 35.36 ? 156  GLN A C   1 
ATOM   1131 O  O   . GLN A 1 156 ? 5.333   -14.887 -0.996  1.00 35.34 ? 156  GLN A O   1 
ATOM   1132 C  CB  . GLN A 1 156 ? 6.670   -16.613 1.314   1.00 36.49 ? 156  GLN A CB  1 
ATOM   1133 C  CG  . GLN A 1 156 ? 6.388   -16.568 2.803   1.00 36.98 ? 156  GLN A CG  1 
ATOM   1134 C  CD  . GLN A 1 156 ? 7.656   -16.410 3.632   1.00 37.30 ? 156  GLN A CD  1 
ATOM   1135 O  OE1 . GLN A 1 156 ? 8.542   -17.271 3.601   1.00 37.58 ? 156  GLN A OE1 1 
ATOM   1136 N  NE2 . GLN A 1 156 ? 7.748   -15.311 4.379   1.00 37.38 ? 156  GLN A NE2 1 
ATOM   1137 N  N   . GLY A 1 157 ? 5.070   -13.757 0.926   1.00 34.54 ? 157  GLY A N   1 
ATOM   1138 C  CA  . GLY A 1 157 ? 3.873   -13.110 0.425   1.00 33.55 ? 157  GLY A CA  1 
ATOM   1139 C  C   . GLY A 1 157 ? 4.233   -12.297 -0.805  1.00 32.81 ? 157  GLY A C   1 
ATOM   1140 O  O   . GLY A 1 157 ? 3.493   -12.258 -1.784  1.00 32.71 ? 157  GLY A O   1 
ATOM   1141 N  N   . TRP A 1 158 ? 5.389   -11.650 -0.757  1.00 32.10 ? 158  TRP A N   1 
ATOM   1142 C  CA  . TRP A 1 158 ? 5.848   -10.847 -1.882  1.00 31.40 ? 158  TRP A CA  1 
ATOM   1143 C  C   . TRP A 1 158 ? 6.297   -11.724 -3.059  1.00 31.15 ? 158  TRP A C   1 
ATOM   1144 O  O   . TRP A 1 158 ? 5.959   -11.459 -4.214  1.00 31.07 ? 158  TRP A O   1 
ATOM   1145 C  CB  . TRP A 1 158 ? 6.993   -9.928  -1.433  1.00 30.92 ? 158  TRP A CB  1 
ATOM   1146 C  CG  . TRP A 1 158 ? 7.639   -9.167  -2.547  1.00 30.38 ? 158  TRP A CG  1 
ATOM   1147 C  CD1 . TRP A 1 158 ? 8.908   -9.332  -3.021  1.00 30.28 ? 158  TRP A CD1 1 
ATOM   1148 C  CD2 . TRP A 1 158 ? 7.044   -8.137  -3.339  1.00 30.05 ? 158  TRP A CD2 1 
ATOM   1149 N  NE1 . TRP A 1 158 ? 9.138   -8.469  -4.064  1.00 30.21 ? 158  TRP A NE1 1 
ATOM   1150 C  CE2 . TRP A 1 158 ? 8.010   -7.722  -4.278  1.00 29.96 ? 158  TRP A CE2 1 
ATOM   1151 C  CE3 . TRP A 1 158 ? 5.788   -7.524  -3.348  1.00 29.79 ? 158  TRP A CE3 1 
ATOM   1152 C  CZ2 . TRP A 1 158 ? 7.761   -6.722  -5.215  1.00 29.86 ? 158  TRP A CZ2 1 
ATOM   1153 C  CZ3 . TRP A 1 158 ? 5.540   -6.528  -4.281  1.00 29.69 ? 158  TRP A CZ3 1 
ATOM   1154 C  CH2 . TRP A 1 158 ? 6.522   -6.139  -5.201  1.00 29.79 ? 158  TRP A CH2 1 
ATOM   1155 N  N   . LYS A 1 159 ? 7.051   -12.775 -2.760  1.00 30.93 ? 159  LYS A N   1 
ATOM   1156 C  CA  . LYS A 1 159 ? 7.549   -13.682 -3.788  1.00 30.69 ? 159  LYS A CA  1 
ATOM   1157 C  C   . LYS A 1 159 ? 6.411   -14.372 -4.558  1.00 30.31 ? 159  LYS A C   1 
ATOM   1158 O  O   . LYS A 1 159 ? 6.503   -14.587 -5.769  1.00 30.29 ? 159  LYS A O   1 
ATOM   1159 C  CB  . LYS A 1 159 ? 8.470   -14.727 -3.145  1.00 31.00 ? 159  LYS A CB  1 
ATOM   1160 C  CG  . LYS A 1 159 ? 9.571   -14.132 -2.249  1.00 31.43 ? 159  LYS A CG  1 
ATOM   1161 C  CD  . LYS A 1 159 ? 10.571  -15.206 -1.800  1.00 31.83 ? 159  LYS A CD  1 
ATOM   1162 C  CE  . LYS A 1 159 ? 11.502  -14.724 -0.685  1.00 32.07 ? 159  LYS A CE  1 
ATOM   1163 N  NZ  . LYS A 1 159 ? 12.401  -13.612 -1.100  1.00 32.33 ? 159  LYS A NZ  1 
ATOM   1164 N  N   . SER A 1 160 ? 5.339   -14.710 -3.853  1.00 29.86 ? 160  SER A N   1 
ATOM   1165 C  CA  . SER A 1 160 ? 4.189   -15.351 -4.475  1.00 29.43 ? 160  SER A CA  1 
ATOM   1166 C  C   . SER A 1 160 ? 3.471   -14.380 -5.416  1.00 28.88 ? 160  SER A C   1 
ATOM   1167 O  O   . SER A 1 160 ? 3.012   -14.761 -6.495  1.00 28.84 ? 160  SER A O   1 
ATOM   1168 C  CB  . SER A 1 160 ? 3.213   -15.855 -3.400  1.00 29.61 ? 160  SER A CB  1 
ATOM   1169 O  OG  . SER A 1 160 ? 2.820   -14.817 -2.510  1.00 30.19 ? 160  SER A OG  1 
ATOM   1170 N  N   . PHE A 1 161 ? 3.383   -13.120 -5.004  1.00 28.23 ? 161  PHE A N   1 
ATOM   1171 C  CA  . PHE A 1 161 ? 2.738   -12.103 -5.818  1.00 27.59 ? 161  PHE A CA  1 
ATOM   1172 C  C   . PHE A 1 161 ? 3.551   -11.798 -7.092  1.00 27.25 ? 161  PHE A C   1 
ATOM   1173 O  O   . PHE A 1 161 ? 3.000   -11.722 -8.188  1.00 27.05 ? 161  PHE A O   1 
ATOM   1174 C  CB  . PHE A 1 161 ? 2.573   -10.819 -5.000  1.00 27.46 ? 161  PHE A CB  1 
ATOM   1175 C  CG  . PHE A 1 161 ? 2.102   -9.649  -5.806  1.00 27.24 ? 161  PHE A CG  1 
ATOM   1176 C  CD1 . PHE A 1 161 ? 0.768   -9.530  -6.168  1.00 27.17 ? 161  PHE A CD1 1 
ATOM   1177 C  CD2 . PHE A 1 161 ? 3.008   -8.691  -6.257  1.00 27.12 ? 161  PHE A CD2 1 
ATOM   1178 C  CE1 . PHE A 1 161 ? 0.332   -8.478  -6.974  1.00 27.04 ? 161  PHE A CE1 1 
ATOM   1179 C  CE2 . PHE A 1 161 ? 2.585   -7.635  -7.063  1.00 27.03 ? 161  PHE A CE2 1 
ATOM   1180 C  CZ  . PHE A 1 161 ? 1.248   -7.529  -7.422  1.00 27.05 ? 161  PHE A CZ  1 
ATOM   1181 N  N   . VAL A 1 162 ? 4.858   -11.618 -6.936  1.00 26.86 ? 162  VAL A N   1 
ATOM   1182 C  CA  . VAL A 1 162 ? 5.716   -11.302 -8.070  1.00 26.61 ? 162  VAL A CA  1 
ATOM   1183 C  C   . VAL A 1 162 ? 5.782   -12.406 -9.119  1.00 26.31 ? 162  VAL A C   1 
ATOM   1184 O  O   . VAL A 1 162 ? 5.852   -12.129 -10.315 1.00 26.19 ? 162  VAL A O   1 
ATOM   1185 C  CB  . VAL A 1 162 ? 7.139   -10.930 -7.590  1.00 26.78 ? 162  VAL A CB  1 
ATOM   1186 C  CG1 . VAL A 1 162 ? 8.098   -10.876 -8.756  1.00 26.91 ? 162  VAL A CG1 1 
ATOM   1187 C  CG2 . VAL A 1 162 ? 7.097   -9.545  -6.903  1.00 26.88 ? 162  VAL A CG2 1 
ATOM   1188 N  N   . ALA A 1 163 ? 5.755   -13.661 -8.678  1.00 26.10 ? 163  ALA A N   1 
ATOM   1189 C  CA  . ALA A 1 163 ? 5.791   -14.775 -9.619  1.00 25.71 ? 163  ALA A CA  1 
ATOM   1190 C  C   . ALA A 1 163 ? 4.573   -14.718 -10.565 1.00 25.42 ? 163  ALA A C   1 
ATOM   1191 O  O   . ALA A 1 163 ? 4.685   -14.942 -11.769 1.00 25.32 ? 163  ALA A O   1 
ATOM   1192 C  CB  . ALA A 1 163 ? 5.811   -16.099 -8.841  1.00 25.86 ? 163  ALA A CB  1 
ATOM   1193 N  N   . ILE A 1 164 ? 3.404   -14.410 -10.017 1.00 24.97 ? 164  ILE A N   1 
ATOM   1194 C  CA  . ILE A 1 164 ? 2.212   -14.311 -10.846 1.00 24.76 ? 164  ILE A CA  1 
ATOM   1195 C  C   . ILE A 1 164 ? 2.304   -13.062 -11.747 1.00 24.55 ? 164  ILE A C   1 
ATOM   1196 O  O   . ILE A 1 164 ? 2.042   -13.112 -12.946 1.00 24.54 ? 164  ILE A O   1 
ATOM   1197 C  CB  . ILE A 1 164 ? 0.943   -14.232 -9.961  1.00 24.77 ? 164  ILE A CB  1 
ATOM   1198 C  CG1 . ILE A 1 164 ? 0.742   -15.556 -9.202  1.00 25.00 ? 164  ILE A CG1 1 
ATOM   1199 C  CG2 . ILE A 1 164 ? -0.277  -13.939 -10.814 1.00 24.72 ? 164  ILE A CG2 1 
ATOM   1200 C  CD1 . ILE A 1 164 ? -0.439  -15.521 -8.252  1.00 25.10 ? 164  ILE A CD1 1 
ATOM   1201 N  N   . LEU A 1 165 ? 2.689   -11.935 -11.161 1.00 24.27 ? 165  LEU A N   1 
ATOM   1202 C  CA  . LEU A 1 165 ? 2.778   -10.697 -11.925 1.00 24.17 ? 165  LEU A CA  1 
ATOM   1203 C  C   . LEU A 1 165 ? 3.691   -10.844 -13.130 1.00 24.14 ? 165  LEU A C   1 
ATOM   1204 O  O   . LEU A 1 165 ? 3.333   -10.452 -14.248 1.00 24.04 ? 165  LEU A O   1 
ATOM   1205 C  CB  . LEU A 1 165 ? 3.287   -9.549  -11.027 1.00 24.03 ? 165  LEU A CB  1 
ATOM   1206 C  CG  . LEU A 1 165 ? 3.567   -8.204  -11.719 1.00 23.98 ? 165  LEU A CG  1 
ATOM   1207 C  CD1 . LEU A 1 165 ? 2.260   -7.578  -12.170 1.00 23.94 ? 165  LEU A CD1 1 
ATOM   1208 C  CD2 . LEU A 1 165 ? 4.285   -7.271  -10.764 1.00 23.87 ? 165  LEU A CD2 1 
ATOM   1209 N  N   . ASP A 1 166 ? 4.858   -11.430 -12.904 1.00 24.27 ? 166  ASP A N   1 
ATOM   1210 C  CA  . ASP A 1 166 ? 5.829   -11.584 -13.977 1.00 24.47 ? 166  ASP A CA  1 
ATOM   1211 C  C   . ASP A 1 166 ? 5.427   -12.568 -15.053 1.00 24.72 ? 166  ASP A C   1 
ATOM   1212 O  O   . ASP A 1 166 ? 5.929   -12.487 -16.176 1.00 24.58 ? 166  ASP A O   1 
ATOM   1213 C  CB  . ASP A 1 166 ? 7.185   -11.976 -13.413 1.00 24.65 ? 166  ASP A CB  1 
ATOM   1214 C  CG  . ASP A 1 166 ? 7.854   -10.838 -12.681 1.00 24.66 ? 166  ASP A CG  1 
ATOM   1215 O  OD1 . ASP A 1 166 ? 7.529   -9.672  -12.994 1.00 25.01 ? 166  ASP A OD1 1 
ATOM   1216 O  OD2 . ASP A 1 166 ? 8.706   -11.108 -11.819 1.00 24.94 ? 166  ASP A OD2 1 
ATOM   1217 N  N   . GLY A 1 167 ? 4.514   -13.476 -14.716 1.00 24.79 ? 167  GLY A N   1 
ATOM   1218 C  CA  . GLY A 1 167 ? 4.068   -14.463 -15.696 1.00 25.07 ? 167  GLY A CA  1 
ATOM   1219 C  C   . GLY A 1 167 ? 3.008   -14.012 -16.686 1.00 25.19 ? 167  GLY A C   1 
ATOM   1220 O  O   . GLY A 1 167 ? 2.835   -14.628 -17.750 1.00 25.42 ? 167  GLY A O   1 
ATOM   1221 N  N   . ILE A 1 168 ? 2.289   -12.939 -16.355 1.00 25.12 ? 168  ILE A N   1 
ATOM   1222 C  CA  . ILE A 1 168 ? 1.233   -12.424 -17.212 1.00 25.15 ? 168  ILE A CA  1 
ATOM   1223 C  C   . ILE A 1 168 ? 1.776   -11.890 -18.525 1.00 25.28 ? 168  ILE A C   1 
ATOM   1224 O  O   . ILE A 1 168 ? 2.825   -11.246 -18.549 1.00 25.40 ? 168  ILE A O   1 
ATOM   1225 C  CB  . ILE A 1 168 ? 0.457   -11.298 -16.495 1.00 25.10 ? 168  ILE A CB  1 
ATOM   1226 C  CG1 . ILE A 1 168 ? -0.102  -11.840 -15.175 1.00 25.02 ? 168  ILE A CG1 1 
ATOM   1227 C  CG2 . ILE A 1 168 ? -0.631  -10.719 -17.406 1.00 24.93 ? 168  ILE A CG2 1 
ATOM   1228 C  CD1 . ILE A 1 168 ? -0.834  -10.815 -14.305 1.00 25.29 ? 168  ILE A CD1 1 
ATOM   1229 N  N   . GLU A 1 169 ? 1.059   -12.156 -19.615 1.00 25.39 ? 169  GLU A N   1 
ATOM   1230 C  CA  . GLU A 1 169 ? 1.475   -11.682 -20.927 1.00 25.24 ? 169  GLU A CA  1 
ATOM   1231 C  C   . GLU A 1 169 ? 0.742   -10.394 -21.271 1.00 24.59 ? 169  GLU A C   1 
ATOM   1232 O  O   . GLU A 1 169 ? -0.488  -10.364 -21.359 1.00 24.67 ? 169  GLU A O   1 
ATOM   1233 C  CB  . GLU A 1 169 ? 1.205   -12.722 -22.018 1.00 26.17 ? 169  GLU A CB  1 
ATOM   1234 C  CG  . GLU A 1 169 ? 1.499   -12.138 -23.391 1.00 27.62 ? 169  GLU A CG  1 
ATOM   1235 C  CD  . GLU A 1 169 ? 1.418   -13.143 -24.518 1.00 28.47 ? 169  GLU A CD  1 
ATOM   1236 O  OE1 . GLU A 1 169 ? 0.297   -13.568 -24.878 1.00 29.36 ? 169  GLU A OE1 1 
ATOM   1237 O  OE2 . GLU A 1 169 ? 2.491   -13.504 -25.056 1.00 29.27 ? 169  GLU A OE2 1 
ATOM   1238 N  N   . LEU A 1 170 ? 1.512   -9.327  -21.466 1.00 23.79 ? 170  LEU A N   1 
ATOM   1239 C  CA  . LEU A 1 170 ? 0.949   -8.021  -21.785 1.00 22.85 ? 170  LEU A CA  1 
ATOM   1240 C  C   . LEU A 1 170 ? 1.593   -7.487  -23.058 1.00 22.48 ? 170  LEU A C   1 
ATOM   1241 O  O   . LEU A 1 170 ? 2.755   -7.797  -23.332 1.00 22.50 ? 170  LEU A O   1 
ATOM   1242 C  CB  . LEU A 1 170 ? 1.252   -7.039  -20.647 1.00 22.69 ? 170  LEU A CB  1 
ATOM   1243 C  CG  . LEU A 1 170 ? 0.775   -7.342  -19.224 1.00 22.37 ? 170  LEU A CG  1 
ATOM   1244 C  CD1 . LEU A 1 170 ? 1.273   -6.243  -18.260 1.00 22.13 ? 170  LEU A CD1 1 
ATOM   1245 C  CD2 . LEU A 1 170 ? -0.733  -7.377  -19.210 1.00 22.17 ? 170  LEU A CD2 1 
ATOM   1246 N  N   . ASN A 1 171 ? 0.853   -6.686  -23.828 1.00 22.07 ? 171  ASN A N   1 
ATOM   1247 C  CA  . ASN A 1 171 ? 1.426   -6.083  -25.038 1.00 21.73 ? 171  ASN A CA  1 
ATOM   1248 C  C   . ASN A 1 171 ? 2.168   -4.813  -24.590 1.00 21.70 ? 171  ASN A C   1 
ATOM   1249 O  O   . ASN A 1 171 ? 2.161   -4.484  -23.402 1.00 21.24 ? 171  ASN A O   1 
ATOM   1250 C  CB  . ASN A 1 171 ? 0.346   -5.786  -26.120 1.00 21.63 ? 171  ASN A CB  1 
ATOM   1251 C  CG  . ASN A 1 171 ? -0.727  -4.790  -25.667 1.00 21.81 ? 171  ASN A CG  1 
ATOM   1252 O  OD1 . ASN A 1 171 ? -0.417  -3.733  -25.134 1.00 21.56 ? 171  ASN A OD1 1 
ATOM   1253 N  ND2 . ASN A 1 171 ? -2.001  -5.119  -25.927 1.00 21.42 ? 171  ASN A ND2 1 
ATOM   1254 N  N   . GLU A 1 172 ? 2.829   -4.120  -25.511 1.00 21.61 ? 172  GLU A N   1 
ATOM   1255 C  CA  . GLU A 1 172 ? 3.604   -2.939  -25.148 1.00 21.83 ? 172  GLU A CA  1 
ATOM   1256 C  C   . GLU A 1 172 ? 2.814   -1.823  -24.495 1.00 21.37 ? 172  GLU A C   1 
ATOM   1257 O  O   . GLU A 1 172 ? 3.332   -1.132  -23.615 1.00 21.28 ? 172  GLU A O   1 
ATOM   1258 C  CB  . GLU A 1 172 ? 4.336   -2.382  -26.377 1.00 22.75 ? 172  GLU A CB  1 
ATOM   1259 C  CG  . GLU A 1 172 ? 5.521   -3.229  -26.823 1.00 24.33 ? 172  GLU A CG  1 
ATOM   1260 C  CD  . GLU A 1 172 ? 6.685   -3.171  -25.851 1.00 25.16 ? 172  GLU A CD  1 
ATOM   1261 O  OE1 . GLU A 1 172 ? 7.036   -2.050  -25.425 1.00 26.13 ? 172  GLU A OE1 1 
ATOM   1262 O  OE2 . GLU A 1 172 ? 7.258   -4.234  -25.516 1.00 26.07 ? 172  GLU A OE2 1 
ATOM   1263 N  N   . GLU A 1 173 ? 1.573   -1.640  -24.932 1.00 20.91 ? 173  GLU A N   1 
ATOM   1264 C  CA  . GLU A 1 173 ? 0.723   -0.589  -24.392 1.00 20.46 ? 173  GLU A CA  1 
ATOM   1265 C  C   . GLU A 1 173 ? 0.327   -0.950  -22.975 1.00 20.06 ? 173  GLU A C   1 
ATOM   1266 O  O   . GLU A 1 173 ? 0.292   -0.090  -22.085 1.00 20.01 ? 173  GLU A O   1 
ATOM   1267 C  CB  . GLU A 1 173 ? -0.506  -0.400  -25.291 1.00 20.88 ? 173  GLU A CB  1 
ATOM   1268 C  CG  . GLU A 1 173 ? -1.670  0.430   -24.712 1.00 21.03 ? 173  GLU A CG  1 
ATOM   1269 C  CD  . GLU A 1 173 ? -1.373  1.913   -24.518 1.00 21.39 ? 173  GLU A CD  1 
ATOM   1270 O  OE1 . GLU A 1 173 ? -2.306  2.630   -24.089 1.00 21.94 ? 173  GLU A OE1 1 
ATOM   1271 O  OE2 . GLU A 1 173 ? -0.240  2.372   -24.782 1.00 21.73 ? 173  GLU A OE2 1 
ATOM   1272 N  N   . GLU A 1 174 ? 0.055   -2.223  -22.754 1.00 19.51 ? 174  GLU A N   1 
ATOM   1273 C  CA  . GLU A 1 174 ? -0.307  -2.683  -21.421 1.00 19.17 ? 174  GLU A CA  1 
ATOM   1274 C  C   . GLU A 1 174 ? 0.887   -2.539  -20.471 1.00 18.66 ? 174  GLU A C   1 
ATOM   1275 O  O   . GLU A 1 174 ? 0.718   -2.216  -19.280 1.00 18.70 ? 174  GLU A O   1 
ATOM   1276 C  CB  . GLU A 1 174 ? -0.789  -4.130  -21.503 1.00 19.67 ? 174  GLU A CB  1 
ATOM   1277 C  CG  . GLU A 1 174 ? -2.136  -4.247  -22.179 1.00 20.35 ? 174  GLU A CG  1 
ATOM   1278 C  CD  . GLU A 1 174 ? -2.566  -5.692  -22.360 1.00 20.96 ? 174  GLU A CD  1 
ATOM   1279 O  OE1 . GLU A 1 174 ? -3.753  -5.984  -22.150 1.00 21.61 ? 174  GLU A OE1 1 
ATOM   1280 O  OE2 . GLU A 1 174 ? -1.726  -6.542  -22.697 1.00 21.29 ? 174  GLU A OE2 1 
ATOM   1281 N  N   . GLU A 1 175 ? 2.097   -2.758  -20.991 1.00 18.30 ? 175  GLU A N   1 
ATOM   1282 C  CA  . GLU A 1 175 ? 3.295   -2.606  -20.167 1.00 18.00 ? 175  GLU A CA  1 
ATOM   1283 C  C   . GLU A 1 175 ? 3.415   -1.142  -19.759 1.00 17.49 ? 175  GLU A C   1 
ATOM   1284 O  O   . GLU A 1 175 ? 3.789   -0.857  -18.617 1.00 17.20 ? 175  GLU A O   1 
ATOM   1285 C  CB  . GLU A 1 175 ? 4.561   -3.011  -20.937 1.00 18.39 ? 175  GLU A CB  1 
ATOM   1286 C  CG  . GLU A 1 175 ? 4.614   -4.478  -21.270 1.00 19.24 ? 175  GLU A CG  1 
ATOM   1287 C  CD  . GLU A 1 175 ? 5.071   -5.373  -20.127 1.00 19.66 ? 175  GLU A CD  1 
ATOM   1288 O  OE1 . GLU A 1 175 ? 5.058   -4.990  -18.932 1.00 19.97 ? 175  GLU A OE1 1 
ATOM   1289 O  OE2 . GLU A 1 175 ? 5.431   -6.522  -20.435 1.00 20.22 ? 175  GLU A OE2 1 
ATOM   1290 N  N   . ARG A 1 176 ? 3.124   -0.229  -20.694 1.00 17.16 ? 176  ARG A N   1 
ATOM   1291 C  CA  . ARG A 1 176 ? 3.174   1.214   -20.439 1.00 17.10 ? 176  ARG A CA  1 
ATOM   1292 C  C   . ARG A 1 176 ? 2.162   1.560   -19.353 1.00 16.77 ? 176  ARG A C   1 
ATOM   1293 O  O   . ARG A 1 176 ? 2.473   2.314   -18.425 1.00 16.54 ? 176  ARG A O   1 
ATOM   1294 C  CB  . ARG A 1 176 ? 2.846   2.026   -21.706 1.00 17.42 ? 176  ARG A CB  1 
ATOM   1295 C  CG  . ARG A 1 176 ? 2.936   3.545   -21.505 1.00 18.16 ? 176  ARG A CG  1 
ATOM   1296 C  CD  . ARG A 1 176 ? 2.353   4.317   -22.679 1.00 18.64 ? 176  ARG A CD  1 
ATOM   1297 N  NE  . ARG A 1 176 ? 0.904   4.209   -22.812 1.00 19.55 ? 176  ARG A NE  1 
ATOM   1298 C  CZ  . ARG A 1 176 ? 0.021   4.933   -22.134 1.00 19.98 ? 176  ARG A CZ  1 
ATOM   1299 N  NH1 . ARG A 1 176 ? 0.425   5.850   -21.242 1.00 20.03 ? 176  ARG A NH1 1 
ATOM   1300 N  NH2 . ARG A 1 176 ? -1.270  4.751   -22.363 1.00 20.61 ? 176  ARG A NH2 1 
ATOM   1301 N  N   . LEU A 1 177 ? 0.966   0.988   -19.470 1.00 16.49 ? 177  LEU A N   1 
ATOM   1302 C  CA  . LEU A 1 177 ? -0.105  1.235   -18.502 1.00 16.15 ? 177  LEU A CA  1 
ATOM   1303 C  C   . LEU A 1 177 ? 0.220   0.695   -17.109 1.00 15.74 ? 177  LEU A C   1 
ATOM   1304 O  O   . LEU A 1 177 ? -0.127  1.320   -16.101 1.00 14.98 ? 177  LEU A O   1 
ATOM   1305 C  CB  . LEU A 1 177 ? -1.423  0.625   -19.018 1.00 16.56 ? 177  LEU A CB  1 
ATOM   1306 C  CG  . LEU A 1 177 ? -2.016  1.412   -20.201 1.00 17.01 ? 177  LEU A CG  1 
ATOM   1307 C  CD1 . LEU A 1 177 ? -3.216  0.661   -20.801 1.00 17.36 ? 177  LEU A CD1 1 
ATOM   1308 C  CD2 . LEU A 1 177 ? -2.433  2.814   -19.754 1.00 17.53 ? 177  LEU A CD2 1 
ATOM   1309 N  N   . ALA A 1 178 ? 0.894   -0.451  -17.041 1.00 15.31 ? 178  ALA A N   1 
ATOM   1310 C  CA  . ALA A 1 178 ? 1.272   -0.991  -15.747 1.00 15.04 ? 178  ALA A CA  1 
ATOM   1311 C  C   . ALA A 1 178 ? 2.265   -0.051  -15.068 1.00 14.91 ? 178  ALA A C   1 
ATOM   1312 O  O   . ALA A 1 178 ? 2.170   0.193   -13.881 1.00 15.06 ? 178  ALA A O   1 
ATOM   1313 C  CB  . ALA A 1 178 ? 1.876   -2.353  -15.908 1.00 14.96 ? 178  ALA A CB  1 
ATOM   1314 N  N   . ALA A 1 179 ? 3.237   0.458   -15.832 1.00 14.68 ? 179  ALA A N   1 
ATOM   1315 C  CA  . ALA A 1 179 ? 4.229   1.388   -15.303 1.00 14.50 ? 179  ALA A CA  1 
ATOM   1316 C  C   . ALA A 1 179 ? 3.548   2.673   -14.833 1.00 14.28 ? 179  ALA A C   1 
ATOM   1317 O  O   . ALA A 1 179 ? 3.925   3.245   -13.795 1.00 14.07 ? 179  ALA A O   1 
ATOM   1318 C  CB  . ALA A 1 179 ? 5.278   1.715   -16.417 1.00 14.51 ? 179  ALA A CB  1 
ATOM   1319 N  N   . LYS A 1 180 ? 2.572   3.143   -15.604 1.00 14.31 ? 180  LYS A N   1 
ATOM   1320 C  CA  . LYS A 1 180 ? 1.820   4.347   -15.254 1.00 14.66 ? 180  LYS A CA  1 
ATOM   1321 C  C   . LYS A 1 180 ? 1.087   4.105   -13.948 1.00 14.55 ? 180  LYS A C   1 
ATOM   1322 O  O   . LYS A 1 180 ? 1.075   4.965   -13.062 1.00 14.32 ? 180  LYS A O   1 
ATOM   1323 C  CB  . LYS A 1 180 ? 0.810   4.697   -16.350 1.00 15.57 ? 180  LYS A CB  1 
ATOM   1324 C  CG  . LYS A 1 180 ? -0.095  5.884   -16.026 1.00 16.85 ? 180  LYS A CG  1 
ATOM   1325 C  CD  . LYS A 1 180 ? -1.212  5.990   -17.042 1.00 18.05 ? 180  LYS A CD  1 
ATOM   1326 C  CE  . LYS A 1 180 ? -1.855  7.362   -17.066 1.00 19.29 ? 180  LYS A CE  1 
ATOM   1327 N  NZ  . LYS A 1 180 ? -2.202  7.908   -15.727 1.00 20.15 ? 180  LYS A NZ  1 
ATOM   1328 N  N   . GLY A 1 181 ? 0.493   2.926   -13.831 1.00 14.13 ? 181  GLY A N   1 
ATOM   1329 C  CA  . GLY A 1 181 ? -0.224  2.620   -12.595 1.00 14.13 ? 181  GLY A CA  1 
ATOM   1330 C  C   . GLY A 1 181 ? 0.679   2.661   -11.361 1.00 14.12 ? 181  GLY A C   1 
ATOM   1331 O  O   . GLY A 1 181 ? 0.280   3.175   -10.293 1.00 13.88 ? 181  GLY A O   1 
ATOM   1332 N  N   . ALA A 1 182 ? 1.890   2.121   -11.478 1.00 13.87 ? 182  ALA A N   1 
ATOM   1333 C  CA  . ALA A 1 182 ? 2.812   2.122   -10.348 1.00 14.26 ? 182  ALA A CA  1 
ATOM   1334 C  C   . ALA A 1 182 ? 3.239   3.540   -10.029 1.00 14.63 ? 182  ALA A C   1 
ATOM   1335 O  O   . ALA A 1 182 ? 3.320   3.897   -8.865  1.00 14.62 ? 182  ALA A O   1 
ATOM   1336 C  CB  . ALA A 1 182 ? 4.032   1.238   -10.610 1.00 13.98 ? 182  ALA A CB  1 
ATOM   1337 N  N   . SER A 1 183 ? 3.501   4.341   -11.063 1.00 15.02 ? 183  SER A N   1 
ATOM   1338 C  CA  . SER A 1 183 ? 3.900   5.730   -10.833 1.00 15.51 ? 183  SER A CA  1 
ATOM   1339 C  C   . SER A 1 183 ? 2.777   6.496   -10.153 1.00 15.61 ? 183  SER A C   1 
ATOM   1340 O  O   . SER A 1 183 ? 3.011   7.213   -9.184  1.00 15.55 ? 183  SER A O   1 
ATOM   1341 C  CB  . SER A 1 183 ? 4.259   6.400   -12.166 1.00 16.10 ? 183  SER A CB  1 
ATOM   1342 O  OG  . SER A 1 183 ? 4.475   7.792   -11.987 1.00 17.33 ? 183  SER A OG  1 
ATOM   1343 N  N   . ASP A 1 184 ? 1.578   6.350   -10.678 1.00 15.52 ? 184  ASP A N   1 
ATOM   1344 C  CA  . ASP A 1 184 ? 0.426   7.024   -10.121 1.00 15.77 ? 184  ASP A CA  1 
ATOM   1345 C  C   . ASP A 1 184 ? 0.199   6.631   -8.666  1.00 15.68 ? 184  ASP A C   1 
ATOM   1346 O  O   . ASP A 1 184 ? -0.146  7.483   -7.855  1.00 15.72 ? 184  ASP A O   1 
ATOM   1347 C  CB  . ASP A 1 184 ? -0.836  6.710   -10.924 1.00 16.52 ? 184  ASP A CB  1 
ATOM   1348 C  CG  . ASP A 1 184 ? -0.877  7.425   -12.279 1.00 16.78 ? 184  ASP A CG  1 
ATOM   1349 O  OD1 . ASP A 1 184 ? -1.712  7.013   -13.113 1.00 17.61 ? 184  ASP A OD1 1 
ATOM   1350 O  OD2 . ASP A 1 184 ? -0.098  8.398   -12.507 1.00 17.23 ? 184  ASP A OD2 1 
ATOM   1351 N  N   . ALA A 1 185 ? 0.402   5.358   -8.332  1.00 15.39 ? 185  ALA A N   1 
ATOM   1352 C  CA  . ALA A 1 185 ? 0.179   4.937   -6.940  1.00 15.19 ? 185  ALA A CA  1 
ATOM   1353 C  C   . ALA A 1 185 ? 1.187   5.552   -5.967  1.00 15.14 ? 185  ALA A C   1 
ATOM   1354 O  O   . ALA A 1 185 ? 0.829   5.915   -4.854  1.00 14.80 ? 185  ALA A O   1 
ATOM   1355 C  CB  . ALA A 1 185 ? 0.169   3.402   -6.831  1.00 14.95 ? 185  ALA A CB  1 
ATOM   1356 N  N   . PHE A 1 186 ? 2.458   5.647   -6.361  1.00 15.28 ? 186  PHE A N   1 
ATOM   1357 C  CA  . PHE A 1 186 ? 3.436   6.285   -5.483  1.00 15.58 ? 186  PHE A CA  1 
ATOM   1358 C  C   . PHE A 1 186 ? 3.055   7.762   -5.281  1.00 16.29 ? 186  PHE A C   1 
ATOM   1359 O  O   . PHE A 1 186 ? 3.096   8.266   -4.149  1.00 16.71 ? 186  PHE A O   1 
ATOM   1360 C  CB  . PHE A 1 186 ? 4.845   6.220   -6.093  1.00 15.24 ? 186  PHE A CB  1 
ATOM   1361 C  CG  . PHE A 1 186 ? 5.648   5.056   -5.614  1.00 14.59 ? 186  PHE A CG  1 
ATOM   1362 C  CD1 . PHE A 1 186 ? 5.741   3.895   -6.381  1.00 14.26 ? 186  PHE A CD1 1 
ATOM   1363 C  CD2 . PHE A 1 186 ? 6.270   5.089   -4.377  1.00 14.22 ? 186  PHE A CD2 1 
ATOM   1364 C  CE1 . PHE A 1 186 ? 6.429   2.791   -5.916  1.00 14.10 ? 186  PHE A CE1 1 
ATOM   1365 C  CE2 . PHE A 1 186 ? 6.977   3.978   -3.890  1.00 14.30 ? 186  PHE A CE2 1 
ATOM   1366 C  CZ  . PHE A 1 186 ? 7.055   2.814   -4.667  1.00 14.42 ? 186  PHE A CZ  1 
ATOM   1367 N  N   . ASN A 1 187 ? 2.695   8.452   -6.360  1.00 16.90 ? 187  ASN A N   1 
ATOM   1368 C  CA  . ASN A 1 187 ? 2.325   9.875   -6.261  1.00 17.60 ? 187  ASN A CA  1 
ATOM   1369 C  C   . ASN A 1 187 ? 1.090   10.045  -5.368  1.00 17.67 ? 187  ASN A C   1 
ATOM   1370 O  O   . ASN A 1 187 ? 1.006   10.988  -4.574  1.00 17.72 ? 187  ASN A O   1 
ATOM   1371 C  CB  . ASN A 1 187 ? 2.050   10.466  -7.660  1.00 18.58 ? 187  ASN A CB  1 
ATOM   1372 C  CG  . ASN A 1 187 ? 3.324   10.676  -8.467  1.00 19.61 ? 187  ASN A CG  1 
ATOM   1373 O  OD1 . ASN A 1 187 ? 3.299   10.698  -9.713  1.00 20.76 ? 187  ASN A OD1 1 
ATOM   1374 N  ND2 . ASN A 1 187 ? 4.439   10.834  -7.771  1.00 20.27 ? 187  ASN A ND2 1 
ATOM   1375 N  N   . ARG A 1 188 ? 0.142   9.115   -5.491  1.00 17.44 ? 188  ARG A N   1 
ATOM   1376 C  CA  . ARG A 1 188 ? -1.084  9.148   -4.693  1.00 17.38 ? 188  ARG A CA  1 
ATOM   1377 C  C   . ARG A 1 188 ? -0.790  9.003   -3.197  1.00 17.53 ? 188  ARG A C   1 
ATOM   1378 O  O   . ARG A 1 188 ? -1.364  9.749   -2.380  1.00 17.37 ? 188  ARG A O   1 
ATOM   1379 C  CB  . ARG A 1 188 ? -2.021  8.023   -5.157  1.00 17.14 ? 188  ARG A CB  1 
ATOM   1380 C  CG  . ARG A 1 188 ? -3.277  7.842   -4.313  1.00 16.97 ? 188  ARG A CG  1 
ATOM   1381 C  CD  . ARG A 1 188 ? -4.159  9.085   -4.320  1.00 17.22 ? 188  ARG A CD  1 
ATOM   1382 N  NE  . ARG A 1 188 ? -5.457  8.754   -3.752  1.00 17.50 ? 188  ARG A NE  1 
ATOM   1383 C  CZ  . ARG A 1 188 ? -6.471  9.599   -3.615  1.00 17.75 ? 188  ARG A CZ  1 
ATOM   1384 N  NH1 . ARG A 1 188 ? -6.346  10.870  -3.994  1.00 17.99 ? 188  ARG A NH1 1 
ATOM   1385 N  NH2 . ARG A 1 188 ? -7.631  9.157   -3.150  1.00 18.11 ? 188  ARG A NH2 1 
ATOM   1386 N  N   . PHE A 1 189 ? 0.070   8.055   -2.822  1.00 17.60 ? 189  PHE A N   1 
ATOM   1387 C  CA  . PHE A 1 189 ? 0.375   7.887   -1.404  1.00 17.91 ? 189  PHE A CA  1 
ATOM   1388 C  C   . PHE A 1 189 ? 0.975   9.188   -0.873  1.00 18.12 ? 189  PHE A C   1 
ATOM   1389 O  O   . PHE A 1 189 ? 0.670   9.625   0.233   1.00 17.97 ? 189  PHE A O   1 
ATOM   1390 C  CB  . PHE A 1 189 ? 1.336   6.722   -1.135  1.00 18.22 ? 189  PHE A CB  1 
ATOM   1391 C  CG  . PHE A 1 189 ? 1.325   6.270   0.311   1.00 18.37 ? 189  PHE A CG  1 
ATOM   1392 C  CD1 . PHE A 1 189 ? 0.387   5.354   0.745   1.00 19.00 ? 189  PHE A CD1 1 
ATOM   1393 C  CD2 . PHE A 1 189 ? 2.194   6.823   1.244   1.00 18.67 ? 189  PHE A CD2 1 
ATOM   1394 C  CE1 . PHE A 1 189 ? 0.303   4.985   2.104   1.00 19.02 ? 189  PHE A CE1 1 
ATOM   1395 C  CE2 . PHE A 1 189 ? 2.123   6.467   2.613   1.00 18.99 ? 189  PHE A CE2 1 
ATOM   1396 C  CZ  . PHE A 1 189 ? 1.169   5.545   3.029   1.00 18.92 ? 189  PHE A CZ  1 
ATOM   1397 N  N   . GLY A 1 190 ? 1.829   9.814   -1.669  1.00 18.14 ? 190  GLY A N   1 
ATOM   1398 C  CA  . GLY A 1 190 ? 2.408   11.074  -1.228  1.00 18.53 ? 190  GLY A CA  1 
ATOM   1399 C  C   . GLY A 1 190 ? 1.333   12.114  -1.023  1.00 18.76 ? 190  GLY A C   1 
ATOM   1400 O  O   . GLY A 1 190 ? 1.367   12.869  -0.030  1.00 18.73 ? 190  GLY A O   1 
ATOM   1401 N  N   . ASP A 1 191 ? 0.385   12.190  -1.942  1.00 18.91 ? 191  ASP A N   1 
ATOM   1402 C  CA  . ASP A 1 191 ? -0.692  13.168  -1.804  1.00 19.43 ? 191  ASP A CA  1 
ATOM   1403 C  C   . ASP A 1 191 ? -1.497  12.882  -0.532  1.00 19.53 ? 191  ASP A C   1 
ATOM   1404 O  O   . ASP A 1 191 ? -1.938  13.804  0.158   1.00 19.66 ? 191  ASP A O   1 
ATOM   1405 C  CB  . ASP A 1 191 ? -1.665  13.121  -2.973  1.00 20.15 ? 191  ASP A CB  1 
ATOM   1406 C  CG  . ASP A 1 191 ? -1.073  13.604  -4.278  1.00 20.82 ? 191  ASP A CG  1 
ATOM   1407 O  OD1 . ASP A 1 191 ? -0.041  14.316  -4.275  1.00 21.59 ? 191  ASP A OD1 1 
ATOM   1408 O  OD2 . ASP A 1 191 ? -1.697  13.282  -5.313  1.00 21.48 ? 191  ASP A OD2 1 
ATOM   1409 N  N   . LEU A 1 192 ? -1.706  11.600  -0.238  1.00 19.40 ? 192  LEU A N   1 
ATOM   1410 C  CA  . LEU A 1 192 ? -2.474  11.220  0.949   1.00 19.55 ? 192  LEU A CA  1 
ATOM   1411 C  C   . LEU A 1 192 ? -1.743  11.626  2.232   1.00 20.01 ? 192  LEU A C   1 
ATOM   1412 O  O   . LEU A 1 192 ? -2.365  12.108  3.182   1.00 20.10 ? 192  LEU A O   1 
ATOM   1413 C  CB  . LEU A 1 192 ? -2.768  9.705   0.933   1.00 18.95 ? 192  LEU A CB  1 
ATOM   1414 C  CG  . LEU A 1 192 ? -3.725  9.234   -0.183  1.00 18.53 ? 192  LEU A CG  1 
ATOM   1415 C  CD1 . LEU A 1 192 ? -3.866  7.710   -0.138  1.00 18.54 ? 192  LEU A CD1 1 
ATOM   1416 C  CD2 . LEU A 1 192 ? -5.084  9.902   -0.070  1.00 18.72 ? 192  LEU A CD2 1 
ATOM   1417 N  N   . LEU A 1 193 ? -0.428  11.445  2.262   1.00 20.58 ? 193  LEU A N   1 
ATOM   1418 C  CA  . LEU A 1 193 ? 0.369   11.843  3.421   1.00 21.38 ? 193  LEU A CA  1 
ATOM   1419 C  C   . LEU A 1 193 ? 0.327   13.353  3.623   1.00 21.94 ? 193  LEU A C   1 
ATOM   1420 O  O   . LEU A 1 193 ? 0.284   13.817  4.757   1.00 22.05 ? 193  LEU A O   1 
ATOM   1421 C  CB  . LEU A 1 193 ? 1.828   11.454  3.240   1.00 21.49 ? 193  LEU A CB  1 
ATOM   1422 C  CG  . LEU A 1 193 ? 2.172   9.996   3.501   1.00 21.68 ? 193  LEU A CG  1 
ATOM   1423 C  CD1 . LEU A 1 193 ? 3.583   9.712   3.050   1.00 21.96 ? 193  LEU A CD1 1 
ATOM   1424 C  CD2 . LEU A 1 193 ? 2.035   9.719   4.995   1.00 21.70 ? 193  LEU A CD2 1 
ATOM   1425 N  N   . GLU A 1 194 ? 0.395   14.116  2.533   1.00 22.56 ? 194  GLU A N   1 
ATOM   1426 C  CA  . GLU A 1 194 ? 0.367   15.572  2.661   1.00 23.33 ? 194  GLU A CA  1 
ATOM   1427 C  C   . GLU A 1 194 ? -0.980  15.981  3.197   1.00 23.48 ? 194  GLU A C   1 
ATOM   1428 O  O   . GLU A 1 194 ? -1.112  16.973  3.929   1.00 23.68 ? 194  GLU A O   1 
ATOM   1429 C  CB  . GLU A 1 194 ? 0.601   16.265  1.313   1.00 23.81 ? 194  GLU A CB  1 
ATOM   1430 C  CG  . GLU A 1 194 ? 2.027   16.225  0.810   1.00 25.05 ? 194  GLU A CG  1 
ATOM   1431 C  CD  . GLU A 1 194 ? 3.032   16.792  1.793   1.00 25.63 ? 194  GLU A CD  1 
ATOM   1432 O  OE1 . GLU A 1 194 ? 2.632   17.537  2.711   1.00 26.54 ? 194  GLU A OE1 1 
ATOM   1433 O  OE2 . GLU A 1 194 ? 4.234   16.501  1.648   1.00 26.51 ? 194  GLU A OE2 1 
ATOM   1434 N  N   . ARG A 1 195 ? -1.994  15.211  2.845   1.00 23.58 ? 195  ARG A N   1 
ATOM   1435 C  CA  . ARG A 1 195 ? -3.330  15.517  3.298   1.00 23.72 ? 195  ARG A CA  1 
ATOM   1436 C  C   . ARG A 1 195 ? -3.535  15.233  4.780   1.00 23.74 ? 195  ARG A C   1 
ATOM   1437 O  O   . ARG A 1 195 ? -4.020  16.094  5.526   1.00 23.81 ? 195  ARG A O   1 
ATOM   1438 C  CB  . ARG A 1 195 ? -4.369  14.749  2.473   1.00 23.94 ? 195  ARG A CB  1 
ATOM   1439 C  CG  . ARG A 1 195 ? -5.788  14.968  2.969   1.00 24.40 ? 195  ARG A CG  1 
ATOM   1440 C  CD  . ARG A 1 195 ? -6.783  14.036  2.314   1.00 24.85 ? 195  ARG A CD  1 
ATOM   1441 N  NE  . ARG A 1 195 ? -7.925  13.847  3.205   1.00 25.17 ? 195  ARG A NE  1 
ATOM   1442 C  CZ  . ARG A 1 195 ? -8.990  13.107  2.922   1.00 25.44 ? 195  ARG A CZ  1 
ATOM   1443 N  NH1 . ARG A 1 195 ? -9.080  12.477  1.754   1.00 25.26 ? 195  ARG A NH1 1 
ATOM   1444 N  NH2 . ARG A 1 195 ? -9.962  12.982  3.824   1.00 25.54 ? 195  ARG A NH2 1 
ATOM   1445 N  N   . THR A 1 196 ? -3.145  14.050  5.231   1.00 23.67 ? 196  THR A N   1 
ATOM   1446 C  CA  . THR A 1 196 ? -3.365  13.719  6.635   1.00 23.85 ? 196  THR A CA  1 
ATOM   1447 C  C   . THR A 1 196 ? -2.439  14.442  7.609   1.00 24.29 ? 196  THR A C   1 
ATOM   1448 O  O   . THR A 1 196 ? -2.726  14.496  8.805   1.00 24.48 ? 196  THR A O   1 
ATOM   1449 C  CB  . THR A 1 196 ? -3.271  12.199  6.879   1.00 23.50 ? 196  THR A CB  1 
ATOM   1450 O  OG1 . THR A 1 196 ? -1.948  11.744  6.588   1.00 23.01 ? 196  THR A OG1 1 
ATOM   1451 C  CG2 . THR A 1 196 ? -4.281  11.460  6.010   1.00 23.10 ? 196  THR A CG2 1 
ATOM   1452 N  N   . PHE A 1 197 ? -1.331  14.992  7.119   1.00 24.77 ? 197  PHE A N   1 
ATOM   1453 C  CA  . PHE A 1 197 ? -0.427  15.723  8.008   1.00 25.33 ? 197  PHE A CA  1 
ATOM   1454 C  C   . PHE A 1 197 ? -0.618  17.223  7.904   1.00 25.96 ? 197  PHE A C   1 
ATOM   1455 O  O   . PHE A 1 197 ? 0.021   17.973  8.638   1.00 26.47 ? 197  PHE A O   1 
ATOM   1456 C  CB  . PHE A 1 197 ? 1.048   15.387  7.737   1.00 24.66 ? 197  PHE A CB  1 
ATOM   1457 C  CG  . PHE A 1 197 ? 1.514   14.136  8.410   1.00 24.13 ? 197  PHE A CG  1 
ATOM   1458 C  CD1 . PHE A 1 197 ? 1.362   12.898  7.789   1.00 23.87 ? 197  PHE A CD1 1 
ATOM   1459 C  CD2 . PHE A 1 197 ? 2.050   14.178  9.694   1.00 23.89 ? 197  PHE A CD2 1 
ATOM   1460 C  CE1 . PHE A 1 197 ? 1.729   11.730  8.432   1.00 23.53 ? 197  PHE A CE1 1 
ATOM   1461 C  CE2 . PHE A 1 197 ? 2.429   12.997  10.356  1.00 23.63 ? 197  PHE A CE2 1 
ATOM   1462 C  CZ  . PHE A 1 197 ? 2.264   11.772  9.724   1.00 23.56 ? 197  PHE A CZ  1 
ATOM   1463 N  N   . ALA A 1 198 ? -1.494  17.663  7.005   1.00 26.65 ? 198  ALA A N   1 
ATOM   1464 C  CA  . ALA A 1 198 ? -1.722  19.097  6.818   1.00 27.17 ? 198  ALA A CA  1 
ATOM   1465 C  C   . ALA A 1 198 ? -2.185  19.726  8.120   1.00 27.58 ? 198  ALA A C   1 
ATOM   1466 O  O   . ALA A 1 198 ? -1.506  20.669  8.592   1.00 28.13 ? 198  ALA A O   1 
ATOM   1467 C  CB  . ALA A 1 198 ? -2.751  19.336  5.738   1.00 27.13 ? 198  ALA A CB  1 
ATOM   1468 O  OXT . ALA A 1 198 ? -3.219  19.257  8.647   1.00 28.08 ? 198  ALA A OXT 1 
HETATM 1469 S  S   . SO4 B 2 .   ? -15.334 7.760   13.789  1.00 78.66 ? 910  SO4 A S   1 
HETATM 1470 O  O1  . SO4 B 2 .   ? -15.210 9.180   13.331  1.00 78.69 ? 910  SO4 A O1  1 
HETATM 1471 O  O2  . SO4 B 2 .   ? -16.152 6.936   12.843  1.00 78.73 ? 910  SO4 A O2  1 
HETATM 1472 O  O3  . SO4 B 2 .   ? -13.944 7.234   13.894  1.00 78.73 ? 910  SO4 A O3  1 
HETATM 1473 O  O4  . SO4 B 2 .   ? -15.950 7.670   15.152  1.00 78.70 ? 910  SO4 A O4  1 
HETATM 1474 C  CHA . HEM C 3 .   ? 11.302  0.316   3.000   1.00 21.99 ? 300  HEM A CHA 1 
HETATM 1475 C  CHB . HEM C 3 .   ? 7.452   3.130   2.406   1.00 21.00 ? 300  HEM A CHB 1 
HETATM 1476 C  CHC . HEM C 3 .   ? 6.340   0.859   -1.751  1.00 20.02 ? 300  HEM A CHC 1 
HETATM 1477 C  CHD . HEM C 3 .   ? 10.159  -2.031  -1.078  1.00 20.74 ? 300  HEM A CHD 1 
HETATM 1478 C  C1A . HEM C 3 .   ? 10.399  1.359   3.132   1.00 21.81 ? 300  HEM A C1A 1 
HETATM 1479 C  C2A . HEM C 3 .   ? 10.351  2.278   4.263   1.00 22.48 ? 300  HEM A C2A 1 
HETATM 1480 C  C3A . HEM C 3 .   ? 9.271   3.090   4.073   1.00 22.15 ? 300  HEM A C3A 1 
HETATM 1481 C  C4A . HEM C 3 .   ? 8.623   2.606   2.884   1.00 21.48 ? 300  HEM A C4A 1 
HETATM 1482 C  CMA . HEM C 3 .   ? 8.908   4.377   4.819   1.00 22.29 ? 300  HEM A CMA 1 
HETATM 1483 C  CAA . HEM C 3 .   ? 11.319  2.373   5.451   1.00 23.63 ? 300  HEM A CAA 1 
HETATM 1484 C  CBA . HEM C 3 .   ? 10.913  1.440   6.586   1.00 25.11 ? 300  HEM A CBA 1 
HETATM 1485 C  CGA . HEM C 3 .   ? 11.743  1.638   7.835   1.00 25.86 ? 300  HEM A CGA 1 
HETATM 1486 O  O1A . HEM C 3 .   ? 11.479  2.610   8.581   1.00 26.74 ? 300  HEM A O1A 1 
HETATM 1487 O  O2A . HEM C 3 .   ? 12.666  0.827   8.070   1.00 26.68 ? 300  HEM A O2A 1 
HETATM 1488 C  C1B . HEM C 3 .   ? 6.803   2.710   1.238   1.00 20.65 ? 300  HEM A C1B 1 
HETATM 1489 C  C2B . HEM C 3 .   ? 5.538   3.275   0.773   1.00 20.60 ? 300  HEM A C2B 1 
HETATM 1490 C  C3B . HEM C 3 .   ? 5.275   2.693   -0.431  1.00 20.57 ? 300  HEM A C3B 1 
HETATM 1491 C  C4B . HEM C 3 .   ? 6.318   1.723   -0.646  1.00 20.11 ? 300  HEM A C4B 1 
HETATM 1492 C  CMB . HEM C 3 .   ? 4.563   4.237   1.557   1.00 20.78 ? 300  HEM A CMB 1 
HETATM 1493 C  CAB . HEM C 3 .   ? 4.255   3.022   -1.327  1.00 20.67 ? 300  HEM A CAB 1 
HETATM 1494 C  CBB . HEM C 3 .   ? 2.982   3.511   -1.047  1.00 21.21 ? 300  HEM A CBB 1 
HETATM 1495 C  C1C . HEM C 3 .   ? 7.330   -0.099  -1.959  1.00 19.80 ? 300  HEM A C1C 1 
HETATM 1496 C  C2C . HEM C 3 .   ? 7.434   -0.953  -3.143  1.00 19.73 ? 300  HEM A C2C 1 
HETATM 1497 C  C3C . HEM C 3 .   ? 8.504   -1.731  -2.946  1.00 19.90 ? 300  HEM A C3C 1 
HETATM 1498 C  C4C . HEM C 3 .   ? 9.058   -1.383  -1.650  1.00 20.17 ? 300  HEM A C4C 1 
HETATM 1499 C  CMC . HEM C 3 .   ? 6.512   -0.989  -4.366  1.00 19.82 ? 300  HEM A CMC 1 
HETATM 1500 C  CAC . HEM C 3 .   ? 9.005   -2.801  -3.707  1.00 19.98 ? 300  HEM A CAC 1 
HETATM 1501 C  CBC . HEM C 3 .   ? 8.636   -3.167  -5.020  1.00 20.26 ? 300  HEM A CBC 1 
HETATM 1502 C  C1D . HEM C 3 .   ? 10.757  -1.671  0.130   1.00 21.29 ? 300  HEM A C1D 1 
HETATM 1503 C  C2D . HEM C 3 .   ? 11.866  -2.408  0.756   1.00 22.27 ? 300  HEM A C2D 1 
HETATM 1504 C  C3D . HEM C 3 .   ? 12.227  -1.691  1.876   1.00 22.67 ? 300  HEM A C3D 1 
HETATM 1505 C  C4D . HEM C 3 .   ? 11.302  -0.587  1.951   1.00 21.85 ? 300  HEM A C4D 1 
HETATM 1506 C  CMD . HEM C 3 .   ? 12.589  -3.635  0.192   1.00 22.40 ? 300  HEM A CMD 1 
HETATM 1507 C  CAD . HEM C 3 .   ? 13.448  -1.948  2.779   1.00 24.12 ? 300  HEM A CAD 1 
HETATM 1508 C  CBD . HEM C 3 .   ? 13.150  -3.236  3.545   1.00 25.86 ? 300  HEM A CBD 1 
HETATM 1509 C  CGD . HEM C 3 .   ? 14.338  -3.748  4.341   1.00 26.74 ? 300  HEM A CGD 1 
HETATM 1510 O  O1D . HEM C 3 .   ? 14.346  -4.957  4.687   1.00 27.70 ? 300  HEM A O1D 1 
HETATM 1511 O  O2D . HEM C 3 .   ? 15.260  -2.953  4.635   1.00 27.50 ? 300  HEM A O2D 1 
HETATM 1512 N  NA  . HEM C 3 .   ? 9.336   1.566   2.291   1.00 21.20 ? 300  HEM A NA  1 
HETATM 1513 N  NB  . HEM C 3 .   ? 7.277   1.726   0.380   1.00 20.38 ? 300  HEM A NB  1 
HETATM 1514 N  NC  . HEM C 3 .   ? 8.358   -0.349  -1.056  1.00 20.06 ? 300  HEM A NC  1 
HETATM 1515 N  ND  . HEM C 3 .   ? 10.399  -0.576  0.884   1.00 21.23 ? 300  HEM A ND  1 
HETATM 1516 FE FE  . HEM C 3 .   ? 8.852   0.577   0.626   1.00 19.91 ? 300  HEM A FE  1 
HETATM 1517 O  O   . HOH D 4 .   ? -10.372 6.636   -4.432  1.00 19.66 ? 911  HOH A O   1 
HETATM 1518 O  O   . HOH D 4 .   ? -7.327  -5.691  7.669   1.00 20.20 ? 912  HOH A O   1 
HETATM 1519 O  O   . HOH D 4 .   ? -3.306  4.849   -12.884 1.00 21.69 ? 913  HOH A O   1 
HETATM 1520 O  O   . HOH D 4 .   ? -8.929  7.318   -0.797  1.00 20.54 ? 914  HOH A O   1 
HETATM 1521 O  O   . HOH D 4 .   ? 13.324  5.584   -10.570 1.00 24.00 ? 915  HOH A O   1 
HETATM 1522 O  O   . HOH D 4 .   ? -11.844 6.073   14.566  1.00 22.77 ? 916  HOH A O   1 
HETATM 1523 O  O   . HOH D 4 .   ? -9.069  10.009  -0.327  1.00 21.07 ? 917  HOH A O   1 
HETATM 1524 O  O   . HOH D 4 .   ? 4.895   -2.911  18.003  1.00 25.94 ? 918  HOH A O   1 
HETATM 1525 O  O   . HOH D 4 .   ? -1.377  -13.823 -19.436 1.00 29.44 ? 919  HOH A O   1 
HETATM 1526 O  O   . HOH D 4 .   ? 1.124   -15.550 -14.133 1.00 22.17 ? 920  HOH A O   1 
HETATM 1527 O  O   . HOH D 4 .   ? 5.813   8.133   -9.219  1.00 24.24 ? 921  HOH A O   1 
HETATM 1528 O  O   . HOH D 4 .   ? 9.521   9.875   13.359  1.00 30.29 ? 922  HOH A O   1 
HETATM 1529 O  O   . HOH D 4 .   ? 3.007   6.584   -20.320 1.00 26.62 ? 923  HOH A O   1 
HETATM 1530 O  O   . HOH D 4 .   ? 4.090   4.695   -18.469 1.00 23.95 ? 924  HOH A O   1 
HETATM 1531 O  O   . HOH D 4 .   ? -7.509  12.610  -0.732  1.00 23.79 ? 925  HOH A O   1 
HETATM 1532 O  O   . HOH D 4 .   ? -9.030  0.009   21.653  1.00 29.10 ? 926  HOH A O   1 
HETATM 1533 O  O   . HOH D 4 .   ? -1.748  9.734   -8.589  1.00 23.75 ? 927  HOH A O   1 
HETATM 1534 O  O   . HOH D 4 .   ? 9.656   0.413   -5.608  1.00 32.04 ? 928  HOH A O   1 
HETATM 1535 O  O   . HOH D 4 .   ? 0.315   12.207  20.755  1.00 33.64 ? 929  HOH A O   1 
HETATM 1536 O  O   . HOH D 4 .   ? -17.301 3.795   -1.123  1.00 31.36 ? 930  HOH A O   1 
HETATM 1537 O  O   . HOH D 4 .   ? -19.384 9.344   2.272   1.00 27.38 ? 931  HOH A O   1 
HETATM 1538 O  O   . HOH D 4 .   ? -5.421  13.557  9.924   1.00 34.04 ? 932  HOH A O   1 
HETATM 1539 O  O   . HOH D 4 .   ? 9.847   -13.519 -10.706 1.00 36.32 ? 933  HOH A O   1 
HETATM 1540 O  O   . HOH D 4 .   ? -6.878  -3.592  22.077  1.00 28.43 ? 934  HOH A O   1 
HETATM 1541 O  O   . HOH D 4 .   ? -0.964  -19.193 12.477  1.00 39.32 ? 935  HOH A O   1 
HETATM 1542 O  O   . HOH D 4 .   ? 10.094  4.728   17.250  1.00 30.07 ? 936  HOH A O   1 
HETATM 1543 O  O   . HOH D 4 .   ? 2.429   9.098   -13.135 1.00 39.81 ? 937  HOH A O   1 
HETATM 1544 O  O   . HOH D 4 .   ? -4.926  11.212  16.790  1.00 37.31 ? 938  HOH A O   1 
HETATM 1545 O  O   . HOH D 4 .   ? -2.844  -3.862  1.689   1.00 27.32 ? 939  HOH A O   1 
HETATM 1546 O  O   . HOH D 4 .   ? -4.792  1.843   -24.043 1.00 26.15 ? 940  HOH A O   1 
HETATM 1547 O  O   . HOH D 4 .   ? 0.145   -7.870  22.134  1.00 31.53 ? 941  HOH A O   1 
HETATM 1548 O  O   . HOH D 4 .   ? 5.369   -2.792  -17.295 1.00 30.40 ? 942  HOH A O   1 
HETATM 1549 O  O   . HOH D 4 .   ? 4.785   16.108  11.307  1.00 34.26 ? 943  HOH A O   1 
HETATM 1550 O  O   . HOH D 4 .   ? -13.975 6.776   5.606   1.00 36.79 ? 944  HOH A O   1 
HETATM 1551 O  O   . HOH D 4 .   ? 6.092   -0.694  -23.078 1.00 31.18 ? 945  HOH A O   1 
HETATM 1552 O  O   . HOH D 4 .   ? -12.445 13.613  6.156   1.00 39.46 ? 946  HOH A O   1 
HETATM 1553 O  O   . HOH D 4 .   ? -4.349  12.669  -5.012  1.00 28.65 ? 947  HOH A O   1 
HETATM 1554 O  O   . HOH D 4 .   ? 2.376   10.094  22.027  1.00 31.94 ? 948  HOH A O   1 
HETATM 1555 O  O   . HOH D 4 .   ? 7.961   -10.669 -16.725 1.00 26.84 ? 949  HOH A O   1 
HETATM 1556 O  O   . HOH D 4 .   ? 12.355  0.484   -6.445  1.00 28.26 ? 950  HOH A O   1 
HETATM 1557 O  O   . HOH D 4 .   ? 10.665  13.789  -0.583  1.00 31.84 ? 951  HOH A O   1 
HETATM 1558 O  O   . HOH D 4 .   ? -3.110  5.080   -25.444 1.00 29.53 ? 952  HOH A O   1 
HETATM 1559 O  O   . HOH D 4 .   ? 3.712   -8.145  -0.268  1.00 28.78 ? 953  HOH A O   1 
HETATM 1560 O  O   . HOH D 4 .   ? 7.431   9.622   -4.597  1.00 33.08 ? 954  HOH A O   1 
HETATM 1561 O  O   . HOH D 4 .   ? -5.755  6.182   22.316  1.00 30.07 ? 955  HOH A O   1 
HETATM 1562 O  O   . HOH D 4 .   ? -15.463 -7.567  -9.817  1.00 36.14 ? 956  HOH A O   1 
HETATM 1563 O  O   . HOH D 4 .   ? 5.527   -7.608  -22.820 1.00 37.53 ? 957  HOH A O   1 
HETATM 1564 O  O   . HOH D 4 .   ? 7.633   5.290   -11.696 1.00 32.04 ? 958  HOH A O   1 
HETATM 1565 O  O   . HOH D 4 .   ? -12.192 5.513   19.285  1.00 30.01 ? 959  HOH A O   1 
HETATM 1566 O  O   . HOH D 4 .   ? -4.196  -3.401  -25.440 1.00 39.62 ? 960  HOH A O   1 
HETATM 1567 O  O   . HOH D 4 .   ? -13.541 -4.450  5.132   1.00 44.39 ? 961  HOH A O   1 
HETATM 1568 O  O   . HOH D 4 .   ? 2.774   -0.583  5.088   1.00 42.05 ? 962  HOH A O   1 
HETATM 1569 O  O   . HOH D 4 .   ? -3.506  9.717   18.689  1.00 37.50 ? 963  HOH A O   1 
HETATM 1570 O  O   . HOH D 4 .   ? 9.243   -6.286  14.099  1.00 40.17 ? 964  HOH A O   1 
HETATM 1571 O  O   . HOH D 4 .   ? -10.397 -8.585  8.241   1.00 41.28 ? 965  HOH A O   1 
HETATM 1572 O  O   . HOH D 4 .   ? -8.900  -5.634  20.346  1.00 41.24 ? 966  HOH A O   1 
HETATM 1573 O  O   . HOH D 4 .   ? 14.146  4.360   -0.624  1.00 42.86 ? 967  HOH A O   1 
HETATM 1574 O  O   . HOH D 4 .   ? 4.234   -9.413  1.954   1.00 38.31 ? 968  HOH A O   1 
HETATM 1575 O  O   . HOH D 4 .   ? 6.997   17.431  4.861   1.00 36.08 ? 969  HOH A O   1 
HETATM 1576 O  O   . HOH D 4 .   ? 0.813   18.483  5.012   1.00 35.70 ? 970  HOH A O   1 
HETATM 1577 O  O   . HOH D 4 .   ? -10.730 2.951   -10.904 1.00 33.18 ? 971  HOH A O   1 
HETATM 1578 O  O   . HOH D 4 .   ? 2.533   -17.494 -6.774  1.00 34.02 ? 972  HOH A O   1 
HETATM 1579 O  O   . HOH D 4 .   ? -6.129  10.898  -7.754  1.00 43.37 ? 973  HOH A O   1 
HETATM 1580 O  O   . HOH D 4 .   ? 15.678  -3.787  -10.896 1.00 33.16 ? 974  HOH A O   1 
HETATM 1581 O  O   . HOH D 4 .   ? 4.408   -10.006 -21.548 1.00 38.54 ? 975  HOH A O   1 
HETATM 1582 O  O   . HOH D 4 .   ? -9.362  4.360   22.276  1.00 40.69 ? 976  HOH A O   1 
HETATM 1583 O  O   . HOH D 4 .   ? 19.981  8.382   -4.938  1.00 39.25 ? 977  HOH A O   1 
HETATM 1584 O  O   . HOH D 4 .   ? 11.635  -9.345  -8.981  1.00 42.76 ? 978  HOH A O   1 
HETATM 1585 O  O   . HOH D 4 .   ? -11.310 10.048  -11.210 1.00 44.20 ? 979  HOH A O   1 
HETATM 1586 O  O   . HOH D 4 .   ? 5.642   -1.266  5.241   1.00 46.51 ? 980  HOH A O   1 
HETATM 1587 O  O   . HOH D 4 .   ? 16.487  -5.758  2.688   1.00 44.49 ? 981  HOH A O   1 
HETATM 1588 O  O   . HOH D 4 .   ? 2.828   -9.366  21.478  1.00 44.83 ? 982  HOH A O   1 
HETATM 1589 O  O   . HOH D 4 .   ? -4.731  -6.866  -20.008 1.00 39.13 ? 983  HOH A O   1 
HETATM 1590 O  O   . HOH D 4 .   ? -0.636  9.886   -14.700 1.00 43.21 ? 984  HOH A O   1 
HETATM 1591 O  O   . HOH D 4 .   ? 10.950  10.410  11.126  1.00 39.19 ? 985  HOH A O   1 
HETATM 1592 O  O   . HOH D 4 .   ? 4.543   4.751   30.242  1.00 46.92 ? 986  HOH A O   1 
HETATM 1593 O  O   . HOH D 4 .   ? 9.008   -4.994  -23.157 1.00 45.03 ? 987  HOH A O   1 
HETATM 1594 O  O   . HOH D 4 .   ? 6.613   3.723   -13.798 1.00 36.54 ? 988  HOH A O   1 
HETATM 1595 O  O   . HOH D 4 .   ? 7.908   -6.558  -18.362 1.00 49.97 ? 989  HOH A O   1 
HETATM 1596 O  O   . HOH D 4 .   ? 5.607   -7.014  11.203  1.00 32.65 ? 990  HOH A O   1 
HETATM 1597 O  O   . HOH D 4 .   ? -6.503  16.445  7.102   1.00 49.20 ? 991  HOH A O   1 
HETATM 1598 O  O   . HOH D 4 .   ? -8.302  -2.144  0.292   1.00 30.96 ? 992  HOH A O   1 
HETATM 1599 O  O   . HOH D 4 .   ? -2.118  -15.828 -5.263  1.00 48.21 ? 993  HOH A O   1 
HETATM 1600 O  O   . HOH D 4 .   ? 12.688  -1.490  -20.707 1.00 53.24 ? 994  HOH A O   1 
HETATM 1601 O  O   . HOH D 4 .   ? 20.968  -3.463  -15.164 1.00 47.71 ? 995  HOH A O   1 
HETATM 1602 O  O   . HOH D 4 .   ? 5.481   -12.394 -19.227 1.00 44.27 ? 996  HOH A O   1 
HETATM 1603 O  O   . HOH D 4 .   ? 12.017  -12.384 -8.629  1.00 43.56 ? 997  HOH A O   1 
HETATM 1604 O  O   . HOH D 4 .   ? 8.876   -15.764 -9.742  1.00 48.18 ? 998  HOH A O   1 
HETATM 1605 O  O   . HOH D 4 .   ? 6.678   4.886   -16.022 1.00 47.48 ? 999  HOH A O   1 
HETATM 1606 O  O   . HOH D 4 .   ? 20.230  6.564   -6.877  1.00 32.78 ? 1000 HOH A O   1 
HETATM 1607 O  O   . HOH D 4 .   ? 15.526  7.722   0.925   1.00 40.09 ? 1001 HOH A O   1 
HETATM 1608 O  O   . HOH D 4 .   ? 8.439   15.196  -1.617  1.00 47.55 ? 1002 HOH A O   1 
HETATM 1609 O  O   . HOH D 4 .   ? 10.332  11.554  -8.432  0.5  32.80 ? 1003 HOH A O   1 
HETATM 1610 O  O   . HOH D 4 .   ? 16.592  11.406  3.682   1.00 47.55 ? 1004 HOH A O   1 
HETATM 1611 O  O   . HOH D 4 .   ? 16.572  16.637  5.206   1.00 53.26 ? 1005 HOH A O   1 
HETATM 1612 O  O   . HOH D 4 .   ? 13.928  14.564  7.455   1.00 50.75 ? 1006 HOH A O   1 
HETATM 1613 O  O   . HOH D 4 .   ? 2.465   16.336  12.659  1.00 48.15 ? 1007 HOH A O   1 
HETATM 1614 O  O   . HOH D 4 .   ? 9.796   6.856   18.494  1.00 52.45 ? 1008 HOH A O   1 
HETATM 1615 O  O   . HOH D 4 .   ? 12.355  3.530   18.409  1.00 36.18 ? 1009 HOH A O   1 
HETATM 1616 O  O   . HOH D 4 .   ? 1.222   7.531   -24.453 1.00 59.96 ? 1010 HOH A O   1 
HETATM 1617 O  O   . HOH D 4 .   ? -0.283  9.660   -26.835 1.00 56.21 ? 1011 HOH A O   1 
HETATM 1618 O  O   . HOH D 4 .   ? -3.660  8.279   20.632  1.00 44.66 ? 1012 HOH A O   1 
HETATM 1619 O  O   . HOH D 4 .   ? -2.566  13.360  19.905  1.00 48.79 ? 1013 HOH A O   1 
HETATM 1620 O  O   . HOH D 4 .   ? -10.461 2.022   3.767   1.00 33.01 ? 1014 HOH A O   1 
HETATM 1621 O  O   . HOH D 4 .   ? -11.488 7.191   -2.003  1.00 25.42 ? 1015 HOH A O   1 
HETATM 1622 O  O   . HOH D 4 .   ? -13.818 -4.057  -8.882  1.00 39.36 ? 1016 HOH A O   1 
HETATM 1623 O  O   . HOH D 4 .   ? -17.875 -9.867  -7.468  1.00 47.49 ? 1017 HOH A O   1 
HETATM 1624 O  O   . HOH D 4 .   ? -8.815  -13.214 -14.625 1.00 29.48 ? 1018 HOH A O   1 
HETATM 1625 O  O   . HOH D 4 .   ? -8.925  -15.133 -5.019  1.00 39.98 ? 1019 HOH A O   1 
HETATM 1626 O  O   . HOH D 4 .   ? -1.824  1.120   2.983   1.00 35.27 ? 1020 HOH A O   1 
HETATM 1627 O  O   . HOH D 4 .   ? -13.745 -8.203  7.019   1.00 43.43 ? 1021 HOH A O   1 
HETATM 1628 O  O   . HOH D 4 .   ? -12.521 -8.201  4.520   1.00 56.14 ? 1022 HOH A O   1 
HETATM 1629 O  O   . HOH D 4 .   ? -7.252  12.456  8.565   1.00 43.51 ? 1023 HOH A O   1 
HETATM 1630 O  O   . HOH D 4 .   ? -8.561  15.758  5.786   1.00 49.01 ? 1024 HOH A O   1 
HETATM 1631 O  O   . HOH D 4 .   ? -19.915 9.724   7.543   1.00 41.24 ? 1025 HOH A O   1 
HETATM 1632 O  O   . HOH D 4 .   ? -19.226 8.429   4.804   1.00 47.49 ? 1026 HOH A O   1 
HETATM 1633 O  O   . HOH D 4 .   ? -15.602 8.869   0.503   1.00 43.80 ? 1027 HOH A O   1 
HETATM 1634 O  O   . HOH D 4 .   ? -4.935  13.628  -0.906  1.00 34.08 ? 1028 HOH A O   1 
HETATM 1635 O  O   . HOH D 4 .   ? -13.885 10.212  -12.128 1.00 44.18 ? 1029 HOH A O   1 
HETATM 1636 O  O   . HOH D 4 .   ? -9.780  1.726   -18.884 1.00 48.37 ? 1030 HOH A O   1 
HETATM 1637 O  O   . HOH D 4 .   ? -6.334  7.928   -13.860 1.00 45.68 ? 1031 HOH A O   1 
HETATM 1638 O  O   . HOH D 4 .   ? -5.212  6.937   -11.925 1.00 46.31 ? 1032 HOH A O   1 
HETATM 1639 O  O   . HOH D 4 .   ? -3.949  9.507   -11.532 1.00 46.29 ? 1033 HOH A O   1 
HETATM 1640 O  O   . HOH D 4 .   ? -10.245 -3.364  -13.312 1.00 46.29 ? 1034 HOH A O   1 
HETATM 1641 O  O   . HOH D 4 .   ? 4.379   -8.311  14.000  1.00 44.81 ? 1035 HOH A O   1 
HETATM 1642 O  O   . HOH D 4 .   ? 5.494   -6.897  8.577   1.00 49.17 ? 1036 HOH A O   1 
HETATM 1643 O  O   . HOH D 4 .   ? 4.639   -6.874  6.130   1.00 50.82 ? 1037 HOH A O   1 
HETATM 1644 O  O   . HOH D 4 .   ? 5.882   -5.212  19.592  1.00 28.75 ? 1038 HOH A O   1 
HETATM 1645 O  O   . HOH D 4 .   ? 8.367   -5.197  18.530  1.00 42.93 ? 1039 HOH A O   1 
HETATM 1646 O  O   . HOH D 4 .   ? 4.546   -7.471  19.761  1.00 35.14 ? 1040 HOH A O   1 
HETATM 1647 O  O   . HOH D 4 .   ? 3.438   -6.603  22.810  1.00 35.82 ? 1041 HOH A O   1 
HETATM 1648 O  O   . HOH D 4 .   ? 5.915   6.786   24.609  1.00 41.79 ? 1042 HOH A O   1 
HETATM 1649 O  O   . HOH D 4 .   ? -2.900  -9.765  23.824  1.00 48.35 ? 1043 HOH A O   1 
HETATM 1650 O  O   . HOH D 4 .   ? 0.025   -6.464  5.658   1.00 48.16 ? 1044 HOH A O   1 
HETATM 1651 O  O   . HOH D 4 .   ? 12.721  -6.230  -2.682  1.00 50.65 ? 1045 HOH A O   1 
HETATM 1652 O  O   . HOH D 4 .   ? 12.280  -4.112  -4.086  1.00 40.58 ? 1046 HOH A O   1 
HETATM 1653 O  O   . HOH D 4 .   ? 13.240  -0.957  -2.410  1.00 43.04 ? 1047 HOH A O   1 
HETATM 1654 O  O   . HOH D 4 .   ? 7.096   -15.728 -13.167 1.00 46.42 ? 1048 HOH A O   1 
HETATM 1655 O  O   . HOH D 4 .   ? 1.477   -9.736  -25.878 1.00 35.48 ? 1049 HOH A O   1 
HETATM 1656 O  O   . HOH D 4 .   ? -5.016  -0.910  -24.271 1.00 41.59 ? 1050 HOH A O   1 
HETATM 1657 O  O   . HOH D 4 .   ? -5.923  -3.921  -23.173 1.00 56.29 ? 1051 HOH A O   1 
HETATM 1658 O  O   . HOH D 4 .   ? -5.434  -6.311  -24.051 1.00 47.15 ? 1052 HOH A O   1 
HETATM 1659 O  O   . HOH D 4 .   ? -6.744  3.298   -25.039 1.00 45.32 ? 1053 HOH A O   1 
HETATM 1660 O  O   . HOH D 4 .   ? -1.415  8.322   -24.440 1.00 64.24 ? 1054 HOH A O   1 
HETATM 1661 O  O   . HOH D 4 .   ? -1.454  6.781   -27.396 1.00 54.90 ? 1055 HOH A O   1 
HETATM 1662 O  O   . HOH D 4 .   ? -1.082  8.249   -20.100 1.00 46.77 ? 1056 HOH A O   1 
HETATM 1663 O  O   . HOH D 4 .   ? -2.921  6.773   -20.505 1.00 39.81 ? 1057 HOH A O   1 
HETATM 1664 O  O   . HOH D 4 .   ? -5.221  5.905   -20.098 1.00 46.59 ? 1058 HOH A O   1 
HETATM 1665 O  O   . HOH D 4 .   ? 1.990   15.330  -2.996  1.00 41.64 ? 1059 HOH A O   1 
HETATM 1666 O  O   . HOH D 4 .   ? 2.721   12.885  -4.428  1.00 40.53 ? 1060 HOH A O   1 
HETATM 1667 O  O   . HOH D 4 .   ? -1.167  12.159  -7.427  1.00 46.71 ? 1061 HOH A O   1 
HETATM 1668 O  O   . HOH D 4 .   ? -11.776 15.505  0.989   1.00 39.13 ? 1062 HOH A O   1 
HETATM 1669 O  O   . HOH D 4 .   ? 7.860   -0.683  1.703   1.00 20.40 ? 1063 HOH A O   1 
HETATM 1670 O  O   . HOH D 4 .   ? 11.067  6.862   5.872   1.00 44.62 ? 1064 HOH A O   1 
HETATM 1671 O  O   . HOH D 4 .   ? -12.613 -14.433 -8.837  1.00 44.35 ? 1065 HOH A O   1 
HETATM 1672 O  O   . HOH D 4 .   ? 3.236   2.224   3.365   1.00 39.74 ? 1066 HOH A O   1 
HETATM 1673 O  O   . HOH D 4 .   ? -0.316  -9.329  3.551   1.00 38.32 ? 1067 HOH A O   1 
HETATM 1674 O  O   . HOH D 4 .   ? 9.183   -7.242  4.453   1.00 41.90 ? 1068 HOH A O   1 
# 
loop_
_pdbx_poly_seq_scheme.asym_id 
_pdbx_poly_seq_scheme.entity_id 
_pdbx_poly_seq_scheme.seq_id 
_pdbx_poly_seq_scheme.mon_id 
_pdbx_poly_seq_scheme.ndb_seq_num 
_pdbx_poly_seq_scheme.pdb_seq_num 
_pdbx_poly_seq_scheme.auth_seq_num 
_pdbx_poly_seq_scheme.pdb_mon_id 
_pdbx_poly_seq_scheme.auth_mon_id 
_pdbx_poly_seq_scheme.pdb_strand_id 
_pdbx_poly_seq_scheme.pdb_ins_code 
_pdbx_poly_seq_scheme.hetero 
A 1 1   MET 1   1   ?   ?   ?   A . n 
A 1 2   ASP 2   2   ?   ?   ?   A . n 
A 1 3   THR 3   3   ?   ?   ?   A . n 
A 1 4   LEU 4   4   ?   ?   ?   A . n 
A 1 5   ALA 5   5   ?   ?   ?   A . n 
A 1 6   PRO 6   6   ?   ?   ?   A . n 
A 1 7   GLU 7   7   ?   ?   ?   A . n 
A 1 8   SER 8   8   ?   ?   ?   A . n 
A 1 9   THR 9   9   ?   ?   ?   A . n 
A 1 10  ARG 10  10  ?   ?   ?   A . n 
A 1 11  GLN 11  11  ?   ?   ?   A . n 
A 1 12  ASN 12  12  12  ASN ASN A . n 
A 1 13  LEU 13  13  13  LEU LEU A . n 
A 1 14  ARG 14  14  14  ARG ARG A . n 
A 1 15  SER 15  15  15  SER SER A . n 
A 1 16  GLN 16  16  16  GLN GLN A . n 
A 1 17  ARG 17  17  17  ARG ARG A . n 
A 1 18  LEU 18  18  18  LEU LEU A . n 
A 1 19  ASN 19  19  19  ASN ASN A . n 
A 1 20  LEU 20  20  20  LEU LEU A . n 
A 1 21  LEU 21  21  21  LEU LEU A . n 
A 1 22  THR 22  22  22  THR THR A . n 
A 1 23  ASN 23  23  23  ASN ASN A . n 
A 1 24  GLU 24  24  24  GLU GLU A . n 
A 1 25  PRO 25  25  25  PRO PRO A . n 
A 1 26  HIS 26  26  26  HIS HIS A . n 
A 1 27  GLN 27  27  27  GLN GLN A . n 
A 1 28  ARG 28  28  28  ARG ARG A . n 
A 1 29  LEU 29  29  29  LEU LEU A . n 
A 1 30  GLU 30  30  30  GLU GLU A . n 
A 1 31  SER 31  31  31  SER SER A . n 
A 1 32  LEU 32  32  32  LEU LEU A . n 
A 1 33  VAL 33  33  33  VAL VAL A . n 
A 1 34  LYS 34  34  34  LYS LYS A . n 
A 1 35  SER 35  35  35  SER SER A . n 
A 1 36  LYS 36  36  36  LYS LYS A . n 
A 1 37  GLU 37  37  37  GLU GLU A . n 
A 1 38  PRO 38  38  38  PRO PRO A . n 
A 1 39  PHE 39  39  39  PHE PHE A . n 
A 1 40  ALA 40  40  40  ALA ALA A . n 
A 1 41  SER 41  41  41  SER SER A . n 
A 1 42  ARG 42  42  42  ARG ARG A . n 
A 1 43  ASP 43  43  43  ASP ASP A . n 
A 1 44  ASN 44  44  44  ASN ASN A . n 
A 1 45  PHE 45  45  45  PHE PHE A . n 
A 1 46  ALA 46  46  46  ALA ALA A . n 
A 1 47  ARG 47  47  47  ARG ARG A . n 
A 1 48  PHE 48  48  48  PHE PHE A . n 
A 1 49  VAL 49  49  49  VAL VAL A . n 
A 1 50  ALA 50  50  50  ALA ALA A . n 
A 1 51  ALA 51  51  51  ALA ALA A . n 
A 1 52  GLN 52  52  52  GLN GLN A . n 
A 1 53  TYR 53  53  53  TYR TYR A . n 
A 1 54  LEU 54  54  54  LEU LEU A . n 
A 1 55  PHE 55  55  55  PHE PHE A . n 
A 1 56  GLN 56  56  56  GLN GLN A . n 
A 1 57  HIS 57  57  57  HIS HIS A . n 
A 1 58  ASP 58  58  58  ASP ASP A . n 
A 1 59  LEU 59  59  59  LEU LEU A . n 
A 1 60  GLU 60  60  60  GLU GLU A . n 
A 1 61  PRO 61  61  61  PRO PRO A . n 
A 1 62  LEU 62  62  62  LEU LEU A . n 
A 1 63  TYR 63  63  63  TYR TYR A . n 
A 1 64  ARG 64  64  64  ARG ARG A . n 
A 1 65  ASN 65  65  65  ASN ASN A . n 
A 1 66  GLU 66  66  66  GLU GLU A . n 
A 1 67  ALA 67  67  67  ALA ALA A . n 
A 1 68  LEU 68  68  68  LEU LEU A . n 
A 1 69  ALA 69  69  69  ALA ALA A . n 
A 1 70  ARG 70  70  70  ARG ARG A . n 
A 1 71  LEU 71  71  71  LEU LEU A . n 
A 1 72  PHE 72  72  72  PHE PHE A . n 
A 1 73  PRO 73  73  73  PRO PRO A . n 
A 1 74  GLY 74  74  74  GLY GLY A . n 
A 1 75  LEU 75  75  75  LEU LEU A . n 
A 1 76  ALA 76  76  76  ALA ALA A . n 
A 1 77  SER 77  77  77  SER SER A . n 
A 1 78  ARG 78  78  78  ARG ARG A . n 
A 1 79  ALA 79  79  79  ALA ALA A . n 
A 1 80  ARG 80  80  80  ARG ARG A . n 
A 1 81  ASP 81  81  81  ASP ASP A . n 
A 1 82  ASP 82  82  82  ASP ASP A . n 
A 1 83  ALA 83  83  83  ALA ALA A . n 
A 1 84  ALA 84  84  84  ALA ALA A . n 
A 1 85  ARG 85  85  85  ARG ARG A . n 
A 1 86  ALA 86  86  86  ALA ALA A . n 
A 1 87  ASP 87  87  87  ASP ASP A . n 
A 1 88  LEU 88  88  88  LEU LEU A . n 
A 1 89  ALA 89  89  89  ALA ALA A . n 
A 1 90  ASP 90  90  90  ASP ASP A . n 
A 1 91  LEU 91  91  91  LEU LEU A . n 
A 1 92  GLY 92  92  92  GLY GLY A . n 
A 1 93  HIS 93  93  93  HIS HIS A . n 
A 1 94  PRO 94  94  94  PRO PRO A . n 
A 1 95  VAL 95  95  95  VAL VAL A . n 
A 1 96  PRO 96  96  96  PRO PRO A . n 
A 1 97  GLU 97  97  97  GLU GLU A . n 
A 1 98  GLY 98  98  98  GLY GLY A . n 
A 1 99  ASP 99  99  99  ASP ASP A . n 
A 1 100 GLN 100 100 100 GLN GLN A . n 
A 1 101 SER 101 101 101 SER SER A . n 
A 1 102 VAL 102 102 102 VAL VAL A . n 
A 1 103 ARG 103 103 103 ARG ARG A . n 
A 1 104 GLU 104 104 104 GLU GLU A . n 
A 1 105 ALA 105 105 105 ALA ALA A . n 
A 1 106 ASP 106 106 106 ASP ASP A . n 
A 1 107 LEU 107 107 107 LEU LEU A . n 
A 1 108 SER 108 108 108 SER SER A . n 
A 1 109 LEU 109 109 109 LEU LEU A . n 
A 1 110 ALA 110 110 110 ALA ALA A . n 
A 1 111 GLU 111 111 111 GLU GLU A . n 
A 1 112 ALA 112 112 112 ALA ALA A . n 
A 1 113 LEU 113 113 113 LEU LEU A . n 
A 1 114 GLY 114 114 114 GLY GLY A . n 
A 1 115 TRP 115 115 115 TRP TRP A . n 
A 1 116 LEU 116 116 116 LEU LEU A . n 
A 1 117 PHE 117 117 117 PHE PHE A . n 
A 1 118 VAL 118 118 118 VAL VAL A . n 
A 1 119 SER 119 119 119 SER SER A . n 
A 1 120 GLU 120 120 120 GLU GLU A . n 
A 1 121 GLY 121 121 121 GLY GLY A . n 
A 1 122 SER 122 122 122 SER SER A . n 
A 1 123 LYS 123 123 123 LYS LYS A . n 
A 1 124 LEU 124 124 124 LEU LEU A . n 
A 1 125 GLY 125 125 125 GLY GLY A . n 
A 1 126 ALA 126 126 126 ALA ALA A . n 
A 1 127 ALA 127 127 127 ALA ALA A . n 
A 1 128 PHE 128 128 128 PHE PHE A . n 
A 1 129 LEU 129 129 129 LEU LEU A . n 
A 1 130 PHE 130 130 130 PHE PHE A . n 
A 1 131 LYS 131 131 131 LYS LYS A . n 
A 1 132 LYS 132 132 132 LYS LYS A . n 
A 1 133 ALA 133 133 133 ALA ALA A . n 
A 1 134 ALA 134 134 134 ALA ALA A . n 
A 1 135 ALA 135 135 135 ALA ALA A . n 
A 1 136 LEU 136 136 136 LEU LEU A . n 
A 1 137 GLU 137 137 137 GLU GLU A . n 
A 1 138 LEU 138 138 138 LEU LEU A . n 
A 1 139 ASP 139 139 139 ASP ASP A . n 
A 1 140 GLU 140 140 140 GLU GLU A . n 
A 1 141 ASN 141 141 141 ASN ASN A . n 
A 1 142 PHE 142 142 142 PHE PHE A . n 
A 1 143 GLY 143 143 143 GLY GLY A . n 
A 1 144 ALA 144 144 144 ALA ALA A . n 
A 1 145 ARG 145 145 145 ARG ARG A . n 
A 1 146 HIS 146 146 146 HIS HIS A . n 
A 1 147 LEU 147 147 147 LEU LEU A . n 
A 1 148 ALA 148 148 148 ALA ALA A . n 
A 1 149 GLU 149 149 149 GLU GLU A . n 
A 1 150 PRO 150 150 150 PRO PRO A . n 
A 1 151 GLU 151 151 151 GLU GLU A . n 
A 1 152 GLY 152 152 152 GLY GLY A . n 
A 1 153 GLY 153 153 153 GLY GLY A . n 
A 1 154 ARG 154 154 154 ARG ARG A . n 
A 1 155 ALA 155 155 155 ALA ALA A . n 
A 1 156 GLN 156 156 156 GLN GLN A . n 
A 1 157 GLY 157 157 157 GLY GLY A . n 
A 1 158 TRP 158 158 158 TRP TRP A . n 
A 1 159 LYS 159 159 159 LYS LYS A . n 
A 1 160 SER 160 160 160 SER SER A . n 
A 1 161 PHE 161 161 161 PHE PHE A . n 
A 1 162 VAL 162 162 162 VAL VAL A . n 
A 1 163 ALA 163 163 163 ALA ALA A . n 
A 1 164 ILE 164 164 164 ILE ILE A . n 
A 1 165 LEU 165 165 165 LEU LEU A . n 
A 1 166 ASP 166 166 166 ASP ASP A . n 
A 1 167 GLY 167 167 167 GLY GLY A . n 
A 1 168 ILE 168 168 168 ILE ILE A . n 
A 1 169 GLU 169 169 169 GLU GLU A . n 
A 1 170 LEU 170 170 170 LEU LEU A . n 
A 1 171 ASN 171 171 171 ASN ASN A . n 
A 1 172 GLU 172 172 172 GLU GLU A . n 
A 1 173 GLU 173 173 173 GLU GLU A . n 
A 1 174 GLU 174 174 174 GLU GLU A . n 
A 1 175 GLU 175 175 175 GLU GLU A . n 
A 1 176 ARG 176 176 176 ARG ARG A . n 
A 1 177 LEU 177 177 177 LEU LEU A . n 
A 1 178 ALA 178 178 178 ALA ALA A . n 
A 1 179 ALA 179 179 179 ALA ALA A . n 
A 1 180 LYS 180 180 180 LYS LYS A . n 
A 1 181 GLY 181 181 181 GLY GLY A . n 
A 1 182 ALA 182 182 182 ALA ALA A . n 
A 1 183 SER 183 183 183 SER SER A . n 
A 1 184 ASP 184 184 184 ASP ASP A . n 
A 1 185 ALA 185 185 185 ALA ALA A . n 
A 1 186 PHE 186 186 186 PHE PHE A . n 
A 1 187 ASN 187 187 187 ASN ASN A . n 
A 1 188 ARG 188 188 188 ARG ARG A . n 
A 1 189 PHE 189 189 189 PHE PHE A . n 
A 1 190 GLY 190 190 190 GLY GLY A . n 
A 1 191 ASP 191 191 191 ASP ASP A . n 
A 1 192 LEU 192 192 192 LEU LEU A . n 
A 1 193 LEU 193 193 193 LEU LEU A . n 
A 1 194 GLU 194 194 194 GLU GLU A . n 
A 1 195 ARG 195 195 195 ARG ARG A . n 
A 1 196 THR 196 196 196 THR THR A . n 
A 1 197 PHE 197 197 197 PHE PHE A . n 
A 1 198 ALA 198 198 198 ALA ALA A . n 
# 
loop_
_pdbx_nonpoly_scheme.asym_id 
_pdbx_nonpoly_scheme.entity_id 
_pdbx_nonpoly_scheme.mon_id 
_pdbx_nonpoly_scheme.ndb_seq_num 
_pdbx_nonpoly_scheme.pdb_seq_num 
_pdbx_nonpoly_scheme.auth_seq_num 
_pdbx_nonpoly_scheme.pdb_mon_id 
_pdbx_nonpoly_scheme.auth_mon_id 
_pdbx_nonpoly_scheme.pdb_strand_id 
_pdbx_nonpoly_scheme.pdb_ins_code 
B 2 SO4 1   910  910 SO4 SO4 A . 
C 3 HEM 1   300  300 HEM HEM A . 
D 4 HOH 1   911  1   HOH HOH A . 
D 4 HOH 2   912  2   HOH HOH A . 
D 4 HOH 3   913  3   HOH HOH A . 
D 4 HOH 4   914  4   HOH HOH A . 
D 4 HOH 5   915  5   HOH HOH A . 
D 4 HOH 6   916  6   HOH HOH A . 
D 4 HOH 7   917  7   HOH HOH A . 
D 4 HOH 8   918  8   HOH HOH A . 
D 4 HOH 9   919  9   HOH HOH A . 
D 4 HOH 10  920  10  HOH HOH A . 
D 4 HOH 11  921  11  HOH HOH A . 
D 4 HOH 12  922  12  HOH HOH A . 
D 4 HOH 13  923  13  HOH HOH A . 
D 4 HOH 14  924  14  HOH HOH A . 
D 4 HOH 15  925  15  HOH HOH A . 
D 4 HOH 16  926  16  HOH HOH A . 
D 4 HOH 17  927  17  HOH HOH A . 
D 4 HOH 18  928  18  HOH HOH A . 
D 4 HOH 19  929  19  HOH HOH A . 
D 4 HOH 20  930  20  HOH HOH A . 
D 4 HOH 21  931  21  HOH HOH A . 
D 4 HOH 22  932  22  HOH HOH A . 
D 4 HOH 23  933  23  HOH HOH A . 
D 4 HOH 24  934  24  HOH HOH A . 
D 4 HOH 25  935  25  HOH HOH A . 
D 4 HOH 26  936  26  HOH HOH A . 
D 4 HOH 27  937  27  HOH HOH A . 
D 4 HOH 28  938  28  HOH HOH A . 
D 4 HOH 29  939  29  HOH HOH A . 
D 4 HOH 30  940  30  HOH HOH A . 
D 4 HOH 31  941  31  HOH HOH A . 
D 4 HOH 32  942  32  HOH HOH A . 
D 4 HOH 33  943  33  HOH HOH A . 
D 4 HOH 34  944  34  HOH HOH A . 
D 4 HOH 35  945  35  HOH HOH A . 
D 4 HOH 36  946  36  HOH HOH A . 
D 4 HOH 37  947  37  HOH HOH A . 
D 4 HOH 38  948  38  HOH HOH A . 
D 4 HOH 39  949  39  HOH HOH A . 
D 4 HOH 40  950  40  HOH HOH A . 
D 4 HOH 41  951  41  HOH HOH A . 
D 4 HOH 42  952  42  HOH HOH A . 
D 4 HOH 43  953  43  HOH HOH A . 
D 4 HOH 44  954  44  HOH HOH A . 
D 4 HOH 45  955  45  HOH HOH A . 
D 4 HOH 46  956  46  HOH HOH A . 
D 4 HOH 47  957  47  HOH HOH A . 
D 4 HOH 48  958  48  HOH HOH A . 
D 4 HOH 49  959  49  HOH HOH A . 
D 4 HOH 50  960  50  HOH HOH A . 
D 4 HOH 51  961  51  HOH HOH A . 
D 4 HOH 52  962  52  HOH HOH A . 
D 4 HOH 53  963  53  HOH HOH A . 
D 4 HOH 54  964  54  HOH HOH A . 
D 4 HOH 55  965  55  HOH HOH A . 
D 4 HOH 56  966  56  HOH HOH A . 
D 4 HOH 57  967  57  HOH HOH A . 
D 4 HOH 58  968  58  HOH HOH A . 
D 4 HOH 59  969  59  HOH HOH A . 
D 4 HOH 60  970  60  HOH HOH A . 
D 4 HOH 61  971  61  HOH HOH A . 
D 4 HOH 62  972  62  HOH HOH A . 
D 4 HOH 63  973  63  HOH HOH A . 
D 4 HOH 64  974  64  HOH HOH A . 
D 4 HOH 65  975  65  HOH HOH A . 
D 4 HOH 66  976  66  HOH HOH A . 
D 4 HOH 67  977  67  HOH HOH A . 
D 4 HOH 68  978  68  HOH HOH A . 
D 4 HOH 69  979  69  HOH HOH A . 
D 4 HOH 70  980  70  HOH HOH A . 
D 4 HOH 71  981  71  HOH HOH A . 
D 4 HOH 72  982  72  HOH HOH A . 
D 4 HOH 73  983  73  HOH HOH A . 
D 4 HOH 74  984  74  HOH HOH A . 
D 4 HOH 75  985  75  HOH HOH A . 
D 4 HOH 76  986  76  HOH HOH A . 
D 4 HOH 77  987  77  HOH HOH A . 
D 4 HOH 78  988  78  HOH HOH A . 
D 4 HOH 79  989  79  HOH HOH A . 
D 4 HOH 80  990  80  HOH HOH A . 
D 4 HOH 81  991  81  HOH HOH A . 
D 4 HOH 82  992  82  HOH HOH A . 
D 4 HOH 83  993  83  HOH HOH A . 
D 4 HOH 84  994  84  HOH HOH A . 
D 4 HOH 85  995  85  HOH HOH A . 
D 4 HOH 86  996  86  HOH HOH A . 
D 4 HOH 87  997  87  HOH HOH A . 
D 4 HOH 88  998  88  HOH HOH A . 
D 4 HOH 89  999  89  HOH HOH A . 
D 4 HOH 90  1000 90  HOH HOH A . 
D 4 HOH 91  1001 91  HOH HOH A . 
D 4 HOH 92  1002 92  HOH HOH A . 
D 4 HOH 93  1003 93  HOH HOH A . 
D 4 HOH 94  1004 94  HOH HOH A . 
D 4 HOH 95  1005 95  HOH HOH A . 
D 4 HOH 96  1006 96  HOH HOH A . 
D 4 HOH 97  1007 97  HOH HOH A . 
D 4 HOH 98  1008 98  HOH HOH A . 
D 4 HOH 99  1009 99  HOH HOH A . 
D 4 HOH 100 1010 100 HOH HOH A . 
D 4 HOH 101 1011 101 HOH HOH A . 
D 4 HOH 102 1012 102 HOH HOH A . 
D 4 HOH 103 1013 103 HOH HOH A . 
D 4 HOH 104 1014 104 HOH HOH A . 
D 4 HOH 105 1015 105 HOH HOH A . 
D 4 HOH 106 1016 106 HOH HOH A . 
D 4 HOH 107 1017 107 HOH HOH A . 
D 4 HOH 108 1018 108 HOH HOH A . 
D 4 HOH 109 1019 109 HOH HOH A . 
D 4 HOH 110 1020 110 HOH HOH A . 
D 4 HOH 111 1021 111 HOH HOH A . 
D 4 HOH 112 1022 112 HOH HOH A . 
D 4 HOH 113 1023 113 HOH HOH A . 
D 4 HOH 114 1024 114 HOH HOH A . 
D 4 HOH 115 1025 115 HOH HOH A . 
D 4 HOH 116 1026 116 HOH HOH A . 
D 4 HOH 117 1027 117 HOH HOH A . 
D 4 HOH 118 1028 118 HOH HOH A . 
D 4 HOH 119 1029 119 HOH HOH A . 
D 4 HOH 120 1030 120 HOH HOH A . 
D 4 HOH 121 1031 121 HOH HOH A . 
D 4 HOH 122 1032 122 HOH HOH A . 
D 4 HOH 123 1033 123 HOH HOH A . 
D 4 HOH 124 1034 124 HOH HOH A . 
D 4 HOH 125 1035 125 HOH HOH A . 
D 4 HOH 126 1036 126 HOH HOH A . 
D 4 HOH 127 1037 127 HOH HOH A . 
D 4 HOH 128 1038 128 HOH HOH A . 
D 4 HOH 129 1039 129 HOH HOH A . 
D 4 HOH 130 1040 130 HOH HOH A . 
D 4 HOH 131 1041 131 HOH HOH A . 
D 4 HOH 132 1042 132 HOH HOH A . 
D 4 HOH 133 1043 133 HOH HOH A . 
D 4 HOH 134 1044 134 HOH HOH A . 
D 4 HOH 135 1045 135 HOH HOH A . 
D 4 HOH 136 1046 136 HOH HOH A . 
D 4 HOH 137 1047 137 HOH HOH A . 
D 4 HOH 138 1048 138 HOH HOH A . 
D 4 HOH 139 1049 139 HOH HOH A . 
D 4 HOH 140 1050 140 HOH HOH A . 
D 4 HOH 141 1051 141 HOH HOH A . 
D 4 HOH 142 1052 142 HOH HOH A . 
D 4 HOH 143 1053 143 HOH HOH A . 
D 4 HOH 144 1054 144 HOH HOH A . 
D 4 HOH 145 1055 145 HOH HOH A . 
D 4 HOH 146 1056 146 HOH HOH A . 
D 4 HOH 147 1057 147 HOH HOH A . 
D 4 HOH 148 1058 148 HOH HOH A . 
D 4 HOH 149 1059 149 HOH HOH A . 
D 4 HOH 150 1060 150 HOH HOH A . 
D 4 HOH 151 1061 151 HOH HOH A . 
D 4 HOH 152 1062 152 HOH HOH A . 
D 4 HOH 153 1063 153 HOH HOH A . 
D 4 HOH 154 1064 154 HOH HOH A . 
D 4 HOH 155 1065 155 HOH HOH A . 
D 4 HOH 156 1066 156 HOH HOH A . 
D 4 HOH 157 1067 157 HOH HOH A . 
D 4 HOH 158 1068 158 HOH HOH A . 
# 
_pdbx_struct_assembly.id                   1 
_pdbx_struct_assembly.details              author_defined_assembly 
_pdbx_struct_assembly.method_details       ? 
_pdbx_struct_assembly.oligomeric_details   monomeric 
_pdbx_struct_assembly.oligomeric_count     1 
# 
_pdbx_struct_assembly_gen.assembly_id       1 
_pdbx_struct_assembly_gen.oper_expression   1 
_pdbx_struct_assembly_gen.asym_id_list      A,B,C,D 
# 
_pdbx_struct_oper_list.id                   1 
_pdbx_struct_oper_list.type                 'identity operation' 
_pdbx_struct_oper_list.name                 1_555 
_pdbx_struct_oper_list.symmetry_operation   x,y,z 
_pdbx_struct_oper_list.matrix[1][1]         1.0000000000 
_pdbx_struct_oper_list.matrix[1][2]         0.0000000000 
_pdbx_struct_oper_list.matrix[1][3]         0.0000000000 
_pdbx_struct_oper_list.vector[1]            0.0000000000 
_pdbx_struct_oper_list.matrix[2][1]         0.0000000000 
_pdbx_struct_oper_list.matrix[2][2]         1.0000000000 
_pdbx_struct_oper_list.matrix[2][3]         0.0000000000 
_pdbx_struct_oper_list.vector[2]            0.0000000000 
_pdbx_struct_oper_list.matrix[3][1]         0.0000000000 
_pdbx_struct_oper_list.matrix[3][2]         0.0000000000 
_pdbx_struct_oper_list.matrix[3][3]         1.0000000000 
_pdbx_struct_oper_list.vector[3]            0.0000000000 
# 
_pdbx_struct_special_symmetry.id              1 
_pdbx_struct_special_symmetry.PDB_model_num   1 
_pdbx_struct_special_symmetry.auth_asym_id    A 
_pdbx_struct_special_symmetry.auth_comp_id    HOH 
_pdbx_struct_special_symmetry.auth_seq_id     1003 
_pdbx_struct_special_symmetry.PDB_ins_code    ? 
_pdbx_struct_special_symmetry.label_asym_id   D 
_pdbx_struct_special_symmetry.label_comp_id   HOH 
_pdbx_struct_special_symmetry.label_seq_id    . 
# 
loop_
_pdbx_struct_conn_angle.id 
_pdbx_struct_conn_angle.ptnr1_label_atom_id 
_pdbx_struct_conn_angle.ptnr1_label_alt_id 
_pdbx_struct_conn_angle.ptnr1_label_asym_id 
_pdbx_struct_conn_angle.ptnr1_label_comp_id 
_pdbx_struct_conn_angle.ptnr1_label_seq_id 
_pdbx_struct_conn_angle.ptnr1_auth_atom_id 
_pdbx_struct_conn_angle.ptnr1_auth_asym_id 
_pdbx_struct_conn_angle.ptnr1_auth_comp_id 
_pdbx_struct_conn_angle.ptnr1_auth_seq_id 
_pdbx_struct_conn_angle.ptnr1_PDB_ins_code 
_pdbx_struct_conn_angle.ptnr1_symmetry 
_pdbx_struct_conn_angle.ptnr2_label_atom_id 
_pdbx_struct_conn_angle.ptnr2_label_alt_id 
_pdbx_struct_conn_angle.ptnr2_label_asym_id 
_pdbx_struct_conn_angle.ptnr2_label_comp_id 
_pdbx_struct_conn_angle.ptnr2_label_seq_id 
_pdbx_struct_conn_angle.ptnr2_auth_atom_id 
_pdbx_struct_conn_angle.ptnr2_auth_asym_id 
_pdbx_struct_conn_angle.ptnr2_auth_comp_id 
_pdbx_struct_conn_angle.ptnr2_auth_seq_id 
_pdbx_struct_conn_angle.ptnr2_PDB_ins_code 
_pdbx_struct_conn_angle.ptnr2_symmetry 
_pdbx_struct_conn_angle.ptnr3_label_atom_id 
_pdbx_struct_conn_angle.ptnr3_label_alt_id 
_pdbx_struct_conn_angle.ptnr3_label_asym_id 
_pdbx_struct_conn_angle.ptnr3_label_comp_id 
_pdbx_struct_conn_angle.ptnr3_label_seq_id 
_pdbx_struct_conn_angle.ptnr3_auth_atom_id 
_pdbx_struct_conn_angle.ptnr3_auth_asym_id 
_pdbx_struct_conn_angle.ptnr3_auth_comp_id 
_pdbx_struct_conn_angle.ptnr3_auth_seq_id 
_pdbx_struct_conn_angle.ptnr3_PDB_ins_code 
_pdbx_struct_conn_angle.ptnr3_symmetry 
_pdbx_struct_conn_angle.value 
_pdbx_struct_conn_angle.value_esd 
1  NE2 ? A HIS 26 ? A HIS 26  ? 1_555 FE ? C HEM . ? A HEM 300 ? 1_555 NA ? C HEM . ? A HEM 300  ? 1_555 90.4  ? 
2  NE2 ? A HIS 26 ? A HIS 26  ? 1_555 FE ? C HEM . ? A HEM 300 ? 1_555 NB ? C HEM . ? A HEM 300  ? 1_555 93.5  ? 
3  NA  ? C HEM .  ? A HEM 300 ? 1_555 FE ? C HEM . ? A HEM 300 ? 1_555 NB ? C HEM . ? A HEM 300  ? 1_555 90.5  ? 
4  NE2 ? A HIS 26 ? A HIS 26  ? 1_555 FE ? C HEM . ? A HEM 300 ? 1_555 NC ? C HEM . ? A HEM 300  ? 1_555 88.4  ? 
5  NA  ? C HEM .  ? A HEM 300 ? 1_555 FE ? C HEM . ? A HEM 300 ? 1_555 NC ? C HEM . ? A HEM 300  ? 1_555 178.1 ? 
6  NB  ? C HEM .  ? A HEM 300 ? 1_555 FE ? C HEM . ? A HEM 300 ? 1_555 NC ? C HEM . ? A HEM 300  ? 1_555 88.1  ? 
7  NE2 ? A HIS 26 ? A HIS 26  ? 1_555 FE ? C HEM . ? A HEM 300 ? 1_555 ND ? C HEM . ? A HEM 300  ? 1_555 87.1  ? 
8  NA  ? C HEM .  ? A HEM 300 ? 1_555 FE ? C HEM . ? A HEM 300 ? 1_555 ND ? C HEM . ? A HEM 300  ? 1_555 89.5  ? 
9  NB  ? C HEM .  ? A HEM 300 ? 1_555 FE ? C HEM . ? A HEM 300 ? 1_555 ND ? C HEM . ? A HEM 300  ? 1_555 179.3 ? 
10 NC  ? C HEM .  ? A HEM 300 ? 1_555 FE ? C HEM . ? A HEM 300 ? 1_555 ND ? C HEM . ? A HEM 300  ? 1_555 91.9  ? 
11 NE2 ? A HIS 26 ? A HIS 26  ? 1_555 FE ? C HEM . ? A HEM 300 ? 1_555 O  ? D HOH . ? A HOH 1063 ? 1_555 174.2 ? 
12 NA  ? C HEM .  ? A HEM 300 ? 1_555 FE ? C HEM . ? A HEM 300 ? 1_555 O  ? D HOH . ? A HOH 1063 ? 1_555 89.0  ? 
13 NB  ? C HEM .  ? A HEM 300 ? 1_555 FE ? C HEM . ? A HEM 300 ? 1_555 O  ? D HOH . ? A HOH 1063 ? 1_555 92.3  ? 
14 NC  ? C HEM .  ? A HEM 300 ? 1_555 FE ? C HEM . ? A HEM 300 ? 1_555 O  ? D HOH . ? A HOH 1063 ? 1_555 92.3  ? 
15 ND  ? C HEM .  ? A HEM 300 ? 1_555 FE ? C HEM . ? A HEM 300 ? 1_555 O  ? D HOH . ? A HOH 1063 ? 1_555 87.0  ? 
# 
loop_
_pdbx_audit_revision_history.ordinal 
_pdbx_audit_revision_history.data_content_type 
_pdbx_audit_revision_history.major_revision 
_pdbx_audit_revision_history.minor_revision 
_pdbx_audit_revision_history.revision_date 
1 'Structure model' 1 0 2004-06-22 
2 'Structure model' 1 1 2008-04-29 
3 'Structure model' 1 2 2011-07-13 
4 'Structure model' 1 3 2011-11-16 
5 'Structure model' 1 4 2023-08-23 
# 
_pdbx_audit_revision_details.ordinal             1 
_pdbx_audit_revision_details.revision_ordinal    1 
_pdbx_audit_revision_details.data_content_type   'Structure model' 
_pdbx_audit_revision_details.provider            repository 
_pdbx_audit_revision_details.type                'Initial release' 
_pdbx_audit_revision_details.description         ? 
_pdbx_audit_revision_details.details             ? 
# 
loop_
_pdbx_audit_revision_group.ordinal 
_pdbx_audit_revision_group.revision_ordinal 
_pdbx_audit_revision_group.data_content_type 
_pdbx_audit_revision_group.group 
1 2 'Structure model' 'Version format compliance' 
2 3 'Structure model' 'Version format compliance' 
3 4 'Structure model' 'Atomic model'              
4 5 'Structure model' 'Data collection'           
5 5 'Structure model' 'Database references'       
6 5 'Structure model' 'Derived calculations'      
7 5 'Structure model' 'Refinement description'    
# 
loop_
_pdbx_audit_revision_category.ordinal 
_pdbx_audit_revision_category.revision_ordinal 
_pdbx_audit_revision_category.data_content_type 
_pdbx_audit_revision_category.category 
1 5 'Structure model' chem_comp_atom                
2 5 'Structure model' chem_comp_bond                
3 5 'Structure model' database_2                    
4 5 'Structure model' pdbx_initial_refinement_model 
5 5 'Structure model' struct_site                   
# 
loop_
_pdbx_audit_revision_item.ordinal 
_pdbx_audit_revision_item.revision_ordinal 
_pdbx_audit_revision_item.data_content_type 
_pdbx_audit_revision_item.item 
1 5 'Structure model' '_database_2.pdbx_DOI'                
2 5 'Structure model' '_database_2.pdbx_database_accession' 
3 5 'Structure model' '_struct_site.pdbx_auth_asym_id'      
4 5 'Structure model' '_struct_site.pdbx_auth_comp_id'      
5 5 'Structure model' '_struct_site.pdbx_auth_seq_id'       
# 
loop_
_software.name 
_software.classification 
_software.version 
_software.citation_id 
_software.pdbx_ordinal 
HKL-2000  'data collection' . ? 1 
SCALEPACK 'data scaling'    . ? 2 
AMoRE     phasing           . ? 3 
CNS       refinement        . ? 4 
HKL-2000  'data reduction'  . ? 5 
# 
_pdbx_validate_torsion.id              1 
_pdbx_validate_torsion.PDB_model_num   1 
_pdbx_validate_torsion.auth_comp_id    GLU 
_pdbx_validate_torsion.auth_asym_id    A 
_pdbx_validate_torsion.auth_seq_id     151 
_pdbx_validate_torsion.PDB_ins_code    ? 
_pdbx_validate_torsion.label_alt_id    ? 
_pdbx_validate_torsion.phi             -38.68 
_pdbx_validate_torsion.psi             -74.58 
# 
loop_
_pdbx_unobs_or_zero_occ_residues.id 
_pdbx_unobs_or_zero_occ_residues.PDB_model_num 
_pdbx_unobs_or_zero_occ_residues.polymer_flag 
_pdbx_unobs_or_zero_occ_residues.occupancy_flag 
_pdbx_unobs_or_zero_occ_residues.auth_asym_id 
_pdbx_unobs_or_zero_occ_residues.auth_comp_id 
_pdbx_unobs_or_zero_occ_residues.auth_seq_id 
_pdbx_unobs_or_zero_occ_residues.PDB_ins_code 
_pdbx_unobs_or_zero_occ_residues.label_asym_id 
_pdbx_unobs_or_zero_occ_residues.label_comp_id 
_pdbx_unobs_or_zero_occ_residues.label_seq_id 
1  1 Y 1 A MET 1  ? A MET 1  
2  1 Y 1 A ASP 2  ? A ASP 2  
3  1 Y 1 A THR 3  ? A THR 3  
4  1 Y 1 A LEU 4  ? A LEU 4  
5  1 Y 1 A ALA 5  ? A ALA 5  
6  1 Y 1 A PRO 6  ? A PRO 6  
7  1 Y 1 A GLU 7  ? A GLU 7  
8  1 Y 1 A SER 8  ? A SER 8  
9  1 Y 1 A THR 9  ? A THR 9  
10 1 Y 1 A ARG 10 ? A ARG 10 
11 1 Y 1 A GLN 11 ? A GLN 11 
# 
loop_
_chem_comp_atom.comp_id 
_chem_comp_atom.atom_id 
_chem_comp_atom.type_symbol 
_chem_comp_atom.pdbx_aromatic_flag 
_chem_comp_atom.pdbx_stereo_config 
_chem_comp_atom.pdbx_ordinal 
ALA N    N  N N 1   
ALA CA   C  N S 2   
ALA C    C  N N 3   
ALA O    O  N N 4   
ALA CB   C  N N 5   
ALA OXT  O  N N 6   
ALA H    H  N N 7   
ALA H2   H  N N 8   
ALA HA   H  N N 9   
ALA HB1  H  N N 10  
ALA HB2  H  N N 11  
ALA HB3  H  N N 12  
ALA HXT  H  N N 13  
ARG N    N  N N 14  
ARG CA   C  N S 15  
ARG C    C  N N 16  
ARG O    O  N N 17  
ARG CB   C  N N 18  
ARG CG   C  N N 19  
ARG CD   C  N N 20  
ARG NE   N  N N 21  
ARG CZ   C  N N 22  
ARG NH1  N  N N 23  
ARG NH2  N  N N 24  
ARG OXT  O  N N 25  
ARG H    H  N N 26  
ARG H2   H  N N 27  
ARG HA   H  N N 28  
ARG HB2  H  N N 29  
ARG HB3  H  N N 30  
ARG HG2  H  N N 31  
ARG HG3  H  N N 32  
ARG HD2  H  N N 33  
ARG HD3  H  N N 34  
ARG HE   H  N N 35  
ARG HH11 H  N N 36  
ARG HH12 H  N N 37  
ARG HH21 H  N N 38  
ARG HH22 H  N N 39  
ARG HXT  H  N N 40  
ASN N    N  N N 41  
ASN CA   C  N S 42  
ASN C    C  N N 43  
ASN O    O  N N 44  
ASN CB   C  N N 45  
ASN CG   C  N N 46  
ASN OD1  O  N N 47  
ASN ND2  N  N N 48  
ASN OXT  O  N N 49  
ASN H    H  N N 50  
ASN H2   H  N N 51  
ASN HA   H  N N 52  
ASN HB2  H  N N 53  
ASN HB3  H  N N 54  
ASN HD21 H  N N 55  
ASN HD22 H  N N 56  
ASN HXT  H  N N 57  
ASP N    N  N N 58  
ASP CA   C  N S 59  
ASP C    C  N N 60  
ASP O    O  N N 61  
ASP CB   C  N N 62  
ASP CG   C  N N 63  
ASP OD1  O  N N 64  
ASP OD2  O  N N 65  
ASP OXT  O  N N 66  
ASP H    H  N N 67  
ASP H2   H  N N 68  
ASP HA   H  N N 69  
ASP HB2  H  N N 70  
ASP HB3  H  N N 71  
ASP HD2  H  N N 72  
ASP HXT  H  N N 73  
GLN N    N  N N 74  
GLN CA   C  N S 75  
GLN C    C  N N 76  
GLN O    O  N N 77  
GLN CB   C  N N 78  
GLN CG   C  N N 79  
GLN CD   C  N N 80  
GLN OE1  O  N N 81  
GLN NE2  N  N N 82  
GLN OXT  O  N N 83  
GLN H    H  N N 84  
GLN H2   H  N N 85  
GLN HA   H  N N 86  
GLN HB2  H  N N 87  
GLN HB3  H  N N 88  
GLN HG2  H  N N 89  
GLN HG3  H  N N 90  
GLN HE21 H  N N 91  
GLN HE22 H  N N 92  
GLN HXT  H  N N 93  
GLU N    N  N N 94  
GLU CA   C  N S 95  
GLU C    C  N N 96  
GLU O    O  N N 97  
GLU CB   C  N N 98  
GLU CG   C  N N 99  
GLU CD   C  N N 100 
GLU OE1  O  N N 101 
GLU OE2  O  N N 102 
GLU OXT  O  N N 103 
GLU H    H  N N 104 
GLU H2   H  N N 105 
GLU HA   H  N N 106 
GLU HB2  H  N N 107 
GLU HB3  H  N N 108 
GLU HG2  H  N N 109 
GLU HG3  H  N N 110 
GLU HE2  H  N N 111 
GLU HXT  H  N N 112 
GLY N    N  N N 113 
GLY CA   C  N N 114 
GLY C    C  N N 115 
GLY O    O  N N 116 
GLY OXT  O  N N 117 
GLY H    H  N N 118 
GLY H2   H  N N 119 
GLY HA2  H  N N 120 
GLY HA3  H  N N 121 
GLY HXT  H  N N 122 
HEM CHA  C  N N 123 
HEM CHB  C  N N 124 
HEM CHC  C  N N 125 
HEM CHD  C  N N 126 
HEM C1A  C  Y N 127 
HEM C2A  C  Y N 128 
HEM C3A  C  Y N 129 
HEM C4A  C  Y N 130 
HEM CMA  C  N N 131 
HEM CAA  C  N N 132 
HEM CBA  C  N N 133 
HEM CGA  C  N N 134 
HEM O1A  O  N N 135 
HEM O2A  O  N N 136 
HEM C1B  C  N N 137 
HEM C2B  C  N N 138 
HEM C3B  C  N N 139 
HEM C4B  C  N N 140 
HEM CMB  C  N N 141 
HEM CAB  C  N N 142 
HEM CBB  C  N N 143 
HEM C1C  C  Y N 144 
HEM C2C  C  Y N 145 
HEM C3C  C  Y N 146 
HEM C4C  C  Y N 147 
HEM CMC  C  N N 148 
HEM CAC  C  N N 149 
HEM CBC  C  N N 150 
HEM C1D  C  N N 151 
HEM C2D  C  N N 152 
HEM C3D  C  N N 153 
HEM C4D  C  N N 154 
HEM CMD  C  N N 155 
HEM CAD  C  N N 156 
HEM CBD  C  N N 157 
HEM CGD  C  N N 158 
HEM O1D  O  N N 159 
HEM O2D  O  N N 160 
HEM NA   N  Y N 161 
HEM NB   N  N N 162 
HEM NC   N  Y N 163 
HEM ND   N  N N 164 
HEM FE   FE N N 165 
HEM HHB  H  N N 166 
HEM HHC  H  N N 167 
HEM HHD  H  N N 168 
HEM HMA  H  N N 169 
HEM HMAA H  N N 170 
HEM HMAB H  N N 171 
HEM HAA  H  N N 172 
HEM HAAA H  N N 173 
HEM HBA  H  N N 174 
HEM HBAA H  N N 175 
HEM HMB  H  N N 176 
HEM HMBA H  N N 177 
HEM HMBB H  N N 178 
HEM HAB  H  N N 179 
HEM HBB  H  N N 180 
HEM HBBA H  N N 181 
HEM HMC  H  N N 182 
HEM HMCA H  N N 183 
HEM HMCB H  N N 184 
HEM HAC  H  N N 185 
HEM HBC  H  N N 186 
HEM HBCA H  N N 187 
HEM HMD  H  N N 188 
HEM HMDA H  N N 189 
HEM HMDB H  N N 190 
HEM HAD  H  N N 191 
HEM HADA H  N N 192 
HEM HBD  H  N N 193 
HEM HBDA H  N N 194 
HEM H2A  H  N N 195 
HEM H2D  H  N N 196 
HEM HHA  H  N N 197 
HIS N    N  N N 198 
HIS CA   C  N S 199 
HIS C    C  N N 200 
HIS O    O  N N 201 
HIS CB   C  N N 202 
HIS CG   C  Y N 203 
HIS ND1  N  Y N 204 
HIS CD2  C  Y N 205 
HIS CE1  C  Y N 206 
HIS NE2  N  Y N 207 
HIS OXT  O  N N 208 
HIS H    H  N N 209 
HIS H2   H  N N 210 
HIS HA   H  N N 211 
HIS HB2  H  N N 212 
HIS HB3  H  N N 213 
HIS HD1  H  N N 214 
HIS HD2  H  N N 215 
HIS HE1  H  N N 216 
HIS HE2  H  N N 217 
HIS HXT  H  N N 218 
HOH O    O  N N 219 
HOH H1   H  N N 220 
HOH H2   H  N N 221 
ILE N    N  N N 222 
ILE CA   C  N S 223 
ILE C    C  N N 224 
ILE O    O  N N 225 
ILE CB   C  N S 226 
ILE CG1  C  N N 227 
ILE CG2  C  N N 228 
ILE CD1  C  N N 229 
ILE OXT  O  N N 230 
ILE H    H  N N 231 
ILE H2   H  N N 232 
ILE HA   H  N N 233 
ILE HB   H  N N 234 
ILE HG12 H  N N 235 
ILE HG13 H  N N 236 
ILE HG21 H  N N 237 
ILE HG22 H  N N 238 
ILE HG23 H  N N 239 
ILE HD11 H  N N 240 
ILE HD12 H  N N 241 
ILE HD13 H  N N 242 
ILE HXT  H  N N 243 
LEU N    N  N N 244 
LEU CA   C  N S 245 
LEU C    C  N N 246 
LEU O    O  N N 247 
LEU CB   C  N N 248 
LEU CG   C  N N 249 
LEU CD1  C  N N 250 
LEU CD2  C  N N 251 
LEU OXT  O  N N 252 
LEU H    H  N N 253 
LEU H2   H  N N 254 
LEU HA   H  N N 255 
LEU HB2  H  N N 256 
LEU HB3  H  N N 257 
LEU HG   H  N N 258 
LEU HD11 H  N N 259 
LEU HD12 H  N N 260 
LEU HD13 H  N N 261 
LEU HD21 H  N N 262 
LEU HD22 H  N N 263 
LEU HD23 H  N N 264 
LEU HXT  H  N N 265 
LYS N    N  N N 266 
LYS CA   C  N S 267 
LYS C    C  N N 268 
LYS O    O  N N 269 
LYS CB   C  N N 270 
LYS CG   C  N N 271 
LYS CD   C  N N 272 
LYS CE   C  N N 273 
LYS NZ   N  N N 274 
LYS OXT  O  N N 275 
LYS H    H  N N 276 
LYS H2   H  N N 277 
LYS HA   H  N N 278 
LYS HB2  H  N N 279 
LYS HB3  H  N N 280 
LYS HG2  H  N N 281 
LYS HG3  H  N N 282 
LYS HD2  H  N N 283 
LYS HD3  H  N N 284 
LYS HE2  H  N N 285 
LYS HE3  H  N N 286 
LYS HZ1  H  N N 287 
LYS HZ2  H  N N 288 
LYS HZ3  H  N N 289 
LYS HXT  H  N N 290 
MET N    N  N N 291 
MET CA   C  N S 292 
MET C    C  N N 293 
MET O    O  N N 294 
MET CB   C  N N 295 
MET CG   C  N N 296 
MET SD   S  N N 297 
MET CE   C  N N 298 
MET OXT  O  N N 299 
MET H    H  N N 300 
MET H2   H  N N 301 
MET HA   H  N N 302 
MET HB2  H  N N 303 
MET HB3  H  N N 304 
MET HG2  H  N N 305 
MET HG3  H  N N 306 
MET HE1  H  N N 307 
MET HE2  H  N N 308 
MET HE3  H  N N 309 
MET HXT  H  N N 310 
PHE N    N  N N 311 
PHE CA   C  N S 312 
PHE C    C  N N 313 
PHE O    O  N N 314 
PHE CB   C  N N 315 
PHE CG   C  Y N 316 
PHE CD1  C  Y N 317 
PHE CD2  C  Y N 318 
PHE CE1  C  Y N 319 
PHE CE2  C  Y N 320 
PHE CZ   C  Y N 321 
PHE OXT  O  N N 322 
PHE H    H  N N 323 
PHE H2   H  N N 324 
PHE HA   H  N N 325 
PHE HB2  H  N N 326 
PHE HB3  H  N N 327 
PHE HD1  H  N N 328 
PHE HD2  H  N N 329 
PHE HE1  H  N N 330 
PHE HE2  H  N N 331 
PHE HZ   H  N N 332 
PHE HXT  H  N N 333 
PRO N    N  N N 334 
PRO CA   C  N S 335 
PRO C    C  N N 336 
PRO O    O  N N 337 
PRO CB   C  N N 338 
PRO CG   C  N N 339 
PRO CD   C  N N 340 
PRO OXT  O  N N 341 
PRO H    H  N N 342 
PRO HA   H  N N 343 
PRO HB2  H  N N 344 
PRO HB3  H  N N 345 
PRO HG2  H  N N 346 
PRO HG3  H  N N 347 
PRO HD2  H  N N 348 
PRO HD3  H  N N 349 
PRO HXT  H  N N 350 
SER N    N  N N 351 
SER CA   C  N S 352 
SER C    C  N N 353 
SER O    O  N N 354 
SER CB   C  N N 355 
SER OG   O  N N 356 
SER OXT  O  N N 357 
SER H    H  N N 358 
SER H2   H  N N 359 
SER HA   H  N N 360 
SER HB2  H  N N 361 
SER HB3  H  N N 362 
SER HG   H  N N 363 
SER HXT  H  N N 364 
SO4 S    S  N N 365 
SO4 O1   O  N N 366 
SO4 O2   O  N N 367 
SO4 O3   O  N N 368 
SO4 O4   O  N N 369 
THR N    N  N N 370 
THR CA   C  N S 371 
THR C    C  N N 372 
THR O    O  N N 373 
THR CB   C  N R 374 
THR OG1  O  N N 375 
THR CG2  C  N N 376 
THR OXT  O  N N 377 
THR H    H  N N 378 
THR H2   H  N N 379 
THR HA   H  N N 380 
THR HB   H  N N 381 
THR HG1  H  N N 382 
THR HG21 H  N N 383 
THR HG22 H  N N 384 
THR HG23 H  N N 385 
THR HXT  H  N N 386 
TRP N    N  N N 387 
TRP CA   C  N S 388 
TRP C    C  N N 389 
TRP O    O  N N 390 
TRP CB   C  N N 391 
TRP CG   C  Y N 392 
TRP CD1  C  Y N 393 
TRP CD2  C  Y N 394 
TRP NE1  N  Y N 395 
TRP CE2  C  Y N 396 
TRP CE3  C  Y N 397 
TRP CZ2  C  Y N 398 
TRP CZ3  C  Y N 399 
TRP CH2  C  Y N 400 
TRP OXT  O  N N 401 
TRP H    H  N N 402 
TRP H2   H  N N 403 
TRP HA   H  N N 404 
TRP HB2  H  N N 405 
TRP HB3  H  N N 406 
TRP HD1  H  N N 407 
TRP HE1  H  N N 408 
TRP HE3  H  N N 409 
TRP HZ2  H  N N 410 
TRP HZ3  H  N N 411 
TRP HH2  H  N N 412 
TRP HXT  H  N N 413 
TYR N    N  N N 414 
TYR CA   C  N S 415 
TYR C    C  N N 416 
TYR O    O  N N 417 
TYR CB   C  N N 418 
TYR CG   C  Y N 419 
TYR CD1  C  Y N 420 
TYR CD2  C  Y N 421 
TYR CE1  C  Y N 422 
TYR CE2  C  Y N 423 
TYR CZ   C  Y N 424 
TYR OH   O  N N 425 
TYR OXT  O  N N 426 
TYR H    H  N N 427 
TYR H2   H  N N 428 
TYR HA   H  N N 429 
TYR HB2  H  N N 430 
TYR HB3  H  N N 431 
TYR HD1  H  N N 432 
TYR HD2  H  N N 433 
TYR HE1  H  N N 434 
TYR HE2  H  N N 435 
TYR HH   H  N N 436 
TYR HXT  H  N N 437 
VAL N    N  N N 438 
VAL CA   C  N S 439 
VAL C    C  N N 440 
VAL O    O  N N 441 
VAL CB   C  N N 442 
VAL CG1  C  N N 443 
VAL CG2  C  N N 444 
VAL OXT  O  N N 445 
VAL H    H  N N 446 
VAL H2   H  N N 447 
VAL HA   H  N N 448 
VAL HB   H  N N 449 
VAL HG11 H  N N 450 
VAL HG12 H  N N 451 
VAL HG13 H  N N 452 
VAL HG21 H  N N 453 
VAL HG22 H  N N 454 
VAL HG23 H  N N 455 
VAL HXT  H  N N 456 
# 
loop_
_chem_comp_bond.comp_id 
_chem_comp_bond.atom_id_1 
_chem_comp_bond.atom_id_2 
_chem_comp_bond.value_order 
_chem_comp_bond.pdbx_aromatic_flag 
_chem_comp_bond.pdbx_stereo_config 
_chem_comp_bond.pdbx_ordinal 
ALA N   CA   sing N N 1   
ALA N   H    sing N N 2   
ALA N   H2   sing N N 3   
ALA CA  C    sing N N 4   
ALA CA  CB   sing N N 5   
ALA CA  HA   sing N N 6   
ALA C   O    doub N N 7   
ALA C   OXT  sing N N 8   
ALA CB  HB1  sing N N 9   
ALA CB  HB2  sing N N 10  
ALA CB  HB3  sing N N 11  
ALA OXT HXT  sing N N 12  
ARG N   CA   sing N N 13  
ARG N   H    sing N N 14  
ARG N   H2   sing N N 15  
ARG CA  C    sing N N 16  
ARG CA  CB   sing N N 17  
ARG CA  HA   sing N N 18  
ARG C   O    doub N N 19  
ARG C   OXT  sing N N 20  
ARG CB  CG   sing N N 21  
ARG CB  HB2  sing N N 22  
ARG CB  HB3  sing N N 23  
ARG CG  CD   sing N N 24  
ARG CG  HG2  sing N N 25  
ARG CG  HG3  sing N N 26  
ARG CD  NE   sing N N 27  
ARG CD  HD2  sing N N 28  
ARG CD  HD3  sing N N 29  
ARG NE  CZ   sing N N 30  
ARG NE  HE   sing N N 31  
ARG CZ  NH1  sing N N 32  
ARG CZ  NH2  doub N N 33  
ARG NH1 HH11 sing N N 34  
ARG NH1 HH12 sing N N 35  
ARG NH2 HH21 sing N N 36  
ARG NH2 HH22 sing N N 37  
ARG OXT HXT  sing N N 38  
ASN N   CA   sing N N 39  
ASN N   H    sing N N 40  
ASN N   H2   sing N N 41  
ASN CA  C    sing N N 42  
ASN CA  CB   sing N N 43  
ASN CA  HA   sing N N 44  
ASN C   O    doub N N 45  
ASN C   OXT  sing N N 46  
ASN CB  CG   sing N N 47  
ASN CB  HB2  sing N N 48  
ASN CB  HB3  sing N N 49  
ASN CG  OD1  doub N N 50  
ASN CG  ND2  sing N N 51  
ASN ND2 HD21 sing N N 52  
ASN ND2 HD22 sing N N 53  
ASN OXT HXT  sing N N 54  
ASP N   CA   sing N N 55  
ASP N   H    sing N N 56  
ASP N   H2   sing N N 57  
ASP CA  C    sing N N 58  
ASP CA  CB   sing N N 59  
ASP CA  HA   sing N N 60  
ASP C   O    doub N N 61  
ASP C   OXT  sing N N 62  
ASP CB  CG   sing N N 63  
ASP CB  HB2  sing N N 64  
ASP CB  HB3  sing N N 65  
ASP CG  OD1  doub N N 66  
ASP CG  OD2  sing N N 67  
ASP OD2 HD2  sing N N 68  
ASP OXT HXT  sing N N 69  
GLN N   CA   sing N N 70  
GLN N   H    sing N N 71  
GLN N   H2   sing N N 72  
GLN CA  C    sing N N 73  
GLN CA  CB   sing N N 74  
GLN CA  HA   sing N N 75  
GLN C   O    doub N N 76  
GLN C   OXT  sing N N 77  
GLN CB  CG   sing N N 78  
GLN CB  HB2  sing N N 79  
GLN CB  HB3  sing N N 80  
GLN CG  CD   sing N N 81  
GLN CG  HG2  sing N N 82  
GLN CG  HG3  sing N N 83  
GLN CD  OE1  doub N N 84  
GLN CD  NE2  sing N N 85  
GLN NE2 HE21 sing N N 86  
GLN NE2 HE22 sing N N 87  
GLN OXT HXT  sing N N 88  
GLU N   CA   sing N N 89  
GLU N   H    sing N N 90  
GLU N   H2   sing N N 91  
GLU CA  C    sing N N 92  
GLU CA  CB   sing N N 93  
GLU CA  HA   sing N N 94  
GLU C   O    doub N N 95  
GLU C   OXT  sing N N 96  
GLU CB  CG   sing N N 97  
GLU CB  HB2  sing N N 98  
GLU CB  HB3  sing N N 99  
GLU CG  CD   sing N N 100 
GLU CG  HG2  sing N N 101 
GLU CG  HG3  sing N N 102 
GLU CD  OE1  doub N N 103 
GLU CD  OE2  sing N N 104 
GLU OE2 HE2  sing N N 105 
GLU OXT HXT  sing N N 106 
GLY N   CA   sing N N 107 
GLY N   H    sing N N 108 
GLY N   H2   sing N N 109 
GLY CA  C    sing N N 110 
GLY CA  HA2  sing N N 111 
GLY CA  HA3  sing N N 112 
GLY C   O    doub N N 113 
GLY C   OXT  sing N N 114 
GLY OXT HXT  sing N N 115 
HEM CHA C1A  sing N N 116 
HEM CHA C4D  doub N N 117 
HEM CHA HHA  sing N N 118 
HEM CHB C4A  sing N N 119 
HEM CHB C1B  doub N N 120 
HEM CHB HHB  sing N N 121 
HEM CHC C4B  sing N N 122 
HEM CHC C1C  doub N N 123 
HEM CHC HHC  sing N N 124 
HEM CHD C4C  doub N N 125 
HEM CHD C1D  sing N N 126 
HEM CHD HHD  sing N N 127 
HEM C1A C2A  doub Y N 128 
HEM C1A NA   sing Y N 129 
HEM C2A C3A  sing Y N 130 
HEM C2A CAA  sing N N 131 
HEM C3A C4A  doub Y N 132 
HEM C3A CMA  sing N N 133 
HEM C4A NA   sing Y N 134 
HEM CMA HMA  sing N N 135 
HEM CMA HMAA sing N N 136 
HEM CMA HMAB sing N N 137 
HEM CAA CBA  sing N N 138 
HEM CAA HAA  sing N N 139 
HEM CAA HAAA sing N N 140 
HEM CBA CGA  sing N N 141 
HEM CBA HBA  sing N N 142 
HEM CBA HBAA sing N N 143 
HEM CGA O1A  doub N N 144 
HEM CGA O2A  sing N N 145 
HEM C1B C2B  sing N N 146 
HEM C1B NB   sing N N 147 
HEM C2B C3B  doub N N 148 
HEM C2B CMB  sing N N 149 
HEM C3B C4B  sing N N 150 
HEM C3B CAB  sing N N 151 
HEM C4B NB   doub N N 152 
HEM CMB HMB  sing N N 153 
HEM CMB HMBA sing N N 154 
HEM CMB HMBB sing N N 155 
HEM CAB CBB  doub N N 156 
HEM CAB HAB  sing N N 157 
HEM CBB HBB  sing N N 158 
HEM CBB HBBA sing N N 159 
HEM C1C C2C  sing Y N 160 
HEM C1C NC   sing Y N 161 
HEM C2C C3C  doub Y N 162 
HEM C2C CMC  sing N N 163 
HEM C3C C4C  sing Y N 164 
HEM C3C CAC  sing N N 165 
HEM C4C NC   sing Y N 166 
HEM CMC HMC  sing N N 167 
HEM CMC HMCA sing N N 168 
HEM CMC HMCB sing N N 169 
HEM CAC CBC  doub N N 170 
HEM CAC HAC  sing N N 171 
HEM CBC HBC  sing N N 172 
HEM CBC HBCA sing N N 173 
HEM C1D C2D  sing N N 174 
HEM C1D ND   doub N N 175 
HEM C2D C3D  doub N N 176 
HEM C2D CMD  sing N N 177 
HEM C3D C4D  sing N N 178 
HEM C3D CAD  sing N N 179 
HEM C4D ND   sing N N 180 
HEM CMD HMD  sing N N 181 
HEM CMD HMDA sing N N 182 
HEM CMD HMDB sing N N 183 
HEM CAD CBD  sing N N 184 
HEM CAD HAD  sing N N 185 
HEM CAD HADA sing N N 186 
HEM CBD CGD  sing N N 187 
HEM CBD HBD  sing N N 188 
HEM CBD HBDA sing N N 189 
HEM CGD O1D  doub N N 190 
HEM CGD O2D  sing N N 191 
HEM O2A H2A  sing N N 192 
HEM O2D H2D  sing N N 193 
HEM FE  NA   sing N N 194 
HEM FE  NB   sing N N 195 
HEM FE  NC   sing N N 196 
HEM FE  ND   sing N N 197 
HIS N   CA   sing N N 198 
HIS N   H    sing N N 199 
HIS N   H2   sing N N 200 
HIS CA  C    sing N N 201 
HIS CA  CB   sing N N 202 
HIS CA  HA   sing N N 203 
HIS C   O    doub N N 204 
HIS C   OXT  sing N N 205 
HIS CB  CG   sing N N 206 
HIS CB  HB2  sing N N 207 
HIS CB  HB3  sing N N 208 
HIS CG  ND1  sing Y N 209 
HIS CG  CD2  doub Y N 210 
HIS ND1 CE1  doub Y N 211 
HIS ND1 HD1  sing N N 212 
HIS CD2 NE2  sing Y N 213 
HIS CD2 HD2  sing N N 214 
HIS CE1 NE2  sing Y N 215 
HIS CE1 HE1  sing N N 216 
HIS NE2 HE2  sing N N 217 
HIS OXT HXT  sing N N 218 
HOH O   H1   sing N N 219 
HOH O   H2   sing N N 220 
ILE N   CA   sing N N 221 
ILE N   H    sing N N 222 
ILE N   H2   sing N N 223 
ILE CA  C    sing N N 224 
ILE CA  CB   sing N N 225 
ILE CA  HA   sing N N 226 
ILE C   O    doub N N 227 
ILE C   OXT  sing N N 228 
ILE CB  CG1  sing N N 229 
ILE CB  CG2  sing N N 230 
ILE CB  HB   sing N N 231 
ILE CG1 CD1  sing N N 232 
ILE CG1 HG12 sing N N 233 
ILE CG1 HG13 sing N N 234 
ILE CG2 HG21 sing N N 235 
ILE CG2 HG22 sing N N 236 
ILE CG2 HG23 sing N N 237 
ILE CD1 HD11 sing N N 238 
ILE CD1 HD12 sing N N 239 
ILE CD1 HD13 sing N N 240 
ILE OXT HXT  sing N N 241 
LEU N   CA   sing N N 242 
LEU N   H    sing N N 243 
LEU N   H2   sing N N 244 
LEU CA  C    sing N N 245 
LEU CA  CB   sing N N 246 
LEU CA  HA   sing N N 247 
LEU C   O    doub N N 248 
LEU C   OXT  sing N N 249 
LEU CB  CG   sing N N 250 
LEU CB  HB2  sing N N 251 
LEU CB  HB3  sing N N 252 
LEU CG  CD1  sing N N 253 
LEU CG  CD2  sing N N 254 
LEU CG  HG   sing N N 255 
LEU CD1 HD11 sing N N 256 
LEU CD1 HD12 sing N N 257 
LEU CD1 HD13 sing N N 258 
LEU CD2 HD21 sing N N 259 
LEU CD2 HD22 sing N N 260 
LEU CD2 HD23 sing N N 261 
LEU OXT HXT  sing N N 262 
LYS N   CA   sing N N 263 
LYS N   H    sing N N 264 
LYS N   H2   sing N N 265 
LYS CA  C    sing N N 266 
LYS CA  CB   sing N N 267 
LYS CA  HA   sing N N 268 
LYS C   O    doub N N 269 
LYS C   OXT  sing N N 270 
LYS CB  CG   sing N N 271 
LYS CB  HB2  sing N N 272 
LYS CB  HB3  sing N N 273 
LYS CG  CD   sing N N 274 
LYS CG  HG2  sing N N 275 
LYS CG  HG3  sing N N 276 
LYS CD  CE   sing N N 277 
LYS CD  HD2  sing N N 278 
LYS CD  HD3  sing N N 279 
LYS CE  NZ   sing N N 280 
LYS CE  HE2  sing N N 281 
LYS CE  HE3  sing N N 282 
LYS NZ  HZ1  sing N N 283 
LYS NZ  HZ2  sing N N 284 
LYS NZ  HZ3  sing N N 285 
LYS OXT HXT  sing N N 286 
MET N   CA   sing N N 287 
MET N   H    sing N N 288 
MET N   H2   sing N N 289 
MET CA  C    sing N N 290 
MET CA  CB   sing N N 291 
MET CA  HA   sing N N 292 
MET C   O    doub N N 293 
MET C   OXT  sing N N 294 
MET CB  CG   sing N N 295 
MET CB  HB2  sing N N 296 
MET CB  HB3  sing N N 297 
MET CG  SD   sing N N 298 
MET CG  HG2  sing N N 299 
MET CG  HG3  sing N N 300 
MET SD  CE   sing N N 301 
MET CE  HE1  sing N N 302 
MET CE  HE2  sing N N 303 
MET CE  HE3  sing N N 304 
MET OXT HXT  sing N N 305 
PHE N   CA   sing N N 306 
PHE N   H    sing N N 307 
PHE N   H2   sing N N 308 
PHE CA  C    sing N N 309 
PHE CA  CB   sing N N 310 
PHE CA  HA   sing N N 311 
PHE C   O    doub N N 312 
PHE C   OXT  sing N N 313 
PHE CB  CG   sing N N 314 
PHE CB  HB2  sing N N 315 
PHE CB  HB3  sing N N 316 
PHE CG  CD1  doub Y N 317 
PHE CG  CD2  sing Y N 318 
PHE CD1 CE1  sing Y N 319 
PHE CD1 HD1  sing N N 320 
PHE CD2 CE2  doub Y N 321 
PHE CD2 HD2  sing N N 322 
PHE CE1 CZ   doub Y N 323 
PHE CE1 HE1  sing N N 324 
PHE CE2 CZ   sing Y N 325 
PHE CE2 HE2  sing N N 326 
PHE CZ  HZ   sing N N 327 
PHE OXT HXT  sing N N 328 
PRO N   CA   sing N N 329 
PRO N   CD   sing N N 330 
PRO N   H    sing N N 331 
PRO CA  C    sing N N 332 
PRO CA  CB   sing N N 333 
PRO CA  HA   sing N N 334 
PRO C   O    doub N N 335 
PRO C   OXT  sing N N 336 
PRO CB  CG   sing N N 337 
PRO CB  HB2  sing N N 338 
PRO CB  HB3  sing N N 339 
PRO CG  CD   sing N N 340 
PRO CG  HG2  sing N N 341 
PRO CG  HG3  sing N N 342 
PRO CD  HD2  sing N N 343 
PRO CD  HD3  sing N N 344 
PRO OXT HXT  sing N N 345 
SER N   CA   sing N N 346 
SER N   H    sing N N 347 
SER N   H2   sing N N 348 
SER CA  C    sing N N 349 
SER CA  CB   sing N N 350 
SER CA  HA   sing N N 351 
SER C   O    doub N N 352 
SER C   OXT  sing N N 353 
SER CB  OG   sing N N 354 
SER CB  HB2  sing N N 355 
SER CB  HB3  sing N N 356 
SER OG  HG   sing N N 357 
SER OXT HXT  sing N N 358 
SO4 S   O1   doub N N 359 
SO4 S   O2   doub N N 360 
SO4 S   O3   sing N N 361 
SO4 S   O4   sing N N 362 
THR N   CA   sing N N 363 
THR N   H    sing N N 364 
THR N   H2   sing N N 365 
THR CA  C    sing N N 366 
THR CA  CB   sing N N 367 
THR CA  HA   sing N N 368 
THR C   O    doub N N 369 
THR C   OXT  sing N N 370 
THR CB  OG1  sing N N 371 
THR CB  CG2  sing N N 372 
THR CB  HB   sing N N 373 
THR OG1 HG1  sing N N 374 
THR CG2 HG21 sing N N 375 
THR CG2 HG22 sing N N 376 
THR CG2 HG23 sing N N 377 
THR OXT HXT  sing N N 378 
TRP N   CA   sing N N 379 
TRP N   H    sing N N 380 
TRP N   H2   sing N N 381 
TRP CA  C    sing N N 382 
TRP CA  CB   sing N N 383 
TRP CA  HA   sing N N 384 
TRP C   O    doub N N 385 
TRP C   OXT  sing N N 386 
TRP CB  CG   sing N N 387 
TRP CB  HB2  sing N N 388 
TRP CB  HB3  sing N N 389 
TRP CG  CD1  doub Y N 390 
TRP CG  CD2  sing Y N 391 
TRP CD1 NE1  sing Y N 392 
TRP CD1 HD1  sing N N 393 
TRP CD2 CE2  doub Y N 394 
TRP CD2 CE3  sing Y N 395 
TRP NE1 CE2  sing Y N 396 
TRP NE1 HE1  sing N N 397 
TRP CE2 CZ2  sing Y N 398 
TRP CE3 CZ3  doub Y N 399 
TRP CE3 HE3  sing N N 400 
TRP CZ2 CH2  doub Y N 401 
TRP CZ2 HZ2  sing N N 402 
TRP CZ3 CH2  sing Y N 403 
TRP CZ3 HZ3  sing N N 404 
TRP CH2 HH2  sing N N 405 
TRP OXT HXT  sing N N 406 
TYR N   CA   sing N N 407 
TYR N   H    sing N N 408 
TYR N   H2   sing N N 409 
TYR CA  C    sing N N 410 
TYR CA  CB   sing N N 411 
TYR CA  HA   sing N N 412 
TYR C   O    doub N N 413 
TYR C   OXT  sing N N 414 
TYR CB  CG   sing N N 415 
TYR CB  HB2  sing N N 416 
TYR CB  HB3  sing N N 417 
TYR CG  CD1  doub Y N 418 
TYR CG  CD2  sing Y N 419 
TYR CD1 CE1  sing Y N 420 
TYR CD1 HD1  sing N N 421 
TYR CD2 CE2  doub Y N 422 
TYR CD2 HD2  sing N N 423 
TYR CE1 CZ   doub Y N 424 
TYR CE1 HE1  sing N N 425 
TYR CE2 CZ   sing Y N 426 
TYR CE2 HE2  sing N N 427 
TYR CZ  OH   sing N N 428 
TYR OH  HH   sing N N 429 
TYR OXT HXT  sing N N 430 
VAL N   CA   sing N N 431 
VAL N   H    sing N N 432 
VAL N   H2   sing N N 433 
VAL CA  C    sing N N 434 
VAL CA  CB   sing N N 435 
VAL CA  HA   sing N N 436 
VAL C   O    doub N N 437 
VAL C   OXT  sing N N 438 
VAL CB  CG1  sing N N 439 
VAL CB  CG2  sing N N 440 
VAL CB  HB   sing N N 441 
VAL CG1 HG11 sing N N 442 
VAL CG1 HG12 sing N N 443 
VAL CG1 HG13 sing N N 444 
VAL CG2 HG21 sing N N 445 
VAL CG2 HG22 sing N N 446 
VAL CG2 HG23 sing N N 447 
VAL OXT HXT  sing N N 448 
# 
loop_
_pdbx_entity_nonpoly.entity_id 
_pdbx_entity_nonpoly.name 
_pdbx_entity_nonpoly.comp_id 
2 'SULFATE ION'                     SO4 
3 'PROTOPORPHYRIN IX CONTAINING FE' HEM 
4 water                             HOH 
# 
_pdbx_initial_refinement_model.id               1 
_pdbx_initial_refinement_model.entity_id_list   ? 
_pdbx_initial_refinement_model.type             'experimental model' 
_pdbx_initial_refinement_model.source_name      PDB 
_pdbx_initial_refinement_model.accession_code   1J77 
_pdbx_initial_refinement_model.details          'PDB ENTRY 1J77' 
# 
